data_9H80
#
_entry.id   9H80
#
_cell.length_a   1.00
_cell.length_b   1.00
_cell.length_c   1.00
_cell.angle_alpha   90.00
_cell.angle_beta   90.00
_cell.angle_gamma   90.00
#
_symmetry.space_group_name_H-M   'P 1'
#
loop_
_entity.id
_entity.type
_entity.pdbx_description
1 polymer PelB
2 polymer PelC
3 non-polymer PHOSPHATIDYLETHANOLAMINE
#
loop_
_entity_poly.entity_id
_entity_poly.type
_entity_poly.pdbx_seq_one_letter_code
_entity_poly.pdbx_strand_id
1 'polypeptide(L)'
;MANSSAADKHPQARLLNPWALLPVALGVALVLWLTFNSEEVFMPSGDGEPDAVSVNYAELLLQAHPENDALRLTLIDLLV
KLGDFEQARHHLARLRGKDRLATPFYEVELDILGALARPEGMDEEQTRRLLERLRKIEHVSLNDAMLERLARHALALDAP
DLAARTFAELAGRDPQGRQRWLDEAARWYLASGEPLPAADIQRQLAEAQTEPAKRLAYLRQAFASLLAGERGEQAALLLD
ERLDALPEDESTLAWLAQGVRAAEGSQRYDLAERFIRRWRELRPEDHEALAADLRLNMAAGRVERAWEVGQELLALRPED
RTLLADLARLGEWTGNGPRALGFWKQLLAGADDPALREHAWRLSLQMFDFDSAIELLAPIGAQRQMTDEELDALVYSHET
RGTPEEGEAWLRGYVQRYPKQRLAWQRLQQILEHTQQLQEETGVWARMARHFPLSVKERMQWAETHWNLFDPRQAWKVLA
GVDTRAIREPEFWRLRAALAWALEQDDDARAAYERMLALDIRLNSRDEDQLIALYRDSNPKQALQVLIGSWQRSRDPRRL
ASALQLAENLHDWPALKSLLAEAEGLPEAQGSPYYWVARARLAEQEGHGDVAERLYREALVRFPGENLVRERLLWFYIDR
GRRDSLAPLLAQWHGLALRDSTLWLPFASASLLLERNDQALAWFRLYLKSNPNDWLVQAAYADALDASGYQDKALRLRRL
LLRRLDREAVRATPDSFATYLRLLAVAQGPLLAQGEARRAWNGEPAMLQLWFEQFLDQLAATNQEPLKDNWLAWARGRGL
KIGRNEEIQAALRSQNRAALQRLLERGELDPAQRVEALVRLGHGGEALGEALGALGDGHSRDNREQLRRQAAEILERTPQ
GLQLGWNKRDFGGLDFKGPTLRAARHLGDDWYADLELGSGRYHGDALDSSLLGSERNARLTLRRELADGFAAATLDGSWR
DDEDRHGLGVLRNWRLSSRDELEAGLDWHRETDETGLMRALGMRDSLRLGGRHTLSGRDQLSWSLAHNRFSTRQGDDLGN
GEALSLEWAHTLFFDGPAWQLRGGIDYQRNRLENRVPDDLLAAHGGALALDGARSQDLLQDRYGQVYLGSTWRRGFPGAL
NRSRPQYTWIVDTLAGWQWTEKEFNYGIDLGIGMELLGDDELAFTFGYQSAPQGGGGDAGGTLGVTYSTRFGR
;
M
2 'polypeptide(L)'
;MQSIRCLALAAVALFMAGCSSFTSESATPLARGAQWGLVPLLNYSQAPQAGERAEQILLSVLAEEGVRPRLYPAQPQGDL
QLVDDRERQQRALDWARQQKLAYVVTGSVEEWQYKNGLDGEPAVGVSLQVLEPASGRVLWSTSGARAGWSRESLAGAAQK
VLRELVGDLRLE
;
C,D,E,F,G,H,I,J,K,L,A,B
#
# COMPACT_ATOMS: atom_id res chain seq x y z
N GLY A 803 9.38 12.55 10.37
CA GLY A 803 9.16 11.10 10.68
C GLY A 803 9.59 10.19 9.55
N ARG A 804 9.07 8.96 9.57
CA ARG A 804 9.37 7.97 8.54
C ARG A 804 8.08 7.54 7.84
N ASN A 805 7.05 7.23 8.62
CA ASN A 805 5.76 6.88 8.04
C ASN A 805 5.20 8.04 7.22
N GLU A 806 5.44 9.27 7.67
CA GLU A 806 4.97 10.43 6.93
C GLU A 806 5.64 10.49 5.56
N GLU A 807 6.94 10.20 5.51
CA GLU A 807 7.65 10.18 4.23
C GLU A 807 7.15 9.05 3.34
N ILE A 808 6.81 7.90 3.94
CA ILE A 808 6.27 6.79 3.16
C ILE A 808 4.94 7.20 2.53
N GLN A 809 4.07 7.84 3.32
CA GLN A 809 2.79 8.30 2.78
C GLN A 809 2.99 9.35 1.70
N ALA A 810 3.94 10.26 1.91
CA ALA A 810 4.22 11.27 0.90
C ALA A 810 4.70 10.63 -0.41
N ALA A 811 5.57 9.64 -0.32
CA ALA A 811 6.03 8.95 -1.51
C ALA A 811 4.89 8.23 -2.22
N LEU A 812 4.01 7.59 -1.45
CA LEU A 812 2.87 6.91 -2.06
C LEU A 812 1.92 7.89 -2.73
N ARG A 813 1.71 9.07 -2.13
CA ARG A 813 0.75 10.03 -2.68
C ARG A 813 1.29 10.72 -3.92
N SER A 814 2.56 11.08 -3.94
CA SER A 814 3.13 11.91 -5.00
C SER A 814 3.55 11.13 -6.24
N GLN A 815 3.40 9.80 -6.23
CA GLN A 815 3.85 8.96 -7.34
C GLN A 815 5.34 9.18 -7.60
N ASN A 816 6.11 9.08 -6.53
CA ASN A 816 7.57 9.15 -6.60
C ASN A 816 8.07 7.73 -6.83
N ARG A 817 8.30 7.39 -8.10
CA ARG A 817 8.65 6.02 -8.45
C ARG A 817 9.98 5.62 -7.83
N ALA A 818 10.95 6.52 -7.80
CA ALA A 818 12.24 6.21 -7.21
C ALA A 818 12.12 5.96 -5.71
N ALA A 819 11.37 6.82 -5.01
CA ALA A 819 11.19 6.63 -3.57
C ALA A 819 10.44 5.34 -3.27
N LEU A 820 9.42 5.03 -4.06
CA LEU A 820 8.71 3.77 -3.88
C LEU A 820 9.63 2.58 -4.12
N GLN A 821 10.48 2.65 -5.15
CA GLN A 821 11.42 1.58 -5.42
C GLN A 821 12.37 1.38 -4.24
N ARG A 822 12.91 2.47 -3.71
CA ARG A 822 13.80 2.36 -2.55
C ARG A 822 13.08 1.74 -1.36
N LEU A 823 11.91 2.28 -1.02
CA LEU A 823 11.18 1.78 0.14
C LEU A 823 10.82 0.31 -0.03
N LEU A 824 10.55 -0.12 -1.26
CA LEU A 824 10.20 -1.50 -1.52
C LEU A 824 11.41 -2.41 -1.40
N GLU A 825 12.54 -2.01 -1.98
CA GLU A 825 13.74 -2.85 -1.90
C GLU A 825 14.24 -2.97 -0.47
N ARG A 826 14.21 -1.88 0.31
CA ARG A 826 14.71 -1.94 1.67
C ARG A 826 13.71 -2.55 2.65
N GLY A 827 12.54 -2.95 2.19
CA GLY A 827 11.60 -3.68 3.03
C GLY A 827 11.12 -2.92 4.24
N GLU A 828 10.71 -1.66 4.03
CA GLU A 828 10.26 -0.79 5.10
C GLU A 828 8.79 -0.40 4.94
N LEU A 829 8.04 -1.08 4.08
CA LEU A 829 6.64 -0.82 3.84
C LEU A 829 5.78 -1.91 4.48
N ASP A 830 4.56 -1.55 4.88
CA ASP A 830 3.59 -2.51 5.35
C ASP A 830 3.06 -3.32 4.17
N PRO A 831 2.43 -4.47 4.42
CA PRO A 831 1.91 -5.27 3.30
C PRO A 831 0.94 -4.51 2.40
N ALA A 832 0.03 -3.73 2.99
CA ALA A 832 -0.85 -2.90 2.17
C ALA A 832 -0.07 -1.83 1.42
N GLN A 833 0.88 -1.19 2.09
CA GLN A 833 1.73 -0.22 1.43
C GLN A 833 2.57 -0.88 0.35
N ARG A 834 3.06 -2.09 0.61
CA ARG A 834 3.81 -2.81 -0.42
C ARG A 834 2.97 -3.08 -1.65
N VAL A 835 1.73 -3.54 -1.45
CA VAL A 835 0.84 -3.80 -2.58
C VAL A 835 0.55 -2.51 -3.33
N GLU A 836 0.32 -1.42 -2.61
CA GLU A 836 0.05 -0.15 -3.27
C GLU A 836 1.24 0.28 -4.11
N ALA A 837 2.45 0.17 -3.56
CA ALA A 837 3.65 0.52 -4.32
C ALA A 837 3.81 -0.38 -5.54
N LEU A 838 3.51 -1.66 -5.40
CA LEU A 838 3.61 -2.57 -6.54
C LEU A 838 2.65 -2.17 -7.64
N VAL A 839 1.42 -1.78 -7.28
CA VAL A 839 0.48 -1.30 -8.30
C VAL A 839 1.00 -0.02 -8.95
N ARG A 840 1.51 0.91 -8.13
CA ARG A 840 1.98 2.18 -8.68
C ARG A 840 3.15 1.97 -9.64
N LEU A 841 4.07 1.08 -9.29
CA LEU A 841 5.27 0.86 -10.10
C LEU A 841 4.98 0.06 -11.38
N GLY A 842 3.75 -0.42 -11.57
CA GLY A 842 3.37 -1.07 -12.80
C GLY A 842 3.30 -2.59 -12.74
N HIS A 843 3.79 -3.20 -11.67
CA HIS A 843 3.72 -4.66 -11.52
C HIS A 843 2.38 -5.00 -10.88
N GLY A 844 1.44 -5.49 -11.69
CA GLY A 844 0.15 -5.87 -11.18
C GLY A 844 0.13 -7.30 -10.67
N GLY A 845 0.83 -8.20 -11.36
CA GLY A 845 0.85 -9.58 -10.92
C GLY A 845 1.52 -9.75 -9.57
N GLU A 846 2.67 -9.12 -9.39
CA GLU A 846 3.34 -9.19 -8.09
C GLU A 846 2.50 -8.51 -7.02
N ALA A 847 1.74 -7.47 -7.38
CA ALA A 847 0.83 -6.85 -6.44
C ALA A 847 -0.24 -7.83 -5.97
N LEU A 848 -0.85 -8.56 -6.92
CA LEU A 848 -1.85 -9.55 -6.55
C LEU A 848 -1.25 -10.64 -5.67
N GLY A 849 -0.05 -11.10 -6.03
CA GLY A 849 0.58 -12.15 -5.24
C GLY A 849 0.86 -11.72 -3.81
N GLU A 850 1.46 -10.54 -3.65
CA GLU A 850 1.78 -10.07 -2.31
C GLU A 850 0.52 -9.74 -1.51
N ALA A 851 -0.54 -9.29 -2.18
CA ALA A 851 -1.79 -9.02 -1.47
C ALA A 851 -2.42 -10.32 -0.97
N LEU A 852 -2.52 -11.32 -1.85
CA LEU A 852 -3.18 -12.57 -1.47
C LEU A 852 -2.35 -13.35 -0.46
N GLY A 853 -1.02 -13.21 -0.50
CA GLY A 853 -0.18 -13.93 0.44
C GLY A 853 -0.05 -13.33 1.81
N ALA A 854 -0.61 -12.14 2.03
CA ALA A 854 -0.51 -11.44 3.30
C ALA A 854 -1.85 -11.28 4.01
N LEU A 855 -2.95 -11.74 3.41
CA LEU A 855 -4.28 -11.57 3.99
C LEU A 855 -4.54 -12.72 4.96
N GLY A 856 -4.00 -12.56 6.18
CA GLY A 856 -4.14 -13.56 7.20
C GLY A 856 -4.04 -12.94 8.58
N ASP A 857 -4.23 -13.78 9.60
CA ASP A 857 -4.26 -13.32 10.99
C ASP A 857 -2.94 -12.71 11.44
N GLY A 858 -1.83 -13.02 10.77
CA GLY A 858 -0.53 -12.54 11.23
C GLY A 858 -0.40 -11.04 11.24
N HIS A 859 -1.17 -10.33 10.40
CA HIS A 859 -1.07 -8.88 10.30
C HIS A 859 -2.16 -8.20 11.12
N SER A 860 -2.23 -6.88 11.04
CA SER A 860 -3.05 -6.08 11.95
C SER A 860 -4.31 -5.62 11.23
N ARG A 861 -5.16 -4.92 11.98
CA ARG A 861 -6.39 -4.39 11.43
C ARG A 861 -6.12 -3.21 10.50
N ASP A 862 -6.98 -3.11 9.48
CA ASP A 862 -6.98 -2.13 8.38
C ASP A 862 -5.90 -2.46 7.36
N ASN A 863 -4.89 -3.23 7.74
CA ASN A 863 -4.02 -3.84 6.74
C ASN A 863 -4.76 -4.95 6.02
N ARG A 864 -5.47 -5.78 6.78
CA ARG A 864 -6.29 -6.82 6.17
C ARG A 864 -7.41 -6.19 5.34
N GLU A 865 -7.99 -5.09 5.80
CA GLU A 865 -9.06 -4.43 5.05
C GLU A 865 -8.53 -3.90 3.72
N GLN A 866 -7.42 -3.15 3.76
CA GLN A 866 -6.89 -2.60 2.52
C GLN A 866 -6.40 -3.70 1.60
N LEU A 867 -5.81 -4.77 2.15
CA LEU A 867 -5.37 -5.88 1.33
C LEU A 867 -6.56 -6.55 0.63
N ARG A 868 -7.65 -6.75 1.37
CA ARG A 868 -8.84 -7.36 0.77
C ARG A 868 -9.40 -6.48 -0.34
N ARG A 869 -9.49 -5.17 -0.09
CA ARG A 869 -10.05 -4.27 -1.10
C ARG A 869 -9.16 -4.22 -2.34
N GLN A 870 -7.84 -4.14 -2.16
CA GLN A 870 -6.92 -4.10 -3.29
C GLN A 870 -6.95 -5.40 -4.07
N ALA A 871 -6.98 -6.54 -3.38
CA ALA A 871 -7.07 -7.81 -4.06
C ALA A 871 -8.37 -7.92 -4.85
N ALA A 872 -9.47 -7.46 -4.27
CA ALA A 872 -10.75 -7.50 -4.97
C ALA A 872 -10.73 -6.64 -6.23
N GLU A 873 -10.15 -5.43 -6.14
CA GLU A 873 -10.14 -4.56 -7.31
C GLU A 873 -9.21 -5.11 -8.39
N ILE A 874 -8.07 -5.69 -8.01
CA ILE A 874 -7.19 -6.29 -8.99
C ILE A 874 -7.85 -7.48 -9.66
N LEU A 875 -8.56 -8.30 -8.89
CA LEU A 875 -9.26 -9.43 -9.46
C LEU A 875 -10.38 -8.97 -10.39
N GLU A 876 -11.01 -7.83 -10.07
CA GLU A 876 -11.98 -7.24 -10.98
C GLU A 876 -11.31 -6.86 -12.30
N ARG A 877 -10.13 -6.23 -12.23
CA ARG A 877 -9.45 -5.83 -13.45
C ARG A 877 -8.94 -7.05 -14.23
N THR A 878 -8.24 -7.95 -13.55
CA THR A 878 -7.59 -9.11 -14.17
C THR A 878 -7.98 -10.36 -13.39
N PRO A 879 -9.17 -10.91 -13.62
CA PRO A 879 -9.57 -12.12 -12.89
C PRO A 879 -8.73 -13.32 -13.29
N GLN A 880 -8.51 -14.22 -12.33
CA GLN A 880 -7.83 -15.49 -12.53
C GLN A 880 -8.80 -16.60 -12.20
N GLY A 881 -9.08 -17.48 -13.14
CA GLY A 881 -9.98 -18.58 -12.89
C GLY A 881 -10.48 -19.22 -14.17
N LEU A 882 -11.41 -20.15 -13.98
CA LEU A 882 -12.05 -20.89 -15.06
C LEU A 882 -13.56 -20.72 -14.94
N GLN A 883 -14.24 -20.74 -16.09
CA GLN A 883 -15.68 -20.51 -16.13
C GLN A 883 -16.30 -21.37 -17.21
N LEU A 884 -17.35 -22.11 -16.83
CA LEU A 884 -18.18 -22.88 -17.75
C LEU A 884 -19.57 -22.27 -17.78
N GLY A 885 -20.12 -22.11 -18.98
CA GLY A 885 -21.43 -21.51 -19.09
C GLY A 885 -22.05 -21.73 -20.44
N TRP A 886 -23.32 -21.32 -20.54
CA TRP A 886 -24.10 -21.44 -21.76
C TRP A 886 -24.88 -20.14 -21.95
N ASN A 887 -24.79 -19.56 -23.15
CA ASN A 887 -25.33 -18.24 -23.43
C ASN A 887 -26.29 -18.28 -24.61
N LYS A 888 -27.36 -17.51 -24.50
CA LYS A 888 -28.30 -17.25 -25.59
C LYS A 888 -28.37 -15.75 -25.82
N ARG A 889 -27.96 -15.30 -27.00
CA ARG A 889 -28.05 -13.90 -27.39
C ARG A 889 -28.98 -13.81 -28.60
N ASP A 890 -30.11 -13.14 -28.42
CA ASP A 890 -31.05 -12.88 -29.50
C ASP A 890 -30.78 -11.49 -30.07
N PHE A 891 -30.43 -11.43 -31.35
CA PHE A 891 -30.20 -10.18 -32.05
C PHE A 891 -31.47 -9.61 -32.66
N GLY A 892 -32.60 -10.31 -32.53
CA GLY A 892 -33.85 -9.89 -33.13
C GLY A 892 -34.13 -10.68 -34.40
N GLY A 893 -34.96 -11.70 -34.29
CA GLY A 893 -35.21 -12.62 -35.38
C GLY A 893 -34.08 -13.58 -35.66
N LEU A 894 -33.00 -13.53 -34.87
CA LEU A 894 -31.83 -14.36 -35.06
C LEU A 894 -31.11 -14.46 -33.73
N ASP A 895 -30.71 -15.68 -33.34
CA ASP A 895 -30.02 -15.91 -32.09
C ASP A 895 -28.86 -16.87 -32.30
N PHE A 896 -28.01 -16.98 -31.27
CA PHE A 896 -26.84 -17.84 -31.32
C PHE A 896 -26.67 -18.47 -29.93
N LYS A 897 -26.99 -19.75 -29.81
CA LYS A 897 -26.86 -20.50 -28.57
C LYS A 897 -25.61 -21.36 -28.59
N GLY A 898 -25.13 -21.71 -27.41
CA GLY A 898 -24.08 -22.70 -27.27
C GLY A 898 -23.31 -22.58 -25.98
N PRO A 899 -22.55 -23.60 -25.62
CA PRO A 899 -21.73 -23.53 -24.42
C PRO A 899 -20.48 -22.69 -24.62
N THR A 900 -19.94 -22.21 -23.50
CA THR A 900 -18.74 -21.40 -23.51
C THR A 900 -17.79 -21.89 -22.43
N LEU A 901 -16.51 -21.63 -22.62
CA LEU A 901 -15.46 -21.96 -21.66
C LEU A 901 -14.45 -20.83 -21.67
N ARG A 902 -14.27 -20.18 -20.52
CA ARG A 902 -13.33 -19.07 -20.38
C ARG A 902 -12.33 -19.39 -19.27
N ALA A 903 -11.05 -19.23 -19.59
CA ALA A 903 -9.97 -19.39 -18.63
C ALA A 903 -9.02 -18.20 -18.75
N ALA A 904 -8.51 -17.74 -17.61
CA ALA A 904 -7.59 -16.62 -17.61
C ALA A 904 -6.66 -16.75 -16.43
N ARG A 905 -5.40 -16.37 -16.64
CA ARG A 905 -4.39 -16.43 -15.59
C ARG A 905 -3.19 -15.60 -16.00
N HIS A 906 -2.43 -15.16 -15.01
CA HIS A 906 -1.17 -14.44 -15.24
C HIS A 906 -0.09 -15.46 -15.58
N LEU A 907 0.33 -15.48 -16.85
CA LEU A 907 1.43 -16.35 -17.28
C LEU A 907 2.73 -15.58 -17.09
N GLY A 908 3.15 -15.47 -15.84
CA GLY A 908 4.26 -14.64 -15.44
C GLY A 908 3.78 -13.41 -14.71
N ASP A 909 4.73 -12.58 -14.31
CA ASP A 909 4.42 -11.39 -13.53
C ASP A 909 3.80 -10.27 -14.35
N ASP A 910 4.13 -10.16 -15.63
CA ASP A 910 3.71 -9.05 -16.47
C ASP A 910 2.90 -9.47 -17.69
N TRP A 911 2.61 -10.76 -17.83
CA TRP A 911 1.82 -11.28 -18.96
C TRP A 911 0.53 -11.89 -18.44
N TYR A 912 -0.58 -11.53 -19.05
CA TYR A 912 -1.90 -12.02 -18.69
C TYR A 912 -2.50 -12.74 -19.88
N ALA A 913 -2.98 -13.96 -19.65
CA ALA A 913 -3.58 -14.78 -20.70
C ALA A 913 -5.08 -14.89 -20.47
N ASP A 914 -5.83 -14.91 -21.57
CA ASP A 914 -7.29 -15.02 -21.52
C ASP A 914 -7.74 -15.90 -22.68
N LEU A 915 -8.14 -17.13 -22.37
CA LEU A 915 -8.66 -18.06 -23.36
C LEU A 915 -10.17 -18.13 -23.21
N GLU A 916 -10.89 -18.03 -24.32
CA GLU A 916 -12.34 -18.12 -24.34
C GLU A 916 -12.76 -19.01 -25.50
N LEU A 917 -13.12 -20.26 -25.20
CA LEU A 917 -13.63 -21.19 -26.19
C LEU A 917 -15.14 -21.19 -26.15
N GLY A 918 -15.75 -21.52 -27.29
CA GLY A 918 -17.19 -21.62 -27.34
C GLY A 918 -17.72 -22.23 -28.62
N SER A 919 -18.60 -23.21 -28.49
CA SER A 919 -19.35 -23.78 -29.61
C SER A 919 -20.71 -23.12 -29.68
N GLY A 920 -21.40 -23.32 -30.80
CA GLY A 920 -22.74 -22.79 -30.92
C GLY A 920 -23.40 -22.95 -32.27
N ARG A 921 -24.70 -22.67 -32.32
CA ARG A 921 -25.52 -22.81 -33.52
C ARG A 921 -26.39 -21.58 -33.69
N TYR A 922 -26.74 -21.29 -34.94
CA TYR A 922 -27.59 -20.17 -35.31
C TYR A 922 -28.98 -20.70 -35.63
N HIS A 923 -29.98 -20.21 -34.89
CA HIS A 923 -31.39 -20.49 -35.18
C HIS A 923 -32.04 -19.18 -35.60
N GLY A 924 -32.16 -18.98 -36.91
CA GLY A 924 -32.75 -17.76 -37.43
C GLY A 924 -33.57 -18.00 -38.69
N ASP A 925 -34.68 -17.28 -38.83
CA ASP A 925 -35.52 -17.43 -40.01
C ASP A 925 -34.79 -16.99 -41.27
N ALA A 926 -34.01 -15.92 -41.18
CA ALA A 926 -33.31 -15.35 -42.33
C ALA A 926 -31.99 -16.03 -42.64
N LEU A 927 -31.74 -17.21 -42.07
CA LEU A 927 -30.47 -17.92 -42.27
C LEU A 927 -30.73 -19.37 -42.61
N ASP A 928 -29.86 -19.92 -43.46
CA ASP A 928 -29.84 -21.36 -43.74
C ASP A 928 -28.88 -22.01 -42.75
N SER A 929 -29.41 -22.33 -41.57
CA SER A 929 -28.58 -22.86 -40.50
C SER A 929 -27.97 -24.21 -40.83
N SER A 930 -28.47 -24.91 -41.85
CA SER A 930 -27.86 -26.18 -42.23
C SER A 930 -26.44 -25.97 -42.75
N LEU A 931 -26.25 -25.01 -43.65
CA LEU A 931 -24.91 -24.68 -44.11
C LEU A 931 -24.06 -24.11 -42.98
N LEU A 932 -24.66 -23.27 -42.14
CA LEU A 932 -23.99 -22.72 -40.96
C LEU A 932 -24.08 -23.74 -39.84
N GLY A 933 -23.22 -24.75 -39.92
CA GLY A 933 -23.17 -25.78 -38.91
C GLY A 933 -22.68 -25.23 -37.58
N SER A 934 -22.25 -26.15 -36.72
CA SER A 934 -21.70 -25.78 -35.42
C SER A 934 -20.50 -24.86 -35.60
N GLU A 935 -20.52 -23.73 -34.90
CA GLU A 935 -19.46 -22.72 -34.98
C GLU A 935 -18.55 -22.90 -33.78
N ARG A 936 -17.34 -23.40 -34.03
CA ARG A 936 -16.34 -23.56 -32.98
C ARG A 936 -15.50 -22.29 -32.91
N ASN A 937 -15.58 -21.60 -31.77
CA ASN A 937 -14.88 -20.34 -31.57
C ASN A 937 -13.83 -20.51 -30.47
N ALA A 938 -12.62 -20.02 -30.76
CA ALA A 938 -11.53 -20.00 -29.80
C ALA A 938 -10.85 -18.65 -29.90
N ARG A 939 -10.61 -18.02 -28.75
CA ARG A 939 -10.04 -16.68 -28.69
C ARG A 939 -8.97 -16.65 -27.60
N LEU A 940 -7.75 -16.34 -27.99
CA LEU A 940 -6.63 -16.18 -27.06
C LEU A 940 -6.20 -14.72 -27.08
N THR A 941 -6.11 -14.12 -25.89
CA THR A 941 -5.70 -12.73 -25.74
C THR A 941 -4.53 -12.68 -24.76
N LEU A 942 -3.35 -12.35 -25.28
CA LEU A 942 -2.17 -12.11 -24.44
C LEU A 942 -2.06 -10.62 -24.21
N ARG A 943 -2.12 -10.22 -22.94
CA ARG A 943 -2.07 -8.82 -22.54
C ARG A 943 -0.77 -8.57 -21.82
N ARG A 944 0.03 -7.67 -22.35
CA ARG A 944 1.29 -7.27 -21.73
C ARG A 944 1.08 -5.96 -21.00
N GLU A 945 1.41 -5.94 -19.71
CA GLU A 945 1.33 -4.71 -18.93
C GLU A 945 2.55 -3.85 -19.20
N LEU A 946 2.33 -2.54 -19.27
CA LEU A 946 3.38 -1.57 -19.51
C LEU A 946 3.36 -0.52 -18.40
N ALA A 947 4.41 0.30 -18.37
CA ALA A 947 4.55 1.29 -17.30
C ALA A 947 3.44 2.33 -17.35
N ASP A 948 2.97 2.69 -18.54
CA ASP A 948 1.95 3.71 -18.73
C ASP A 948 0.73 3.13 -19.44
N GLY A 949 0.31 1.94 -19.02
CA GLY A 949 -0.84 1.28 -19.61
C GLY A 949 -0.56 -0.19 -19.89
N PHE A 950 -1.00 -0.66 -21.06
CA PHE A 950 -0.78 -2.04 -21.44
C PHE A 950 -0.93 -2.17 -22.95
N ALA A 951 -0.44 -3.29 -23.47
CA ALA A 951 -0.63 -3.67 -24.87
C ALA A 951 -1.14 -5.10 -24.91
N ALA A 952 -2.10 -5.35 -25.79
CA ALA A 952 -2.76 -6.65 -25.88
C ALA A 952 -2.82 -7.08 -27.33
N ALA A 953 -2.64 -8.38 -27.55
CA ALA A 953 -2.77 -8.99 -28.87
C ALA A 953 -3.74 -10.15 -28.77
N THR A 954 -4.76 -10.14 -29.62
CA THR A 954 -5.81 -11.14 -29.61
C THR A 954 -5.72 -12.01 -30.85
N LEU A 955 -5.93 -13.32 -30.67
CA LEU A 955 -6.02 -14.27 -31.77
C LEU A 955 -7.33 -15.02 -31.61
N ASP A 956 -8.31 -14.71 -32.45
CA ASP A 956 -9.62 -15.35 -32.41
C ASP A 956 -9.87 -16.04 -33.74
N GLY A 957 -10.46 -17.22 -33.68
CA GLY A 957 -10.80 -17.99 -34.86
C GLY A 957 -12.19 -18.60 -34.72
N SER A 958 -12.88 -18.73 -35.84
CA SER A 958 -14.22 -19.29 -35.88
C SER A 958 -14.29 -20.30 -37.02
N TRP A 959 -14.17 -21.58 -36.68
CA TRP A 959 -14.21 -22.64 -37.68
C TRP A 959 -15.65 -23.06 -37.92
N ARG A 960 -16.03 -23.17 -39.19
CA ARG A 960 -17.39 -23.51 -39.55
C ARG A 960 -17.38 -24.23 -40.88
N ASP A 961 -18.46 -24.98 -41.14
CA ASP A 961 -18.57 -25.69 -42.42
C ASP A 961 -18.63 -24.71 -43.58
N ASP A 962 -19.34 -23.60 -43.40
CA ASP A 962 -19.47 -22.61 -44.47
C ASP A 962 -18.10 -22.04 -44.82
N GLU A 963 -17.46 -21.38 -43.84
CA GLU A 963 -16.16 -20.78 -44.07
C GLU A 963 -15.54 -20.45 -42.72
N ASP A 964 -14.26 -20.77 -42.58
CA ASP A 964 -13.52 -20.46 -41.36
C ASP A 964 -13.07 -19.01 -41.37
N ARG A 965 -13.05 -18.42 -40.17
CA ARG A 965 -12.57 -17.05 -39.97
C ARG A 965 -11.37 -17.10 -39.02
N HIS A 966 -10.29 -16.44 -39.42
CA HIS A 966 -9.11 -16.28 -38.58
C HIS A 966 -8.80 -14.80 -38.48
N GLY A 967 -8.89 -14.25 -37.27
CA GLY A 967 -8.71 -12.83 -37.06
C GLY A 967 -7.64 -12.55 -36.05
N LEU A 968 -7.07 -11.36 -36.15
CA LEU A 968 -6.04 -10.88 -35.23
C LEU A 968 -6.33 -9.44 -34.86
N GLY A 969 -6.09 -9.12 -33.60
CA GLY A 969 -6.30 -7.77 -33.10
C GLY A 969 -5.21 -7.34 -32.15
N VAL A 970 -4.75 -6.10 -32.28
CA VAL A 970 -3.73 -5.54 -31.42
C VAL A 970 -4.26 -4.25 -30.83
N LEU A 971 -4.04 -4.06 -29.52
CA LEU A 971 -4.57 -2.93 -28.80
C LEU A 971 -3.48 -2.37 -27.90
N ARG A 972 -3.40 -1.04 -27.82
CA ARG A 972 -2.45 -0.36 -26.96
C ARG A 972 -3.19 0.74 -26.22
N ASN A 973 -3.23 0.64 -24.90
CA ASN A 973 -3.88 1.61 -24.04
C ASN A 973 -2.83 2.48 -23.37
N TRP A 974 -2.96 3.80 -23.51
CA TRP A 974 -2.06 4.77 -22.90
C TRP A 974 -2.74 5.44 -21.72
N ARG A 975 -1.96 5.71 -20.68
CA ARG A 975 -2.41 6.51 -19.54
C ARG A 975 -1.61 7.80 -19.53
N LEU A 976 -2.23 8.90 -19.94
CA LEU A 976 -1.55 10.19 -19.91
C LEU A 976 -1.50 10.74 -18.48
N SER A 977 -2.54 10.49 -17.71
CA SER A 977 -2.59 10.92 -16.32
C SER A 977 -3.57 10.01 -15.58
N SER A 978 -3.76 10.27 -14.28
CA SER A 978 -4.74 9.54 -13.51
C SER A 978 -6.17 9.82 -13.97
N ARG A 979 -6.39 10.94 -14.67
CA ARG A 979 -7.72 11.32 -15.14
C ARG A 979 -7.94 11.08 -16.62
N ASP A 980 -6.93 10.65 -17.38
CA ASP A 980 -7.04 10.52 -18.82
C ASP A 980 -6.44 9.19 -19.27
N GLU A 981 -7.11 8.54 -20.22
CA GLU A 981 -6.59 7.36 -20.88
C GLU A 981 -6.93 7.44 -22.35
N LEU A 982 -6.04 6.91 -23.19
CA LEU A 982 -6.26 6.81 -24.62
C LEU A 982 -6.02 5.39 -25.07
N GLU A 983 -6.63 5.02 -26.19
CA GLU A 983 -6.61 3.65 -26.65
C GLU A 983 -6.66 3.63 -28.16
N ALA A 984 -5.67 2.97 -28.78
CA ALA A 984 -5.64 2.76 -30.21
C ALA A 984 -5.53 1.26 -30.48
N GLY A 985 -6.34 0.78 -31.43
CA GLY A 985 -6.35 -0.62 -31.75
C GLY A 985 -6.62 -0.91 -33.21
N LEU A 986 -6.02 -1.99 -33.72
CA LEU A 986 -6.22 -2.44 -35.09
C LEU A 986 -6.91 -3.80 -35.07
N ASP A 987 -7.89 -3.97 -35.95
CA ASP A 987 -8.68 -5.18 -36.03
C ASP A 987 -8.58 -5.75 -37.44
N TRP A 988 -8.53 -7.07 -37.54
CA TRP A 988 -8.37 -7.77 -38.82
C TRP A 988 -9.23 -9.02 -38.80
N HIS A 989 -10.30 -9.02 -39.59
CA HIS A 989 -11.17 -10.18 -39.76
C HIS A 989 -11.71 -10.66 -38.42
N ARG A 990 -12.40 -9.76 -37.72
CA ARG A 990 -12.89 -10.01 -36.38
C ARG A 990 -14.40 -10.19 -36.36
N GLU A 991 -14.88 -10.77 -35.27
CA GLU A 991 -16.31 -11.01 -35.10
C GLU A 991 -17.05 -9.69 -34.96
N THR A 992 -18.30 -9.68 -35.44
CA THR A 992 -19.14 -8.49 -35.47
C THR A 992 -20.34 -8.68 -34.55
N ASP A 993 -20.94 -7.55 -34.18
CA ASP A 993 -22.18 -7.55 -33.41
C ASP A 993 -23.15 -6.47 -33.87
N GLU A 994 -22.88 -5.79 -34.99
CA GLU A 994 -23.76 -4.73 -35.45
C GLU A 994 -25.15 -5.25 -35.75
N THR A 995 -25.23 -6.40 -36.42
CA THR A 995 -26.49 -7.05 -36.74
C THR A 995 -26.31 -8.56 -36.60
N GLY A 996 -27.42 -9.26 -36.41
CA GLY A 996 -27.36 -10.71 -36.38
C GLY A 996 -26.81 -11.29 -37.68
N LEU A 997 -27.27 -10.75 -38.81
CA LEU A 997 -26.76 -11.22 -40.09
C LEU A 997 -25.27 -10.94 -40.25
N MET A 998 -24.83 -9.74 -39.85
CA MET A 998 -23.41 -9.43 -39.90
C MET A 998 -22.62 -10.32 -38.93
N ARG A 999 -23.18 -10.57 -37.75
CA ARG A 999 -22.52 -11.44 -36.78
C ARG A 999 -22.34 -12.85 -37.35
N ALA A 1000 -23.35 -13.34 -38.08
CA ALA A 1000 -23.31 -14.71 -38.56
C ALA A 1000 -22.56 -14.88 -39.87
N LEU A 1001 -22.49 -13.84 -40.71
CA LEU A 1001 -21.97 -13.96 -42.07
C LEU A 1001 -20.89 -12.92 -42.37
N GLY A 1002 -20.42 -12.18 -41.39
CA GLY A 1002 -19.56 -11.05 -41.64
C GLY A 1002 -18.33 -11.03 -40.74
N MET A 1003 -17.33 -10.28 -41.19
CA MET A 1003 -16.11 -10.00 -40.45
C MET A 1003 -15.91 -8.49 -40.42
N ARG A 1004 -14.86 -8.04 -39.71
CA ARG A 1004 -14.60 -6.62 -39.58
C ARG A 1004 -13.11 -6.36 -39.52
N ASP A 1005 -12.64 -5.50 -40.41
CA ASP A 1005 -11.33 -4.85 -40.30
C ASP A 1005 -11.57 -3.43 -39.86
N SER A 1006 -10.98 -3.04 -38.73
CA SER A 1006 -11.28 -1.76 -38.11
C SER A 1006 -10.02 -1.14 -37.52
N LEU A 1007 -9.93 0.18 -37.65
CA LEU A 1007 -8.94 1.00 -36.98
C LEU A 1007 -9.67 1.93 -36.03
N ARG A 1008 -9.38 1.82 -34.74
CA ARG A 1008 -10.19 2.44 -33.71
C ARG A 1008 -9.33 3.29 -32.78
N LEU A 1009 -9.90 4.42 -32.37
CA LEU A 1009 -9.33 5.28 -31.34
C LEU A 1009 -10.37 5.51 -30.27
N GLY A 1010 -9.92 5.69 -29.03
CA GLY A 1010 -10.83 5.92 -27.93
C GLY A 1010 -10.12 6.50 -26.73
N GLY A 1011 -10.91 6.96 -25.77
CA GLY A 1011 -10.37 7.54 -24.57
C GLY A 1011 -11.38 7.57 -23.45
N ARG A 1012 -10.89 7.58 -22.22
CA ARG A 1012 -11.73 7.66 -21.03
C ARG A 1012 -11.17 8.77 -20.15
N HIS A 1013 -12.03 9.72 -19.77
CA HIS A 1013 -11.61 10.90 -19.04
C HIS A 1013 -12.42 11.05 -17.77
N THR A 1014 -11.74 11.32 -16.66
CA THR A 1014 -12.36 11.49 -15.36
C THR A 1014 -12.54 12.99 -15.11
N LEU A 1015 -13.73 13.50 -15.41
CA LEU A 1015 -14.02 14.91 -15.25
C LEU A 1015 -14.29 15.31 -13.81
N SER A 1016 -14.55 14.35 -12.94
CA SER A 1016 -14.74 14.59 -11.51
C SER A 1016 -14.70 13.23 -10.82
N GLY A 1017 -14.76 13.23 -9.49
CA GLY A 1017 -14.66 11.99 -8.76
C GLY A 1017 -15.78 11.01 -9.08
N ARG A 1018 -16.95 11.52 -9.45
CA ARG A 1018 -18.11 10.69 -9.75
C ARG A 1018 -18.48 10.71 -11.23
N ASP A 1019 -17.84 11.55 -12.05
CA ASP A 1019 -18.20 11.70 -13.46
C ASP A 1019 -17.05 11.22 -14.34
N GLN A 1020 -17.39 10.42 -15.36
CA GLN A 1020 -16.42 9.93 -16.32
C GLN A 1020 -16.99 10.10 -17.73
N LEU A 1021 -16.15 10.54 -18.65
CA LEU A 1021 -16.51 10.73 -20.04
C LEU A 1021 -15.70 9.75 -20.90
N SER A 1022 -16.40 8.97 -21.72
CA SER A 1022 -15.78 7.99 -22.60
C SER A 1022 -16.21 8.27 -24.04
N TRP A 1023 -15.24 8.29 -24.95
CA TRP A 1023 -15.49 8.48 -26.37
C TRP A 1023 -14.75 7.41 -27.17
N SER A 1024 -15.17 7.23 -28.41
CA SER A 1024 -14.53 6.27 -29.30
C SER A 1024 -14.75 6.70 -30.74
N LEU A 1025 -13.68 6.66 -31.53
CA LEU A 1025 -13.73 6.93 -32.96
C LEU A 1025 -13.19 5.71 -33.70
N ALA A 1026 -13.94 5.26 -34.70
CA ALA A 1026 -13.60 4.04 -35.42
C ALA A 1026 -13.80 4.25 -36.91
N HIS A 1027 -13.00 3.53 -37.70
CA HIS A 1027 -13.24 3.36 -39.12
C HIS A 1027 -13.26 1.86 -39.40
N ASN A 1028 -14.41 1.35 -39.84
CA ASN A 1028 -14.64 -0.07 -39.98
C ASN A 1028 -14.81 -0.44 -41.45
N ARG A 1029 -14.28 -1.60 -41.83
CA ARG A 1029 -14.50 -2.21 -43.13
C ARG A 1029 -15.15 -3.56 -42.91
N PHE A 1030 -16.26 -3.81 -43.59
CA PHE A 1030 -17.06 -5.01 -43.41
C PHE A 1030 -17.02 -5.85 -44.69
N SER A 1031 -16.77 -7.14 -44.52
CA SER A 1031 -16.74 -8.09 -45.63
C SER A 1031 -17.37 -9.39 -45.17
N THR A 1032 -17.84 -10.18 -46.13
CA THR A 1032 -18.30 -11.52 -45.82
C THR A 1032 -17.12 -12.40 -45.45
N ARG A 1033 -17.41 -13.52 -44.81
CA ARG A 1033 -16.36 -14.44 -44.41
C ARG A 1033 -15.60 -15.02 -45.59
N GLN A 1034 -16.20 -15.01 -46.78
CA GLN A 1034 -15.52 -15.44 -48.00
C GLN A 1034 -14.65 -14.36 -48.61
N GLY A 1035 -14.65 -13.15 -48.05
CA GLY A 1035 -13.78 -12.09 -48.52
C GLY A 1035 -14.40 -11.16 -49.55
N ASP A 1036 -15.70 -10.90 -49.47
CA ASP A 1036 -16.40 -10.01 -50.39
C ASP A 1036 -16.87 -8.79 -49.61
N ASP A 1037 -16.65 -7.60 -50.17
CA ASP A 1037 -16.92 -6.36 -49.45
C ASP A 1037 -18.41 -6.19 -49.21
N LEU A 1038 -18.75 -5.69 -48.01
CA LEU A 1038 -20.11 -5.30 -47.67
C LEU A 1038 -20.25 -3.80 -47.43
N GLY A 1039 -19.15 -3.07 -47.30
CA GLY A 1039 -19.18 -1.64 -47.09
C GLY A 1039 -18.33 -1.19 -45.92
N ASN A 1040 -17.71 -0.03 -46.05
CA ASN A 1040 -16.90 0.57 -44.99
C ASN A 1040 -17.64 1.74 -44.38
N GLY A 1041 -17.12 2.22 -43.25
CA GLY A 1041 -17.77 3.32 -42.56
C GLY A 1041 -16.99 3.74 -41.34
N GLU A 1042 -17.48 4.79 -40.70
CA GLU A 1042 -16.96 5.28 -39.44
C GLU A 1042 -18.03 5.18 -38.37
N ALA A 1043 -17.60 4.96 -37.13
CA ALA A 1043 -18.50 4.86 -35.99
C ALA A 1043 -18.00 5.77 -34.88
N LEU A 1044 -18.95 6.46 -34.25
CA LEU A 1044 -18.66 7.37 -33.15
C LEU A 1044 -19.52 7.01 -31.96
N SER A 1045 -18.92 7.04 -30.77
CA SER A 1045 -19.64 6.81 -29.53
C SER A 1045 -19.17 7.80 -28.49
N LEU A 1046 -20.07 8.16 -27.57
CA LEU A 1046 -19.76 9.11 -26.51
C LEU A 1046 -20.70 8.83 -25.35
N GLU A 1047 -20.13 8.64 -24.16
CA GLU A 1047 -20.90 8.29 -22.98
C GLU A 1047 -20.41 9.07 -21.77
N TRP A 1048 -21.37 9.53 -20.96
CA TRP A 1048 -21.10 10.21 -19.70
C TRP A 1048 -21.73 9.39 -18.59
N ALA A 1049 -20.92 8.98 -17.62
CA ALA A 1049 -21.36 8.14 -16.52
C ALA A 1049 -21.21 8.90 -15.21
N HIS A 1050 -22.31 9.00 -14.46
CA HIS A 1050 -22.33 9.63 -13.15
C HIS A 1050 -22.63 8.57 -12.11
N THR A 1051 -21.77 8.46 -11.10
CA THR A 1051 -21.94 7.50 -10.03
C THR A 1051 -22.62 8.18 -8.85
N LEU A 1052 -23.72 7.59 -8.37
CA LEU A 1052 -24.37 8.09 -7.16
C LEU A 1052 -23.83 7.40 -5.93
N PHE A 1053 -23.68 6.08 -5.99
CA PHE A 1053 -23.06 5.30 -4.94
C PHE A 1053 -22.01 4.39 -5.56
N PHE A 1054 -20.82 4.35 -4.95
CA PHE A 1054 -19.77 3.49 -5.45
C PHE A 1054 -20.00 2.03 -5.09
N ASP A 1055 -20.70 1.76 -3.98
CA ASP A 1055 -21.02 0.39 -3.60
C ASP A 1055 -22.07 0.42 -2.49
N GLY A 1056 -22.75 -0.72 -2.33
CA GLY A 1056 -23.61 -0.96 -1.19
C GLY A 1056 -25.07 -0.58 -1.31
N PRO A 1057 -25.73 -0.78 -2.47
CA PRO A 1057 -25.26 -1.21 -3.80
C PRO A 1057 -24.65 -0.07 -4.60
N ALA A 1058 -23.80 -0.37 -5.57
CA ALA A 1058 -23.29 0.66 -6.48
C ALA A 1058 -24.42 1.14 -7.38
N TRP A 1059 -24.65 2.45 -7.40
CA TRP A 1059 -25.66 3.08 -8.23
C TRP A 1059 -24.97 4.02 -9.19
N GLN A 1060 -25.20 3.84 -10.48
CA GLN A 1060 -24.57 4.65 -11.53
C GLN A 1060 -25.60 5.03 -12.57
N LEU A 1061 -25.55 6.29 -12.99
CA LEU A 1061 -26.35 6.80 -14.10
C LEU A 1061 -25.44 7.07 -15.29
N ARG A 1062 -25.89 6.67 -16.47
CA ARG A 1062 -25.14 6.90 -17.70
C ARG A 1062 -26.03 7.55 -18.74
N GLY A 1063 -25.41 8.39 -19.57
CA GLY A 1063 -26.09 8.99 -20.70
C GLY A 1063 -25.10 9.21 -21.83
N GLY A 1064 -25.42 8.73 -23.02
CA GLY A 1064 -24.49 8.78 -24.12
C GLY A 1064 -25.18 8.81 -25.46
N ILE A 1065 -24.37 8.90 -26.51
CA ILE A 1065 -24.85 8.97 -27.88
C ILE A 1065 -23.95 8.09 -28.74
N ASP A 1066 -24.56 7.31 -29.62
CA ASP A 1066 -23.85 6.45 -30.56
C ASP A 1066 -24.31 6.77 -31.97
N TYR A 1067 -23.35 6.93 -32.89
CA TYR A 1067 -23.64 7.22 -34.27
C TYR A 1067 -22.73 6.42 -35.18
N GLN A 1068 -23.30 5.86 -36.24
CA GLN A 1068 -22.56 5.13 -37.26
C GLN A 1068 -23.00 5.58 -38.64
N ARG A 1069 -22.04 5.83 -39.52
CA ARG A 1069 -22.29 6.13 -40.92
C ARG A 1069 -21.46 5.18 -41.76
N ASN A 1070 -22.11 4.50 -42.71
CA ASN A 1070 -21.47 3.48 -43.53
C ASN A 1070 -21.78 3.70 -44.99
N ARG A 1071 -20.80 3.42 -45.85
CA ARG A 1071 -20.96 3.48 -47.30
C ARG A 1071 -21.12 2.05 -47.80
N LEU A 1072 -22.37 1.62 -47.95
CA LEU A 1072 -22.66 0.25 -48.35
C LEU A 1072 -22.40 0.06 -49.84
N GLU A 1073 -22.08 -1.17 -50.22
CA GLU A 1073 -21.88 -1.51 -51.61
C GLU A 1073 -23.22 -1.47 -52.36
N ASN A 1074 -23.13 -1.50 -53.69
CA ASN A 1074 -24.32 -1.38 -54.51
C ASN A 1074 -25.26 -2.58 -54.30
N ARG A 1075 -24.70 -3.77 -54.11
CA ARG A 1075 -25.50 -4.99 -54.03
C ARG A 1075 -24.73 -6.02 -53.23
N VAL A 1076 -25.47 -6.80 -52.43
CA VAL A 1076 -24.83 -7.84 -51.63
C VAL A 1076 -24.18 -8.86 -52.56
N PRO A 1077 -23.04 -9.47 -52.22
CA PRO A 1077 -22.47 -10.47 -53.12
C PRO A 1077 -23.42 -11.64 -53.35
N ASP A 1078 -23.43 -12.12 -54.60
CA ASP A 1078 -24.38 -13.15 -54.98
C ASP A 1078 -24.11 -14.48 -54.27
N ASP A 1079 -22.84 -14.78 -54.00
CA ASP A 1079 -22.51 -16.05 -53.36
C ASP A 1079 -23.14 -16.19 -51.98
N LEU A 1080 -23.42 -15.08 -51.30
CA LEU A 1080 -24.04 -15.15 -49.98
C LEU A 1080 -25.52 -15.52 -50.07
N LEU A 1081 -26.16 -15.22 -51.20
CA LEU A 1081 -27.58 -15.51 -51.36
C LEU A 1081 -27.82 -17.02 -51.34
N ALA A 1082 -28.92 -17.42 -50.69
CA ALA A 1082 -29.26 -18.84 -50.62
C ALA A 1082 -29.48 -19.44 -52.00
N ALA A 1083 -29.92 -18.65 -52.97
CA ALA A 1083 -30.13 -19.17 -54.31
C ALA A 1083 -28.81 -19.65 -54.93
N HIS A 1084 -27.76 -18.87 -54.77
CA HIS A 1084 -26.45 -19.21 -55.34
C HIS A 1084 -25.60 -19.97 -54.32
N GLY A 1085 -26.18 -21.02 -53.74
CA GLY A 1085 -25.44 -21.85 -52.80
C GLY A 1085 -24.94 -21.10 -51.58
N GLY A 1086 -25.70 -20.11 -51.12
CA GLY A 1086 -25.31 -19.32 -49.96
C GLY A 1086 -26.13 -19.67 -48.73
N ALA A 1087 -25.98 -18.88 -47.67
CA ALA A 1087 -26.66 -19.12 -46.40
C ALA A 1087 -27.59 -17.98 -46.01
N LEU A 1088 -27.75 -16.96 -46.85
CA LEU A 1088 -28.66 -15.86 -46.56
C LEU A 1088 -30.04 -16.22 -47.08
N ALA A 1089 -30.89 -16.72 -46.18
CA ALA A 1089 -32.25 -17.12 -46.56
C ALA A 1089 -33.21 -15.94 -46.64
N LEU A 1090 -32.77 -14.74 -46.28
CA LEU A 1090 -33.63 -13.56 -46.40
C LEU A 1090 -34.00 -13.32 -47.85
N ASP A 1091 -35.28 -13.08 -48.10
CA ASP A 1091 -35.74 -12.78 -49.44
C ASP A 1091 -35.41 -11.33 -49.79
N GLY A 1092 -34.96 -11.12 -51.02
CA GLY A 1092 -34.54 -9.80 -51.46
C GLY A 1092 -33.10 -9.51 -51.05
N ALA A 1093 -32.83 -9.57 -49.74
CA ALA A 1093 -31.48 -9.42 -49.21
C ALA A 1093 -30.89 -8.05 -49.58
N ARG A 1094 -31.57 -7.01 -49.12
CA ARG A 1094 -31.08 -5.66 -49.35
C ARG A 1094 -29.87 -5.39 -48.46
N SER A 1095 -28.93 -4.63 -48.98
CA SER A 1095 -27.65 -4.41 -48.30
C SER A 1095 -27.82 -3.77 -46.93
N GLN A 1096 -28.93 -3.08 -46.70
CA GLN A 1096 -29.17 -2.49 -45.38
C GLN A 1096 -29.30 -3.55 -44.30
N ASP A 1097 -29.80 -4.74 -44.65
CA ASP A 1097 -30.04 -5.77 -43.64
C ASP A 1097 -28.74 -6.21 -43.00
N LEU A 1098 -27.68 -6.38 -43.79
CA LEU A 1098 -26.39 -6.75 -43.22
C LEU A 1098 -25.77 -5.59 -42.47
N LEU A 1099 -25.84 -4.39 -43.03
CA LEU A 1099 -25.21 -3.21 -42.43
C LEU A 1099 -26.06 -2.00 -42.75
N GLN A 1100 -26.48 -1.28 -41.71
CA GLN A 1100 -27.26 -0.06 -41.88
C GLN A 1100 -26.35 1.10 -42.27
N ASP A 1101 -26.74 1.84 -43.31
CA ASP A 1101 -25.93 2.96 -43.75
C ASP A 1101 -25.84 4.04 -42.69
N ARG A 1102 -26.96 4.30 -42.00
CA ARG A 1102 -27.02 5.30 -40.95
C ARG A 1102 -27.68 4.67 -39.73
N TYR A 1103 -27.02 4.78 -38.58
CA TYR A 1103 -27.60 4.36 -37.31
C TYR A 1103 -27.25 5.39 -36.25
N GLY A 1104 -28.22 5.71 -35.39
CA GLY A 1104 -28.00 6.65 -34.32
C GLY A 1104 -28.87 6.37 -33.12
N GLN A 1105 -28.40 6.73 -31.92
CA GLN A 1105 -29.18 6.56 -30.71
C GLN A 1105 -28.60 7.42 -29.60
N VAL A 1106 -29.46 8.04 -28.82
CA VAL A 1106 -29.09 8.73 -27.59
C VAL A 1106 -29.88 8.09 -26.45
N TYR A 1107 -29.18 7.73 -25.38
CA TYR A 1107 -29.76 6.90 -24.34
C TYR A 1107 -29.46 7.46 -22.96
N LEU A 1108 -30.30 7.10 -22.00
CA LEU A 1108 -30.05 7.32 -20.58
C LEU A 1108 -30.20 5.97 -19.89
N GLY A 1109 -29.31 5.69 -18.93
CA GLY A 1109 -29.30 4.41 -18.26
C GLY A 1109 -29.04 4.56 -16.77
N SER A 1110 -29.51 3.55 -16.03
CA SER A 1110 -29.30 3.47 -14.59
C SER A 1110 -28.95 2.03 -14.24
N THR A 1111 -27.92 1.85 -13.42
CA THR A 1111 -27.44 0.53 -13.03
C THR A 1111 -27.36 0.44 -11.52
N TRP A 1112 -27.95 -0.62 -10.97
CA TRP A 1112 -27.75 -1.02 -9.58
C TRP A 1112 -27.11 -2.39 -9.59
N ARG A 1113 -26.04 -2.56 -8.81
CA ARG A 1113 -25.32 -3.81 -8.82
C ARG A 1113 -24.65 -4.07 -7.48
N ARG A 1114 -24.43 -5.34 -7.20
CA ARG A 1114 -23.52 -5.83 -6.17
C ARG A 1114 -22.50 -6.68 -6.90
N GLY A 1115 -21.34 -6.10 -7.21
CA GLY A 1115 -20.41 -6.84 -8.01
C GLY A 1115 -20.94 -7.03 -9.43
N PHE A 1116 -20.38 -8.02 -10.12
CA PHE A 1116 -20.71 -8.30 -11.51
C PHE A 1116 -21.09 -9.77 -11.66
N PRO A 1117 -22.37 -10.12 -11.63
CA PRO A 1117 -22.76 -11.49 -11.95
C PRO A 1117 -22.32 -11.89 -13.35
N GLY A 1118 -21.87 -13.13 -13.49
CA GLY A 1118 -21.30 -13.60 -14.73
C GLY A 1118 -19.84 -13.28 -14.91
N ALA A 1119 -19.22 -12.53 -14.00
CA ALA A 1119 -17.81 -12.24 -14.09
C ALA A 1119 -17.01 -13.50 -13.77
N LEU A 1120 -15.76 -13.52 -14.26
CA LEU A 1120 -14.91 -14.68 -14.04
C LEU A 1120 -14.60 -14.86 -12.56
N ASN A 1121 -14.45 -13.76 -11.83
CA ASN A 1121 -14.19 -13.78 -10.39
C ASN A 1121 -15.26 -12.94 -9.69
N ARG A 1122 -15.86 -13.51 -8.64
CA ARG A 1122 -16.81 -12.78 -7.81
C ARG A 1122 -16.05 -11.86 -6.87
N SER A 1123 -16.43 -10.58 -6.87
CA SER A 1123 -15.73 -9.56 -6.11
C SER A 1123 -16.49 -9.08 -4.87
N ARG A 1124 -17.59 -9.74 -4.50
CA ARG A 1124 -18.39 -9.34 -3.36
C ARG A 1124 -18.71 -10.54 -2.47
N PRO A 1125 -19.00 -10.32 -1.18
CA PRO A 1125 -19.23 -11.46 -0.28
C PRO A 1125 -20.45 -12.29 -0.65
N GLN A 1126 -20.18 -13.53 -1.08
CA GLN A 1126 -21.12 -14.64 -1.05
C GLN A 1126 -22.26 -14.56 -2.07
N TYR A 1127 -22.44 -13.44 -2.75
CA TYR A 1127 -23.52 -13.29 -3.72
C TYR A 1127 -23.37 -11.97 -4.44
N THR A 1128 -23.85 -11.94 -5.68
CA THR A 1128 -23.82 -10.76 -6.52
C THR A 1128 -25.14 -10.66 -7.27
N TRP A 1129 -25.47 -9.43 -7.66
CA TRP A 1129 -26.65 -9.19 -8.50
C TRP A 1129 -26.43 -7.90 -9.27
N ILE A 1130 -27.18 -7.77 -10.37
CA ILE A 1130 -27.13 -6.56 -11.19
C ILE A 1130 -28.54 -6.27 -11.71
N VAL A 1131 -28.93 -5.01 -11.64
CA VAL A 1131 -30.14 -4.51 -12.26
C VAL A 1131 -29.72 -3.30 -13.08
N ASP A 1132 -29.77 -3.42 -14.40
CA ASP A 1132 -29.36 -2.36 -15.32
C ASP A 1132 -30.51 -2.05 -16.26
N THR A 1133 -30.86 -0.78 -16.36
CA THR A 1133 -31.94 -0.30 -17.21
C THR A 1133 -31.42 0.74 -18.17
N LEU A 1134 -31.90 0.70 -19.42
CA LEU A 1134 -31.52 1.64 -20.45
C LEU A 1134 -32.75 2.07 -21.22
N ALA A 1135 -32.90 3.38 -21.39
CA ALA A 1135 -33.93 3.96 -22.26
C ALA A 1135 -33.23 4.70 -23.39
N GLY A 1136 -33.64 4.43 -24.62
CA GLY A 1136 -32.96 4.94 -25.79
C GLY A 1136 -33.93 5.55 -26.78
N TRP A 1137 -33.40 6.52 -27.55
CA TRP A 1137 -34.15 7.22 -28.57
C TRP A 1137 -33.34 7.13 -29.87
N GLN A 1138 -33.78 6.29 -30.79
CA GLN A 1138 -33.09 6.08 -32.06
C GLN A 1138 -33.67 7.06 -33.07
N TRP A 1139 -33.00 8.21 -33.22
CA TRP A 1139 -33.51 9.22 -34.15
C TRP A 1139 -33.43 8.76 -35.60
N THR A 1140 -32.53 7.83 -35.92
CA THR A 1140 -32.45 7.31 -37.28
C THR A 1140 -33.59 6.36 -37.61
N GLU A 1141 -34.18 5.70 -36.61
CA GLU A 1141 -35.27 4.76 -36.81
C GLU A 1141 -36.60 5.27 -36.29
N LYS A 1142 -36.64 6.45 -35.67
CA LYS A 1142 -37.88 7.00 -35.11
C LYS A 1142 -38.52 6.03 -34.13
N GLU A 1143 -37.69 5.36 -33.33
CA GLU A 1143 -38.14 4.32 -32.42
C GLU A 1143 -37.47 4.52 -31.07
N PHE A 1144 -38.25 4.29 -30.00
CA PHE A 1144 -37.73 4.35 -28.64
C PHE A 1144 -37.30 2.97 -28.20
N ASN A 1145 -36.04 2.84 -27.78
CA ASN A 1145 -35.48 1.56 -27.37
C ASN A 1145 -35.47 1.48 -25.85
N TYR A 1146 -36.05 0.41 -25.32
CA TYR A 1146 -36.07 0.14 -23.89
C TYR A 1146 -35.38 -1.20 -23.64
N GLY A 1147 -34.52 -1.24 -22.63
CA GLY A 1147 -33.80 -2.44 -22.31
C GLY A 1147 -33.52 -2.59 -20.82
N ILE A 1148 -33.54 -3.83 -20.34
CA ILE A 1148 -33.19 -4.16 -18.97
C ILE A 1148 -32.25 -5.36 -18.99
N ASP A 1149 -31.26 -5.34 -18.09
CA ASP A 1149 -30.30 -6.43 -17.94
C ASP A 1149 -30.29 -6.85 -16.48
N LEU A 1150 -30.69 -8.08 -16.22
CA LEU A 1150 -30.78 -8.62 -14.86
C LEU A 1150 -29.76 -9.75 -14.69
N GLY A 1151 -29.32 -9.93 -13.46
CA GLY A 1151 -28.40 -11.00 -13.15
C GLY A 1151 -28.27 -11.24 -11.66
N ILE A 1152 -27.95 -12.48 -11.28
CA ILE A 1152 -27.78 -12.86 -9.88
C ILE A 1152 -26.69 -13.92 -9.82
N GLY A 1153 -25.85 -13.84 -8.79
CA GLY A 1153 -24.81 -14.82 -8.57
C GLY A 1153 -24.76 -15.24 -7.12
N MET A 1154 -24.35 -16.49 -6.92
CA MET A 1154 -24.29 -17.05 -5.58
C MET A 1154 -23.10 -17.99 -5.49
N GLU A 1155 -22.47 -18.02 -4.31
CA GLU A 1155 -21.33 -18.88 -4.05
C GLU A 1155 -21.82 -20.23 -3.55
N LEU A 1156 -21.43 -21.30 -4.24
CA LEU A 1156 -21.89 -22.64 -3.90
C LEU A 1156 -20.90 -23.40 -3.00
N LEU A 1157 -19.69 -23.65 -3.50
CA LEU A 1157 -18.72 -24.49 -2.81
C LEU A 1157 -17.59 -23.70 -2.17
N GLY A 1158 -17.54 -22.39 -2.37
CA GLY A 1158 -16.46 -21.58 -1.84
C GLY A 1158 -15.53 -21.09 -2.95
N ASP A 1159 -15.30 -19.79 -2.99
CA ASP A 1159 -14.41 -19.19 -3.99
C ASP A 1159 -14.91 -19.44 -5.42
N ASP A 1160 -16.23 -19.54 -5.58
CA ASP A 1160 -16.84 -19.79 -6.87
C ASP A 1160 -18.09 -18.95 -6.99
N GLU A 1161 -18.83 -19.12 -8.09
CA GLU A 1161 -20.05 -18.37 -8.31
C GLU A 1161 -20.86 -19.04 -9.39
N LEU A 1162 -22.12 -19.36 -9.08
CA LEU A 1162 -23.10 -19.81 -10.07
C LEU A 1162 -23.99 -18.62 -10.40
N ALA A 1163 -23.86 -18.10 -11.62
CA ALA A 1163 -24.51 -16.87 -12.03
C ALA A 1163 -25.55 -17.14 -13.10
N PHE A 1164 -26.72 -16.53 -12.94
CA PHE A 1164 -27.77 -16.51 -13.95
C PHE A 1164 -27.96 -15.07 -14.38
N THR A 1165 -27.97 -14.84 -15.69
CA THR A 1165 -28.10 -13.50 -16.25
C THR A 1165 -29.19 -13.46 -17.32
N PHE A 1166 -30.03 -12.43 -17.25
CA PHE A 1166 -31.09 -12.20 -18.21
C PHE A 1166 -30.98 -10.80 -18.76
N GLY A 1167 -31.26 -10.66 -20.06
CA GLY A 1167 -31.27 -9.36 -20.70
C GLY A 1167 -32.38 -9.22 -21.71
N TYR A 1168 -33.02 -8.05 -21.73
CA TYR A 1168 -34.06 -7.75 -22.71
C TYR A 1168 -33.77 -6.40 -23.33
N GLN A 1169 -34.08 -6.28 -24.63
CA GLN A 1169 -33.85 -5.05 -25.37
C GLN A 1169 -34.88 -4.99 -26.49
N SER A 1170 -35.74 -3.98 -26.43
CA SER A 1170 -36.90 -3.94 -27.32
C SER A 1170 -36.50 -3.70 -28.77
N ALA A 1171 -35.47 -2.87 -28.99
CA ALA A 1171 -35.07 -2.44 -30.34
C ALA A 1171 -33.57 -2.68 -30.51
N PRO A 1172 -33.16 -3.94 -30.67
CA PRO A 1172 -31.76 -4.20 -30.99
C PRO A 1172 -31.39 -3.63 -32.35
N GLN A 1173 -30.12 -3.22 -32.47
CA GLN A 1173 -29.65 -2.68 -33.73
C GLN A 1173 -29.72 -3.74 -34.82
N GLY A 1174 -30.39 -3.41 -35.92
CA GLY A 1174 -30.58 -4.36 -37.00
C GLY A 1174 -31.67 -5.36 -36.77
N GLY A 1175 -32.39 -5.29 -35.65
CA GLY A 1175 -33.45 -6.25 -35.39
C GLY A 1175 -34.63 -6.08 -36.31
N GLY A 1176 -34.82 -4.88 -36.86
CA GLY A 1176 -35.95 -4.63 -37.72
C GLY A 1176 -37.28 -4.72 -37.03
N GLY A 1177 -37.39 -4.19 -35.81
CA GLY A 1177 -38.61 -4.23 -35.04
C GLY A 1177 -38.74 -5.43 -34.13
N ASP A 1178 -37.94 -6.47 -34.35
CA ASP A 1178 -37.98 -7.64 -33.48
C ASP A 1178 -37.16 -7.40 -32.22
N ALA A 1179 -37.69 -7.85 -31.09
CA ALA A 1179 -37.03 -7.66 -29.81
C ALA A 1179 -35.84 -8.61 -29.66
N GLY A 1180 -34.79 -8.11 -29.02
CA GLY A 1180 -33.64 -8.90 -28.67
C GLY A 1180 -33.63 -9.26 -27.20
N GLY A 1181 -32.51 -9.86 -26.78
CA GLY A 1181 -32.37 -10.23 -25.39
C GLY A 1181 -31.14 -11.09 -25.18
N THR A 1182 -30.95 -11.48 -23.92
CA THR A 1182 -29.82 -12.30 -23.53
C THR A 1182 -30.26 -13.24 -22.43
N LEU A 1183 -29.75 -14.47 -22.46
CA LEU A 1183 -29.96 -15.46 -21.42
C LEU A 1183 -28.66 -16.21 -21.22
N GLY A 1184 -28.25 -16.37 -19.96
CA GLY A 1184 -26.98 -17.00 -19.68
C GLY A 1184 -26.96 -17.66 -18.31
N VAL A 1185 -26.22 -18.76 -18.22
CA VAL A 1185 -25.91 -19.41 -16.95
C VAL A 1185 -24.42 -19.76 -16.98
N THR A 1186 -23.71 -19.42 -15.90
CA THR A 1186 -22.28 -19.66 -15.81
C THR A 1186 -21.94 -20.16 -14.41
N TYR A 1187 -20.94 -21.03 -14.35
CA TYR A 1187 -20.30 -21.41 -13.10
C TYR A 1187 -18.83 -21.02 -13.19
N SER A 1188 -18.37 -20.20 -12.25
CA SER A 1188 -17.01 -19.67 -12.24
C SER A 1188 -16.27 -20.16 -11.00
N THR A 1189 -15.02 -20.53 -11.19
CA THR A 1189 -14.11 -20.88 -10.11
C THR A 1189 -12.83 -20.05 -10.26
N ARG A 1190 -12.29 -19.65 -9.12
CA ARG A 1190 -11.17 -18.73 -9.06
C ARG A 1190 -9.87 -19.47 -8.80
N PHE A 1191 -8.82 -19.14 -9.56
CA PHE A 1191 -7.47 -19.59 -9.25
C PHE A 1191 -6.87 -18.64 -8.22
N GLY A 1192 -6.50 -19.18 -7.07
CA GLY A 1192 -5.86 -18.39 -6.05
C GLY A 1192 -6.06 -18.98 -4.68
N ARG A 1193 -5.24 -18.54 -3.73
CA ARG A 1193 -5.28 -19.02 -2.37
C ARG A 1193 -6.42 -18.38 -1.59
N CYS B 19 -22.64 -22.61 7.22
CA CYS B 19 -21.89 -23.87 7.51
C CYS B 19 -21.67 -24.03 9.01
N SER B 20 -22.25 -25.08 9.59
CA SER B 20 -22.20 -25.31 11.02
C SER B 20 -21.90 -26.78 11.31
N SER B 21 -21.42 -27.03 12.52
CA SER B 21 -21.11 -28.37 12.98
C SER B 21 -21.40 -28.45 14.47
N PHE B 22 -22.14 -29.48 14.88
CA PHE B 22 -22.51 -29.68 16.27
C PHE B 22 -22.31 -31.14 16.65
N THR B 23 -21.77 -31.36 17.85
CA THR B 23 -21.68 -32.70 18.41
C THR B 23 -22.97 -33.04 19.16
N SER B 24 -23.48 -34.24 18.91
CA SER B 24 -24.67 -34.74 19.58
C SER B 24 -24.26 -35.71 20.68
N GLU B 25 -24.73 -35.45 21.90
CA GLU B 25 -24.32 -36.23 23.05
C GLU B 25 -25.25 -37.41 23.29
N SER B 26 -24.72 -38.41 23.98
CA SER B 26 -25.44 -39.64 24.32
C SER B 26 -25.72 -39.74 25.82
N ALA B 27 -25.89 -38.61 26.48
CA ALA B 27 -26.02 -38.56 27.93
C ALA B 27 -27.49 -38.63 28.36
N THR B 28 -27.69 -38.79 29.66
CA THR B 28 -29.03 -38.88 30.24
C THR B 28 -29.64 -37.48 30.31
N PRO B 29 -30.95 -37.35 30.08
CA PRO B 29 -31.58 -36.02 30.22
C PRO B 29 -31.45 -35.48 31.64
N LEU B 30 -31.29 -34.16 31.73
CA LEU B 30 -31.12 -33.47 32.99
C LEU B 30 -32.43 -32.81 33.42
N ALA B 31 -32.63 -32.72 34.74
CA ALA B 31 -33.88 -32.23 35.30
C ALA B 31 -34.07 -30.76 34.97
N ARG B 32 -35.27 -30.42 34.48
CA ARG B 32 -35.59 -29.01 34.19
C ARG B 32 -35.70 -28.22 35.49
N GLY B 33 -36.62 -28.61 36.35
CA GLY B 33 -36.79 -27.91 37.61
C GLY B 33 -35.68 -28.27 38.57
N ALA B 34 -34.75 -27.35 38.77
CA ALA B 34 -33.58 -27.59 39.58
C ALA B 34 -32.89 -26.27 39.86
N GLN B 35 -31.93 -26.31 40.77
CA GLN B 35 -31.17 -25.12 41.15
C GLN B 35 -29.94 -25.03 40.25
N TRP B 36 -30.03 -24.22 39.20
CA TRP B 36 -28.95 -24.03 38.24
C TRP B 36 -28.09 -22.84 38.64
N GLY B 37 -26.77 -22.97 38.41
CA GLY B 37 -25.86 -21.86 38.45
C GLY B 37 -25.37 -21.50 37.06
N LEU B 38 -24.53 -20.46 37.01
CA LEU B 38 -23.90 -20.07 35.74
C LEU B 38 -22.51 -19.52 36.08
N VAL B 39 -21.49 -20.31 35.78
CA VAL B 39 -20.09 -19.97 36.04
C VAL B 39 -19.55 -19.27 34.80
N PRO B 40 -18.59 -18.34 34.93
CA PRO B 40 -18.06 -17.69 33.72
C PRO B 40 -17.37 -18.67 32.79
N LEU B 41 -17.42 -18.36 31.50
CA LEU B 41 -16.88 -19.21 30.45
C LEU B 41 -15.40 -18.89 30.20
N LEU B 42 -14.68 -19.89 29.71
CA LEU B 42 -13.27 -19.73 29.39
C LEU B 42 -13.13 -19.15 27.98
N ASN B 43 -12.31 -18.12 27.85
CA ASN B 43 -12.09 -17.44 26.57
C ASN B 43 -10.78 -17.96 25.97
N TYR B 44 -10.84 -19.13 25.34
CA TYR B 44 -9.68 -19.65 24.64
C TYR B 44 -9.53 -19.06 23.24
N SER B 45 -10.57 -18.40 22.73
CA SER B 45 -10.39 -17.58 21.54
C SER B 45 -9.55 -16.35 21.89
N GLN B 46 -8.92 -15.78 20.87
CA GLN B 46 -8.06 -14.62 21.06
C GLN B 46 -8.82 -13.31 21.01
N ALA B 47 -10.14 -13.34 20.88
CA ALA B 47 -10.95 -12.13 20.94
C ALA B 47 -11.14 -11.73 22.40
N PRO B 48 -10.73 -10.54 22.83
CA PRO B 48 -10.91 -10.18 24.25
C PRO B 48 -12.38 -10.07 24.62
N GLN B 49 -12.67 -10.40 25.88
CA GLN B 49 -13.99 -10.26 26.48
C GLN B 49 -15.05 -11.14 25.82
N ALA B 50 -14.65 -12.07 24.95
CA ALA B 50 -15.63 -12.90 24.26
C ALA B 50 -16.34 -13.84 25.24
N GLY B 51 -15.69 -14.22 26.33
CA GLY B 51 -16.34 -15.06 27.32
C GLY B 51 -17.54 -14.38 27.96
N GLU B 52 -17.42 -13.09 28.27
CA GLU B 52 -18.53 -12.36 28.88
C GLU B 52 -19.70 -12.22 27.91
N ARG B 53 -19.41 -11.93 26.64
CA ARG B 53 -20.47 -11.85 25.65
C ARG B 53 -21.17 -13.19 25.49
N ALA B 54 -20.39 -14.26 25.46
CA ALA B 54 -20.97 -15.60 25.38
C ALA B 54 -21.85 -15.88 26.59
N GLU B 55 -21.40 -15.48 27.79
CA GLU B 55 -22.19 -15.71 28.98
C GLU B 55 -23.51 -14.93 28.95
N GLN B 56 -23.47 -13.68 28.48
CA GLN B 56 -24.71 -12.91 28.38
C GLN B 56 -25.68 -13.53 27.39
N ILE B 57 -25.20 -13.86 26.19
CA ILE B 57 -26.07 -14.47 25.21
C ILE B 57 -26.54 -15.84 25.68
N LEU B 58 -25.74 -16.53 26.49
CA LEU B 58 -26.14 -17.83 27.03
C LEU B 58 -27.20 -17.67 28.11
N LEU B 59 -27.10 -16.64 28.93
CA LEU B 59 -28.17 -16.36 29.88
C LEU B 59 -29.48 -16.08 29.16
N SER B 60 -29.41 -15.31 28.06
CA SER B 60 -30.63 -15.07 27.29
C SER B 60 -31.16 -16.35 26.66
N VAL B 61 -30.27 -17.18 26.10
CA VAL B 61 -30.69 -18.37 25.38
C VAL B 61 -31.28 -19.40 26.35
N LEU B 62 -30.68 -19.54 27.54
CA LEU B 62 -31.22 -20.45 28.54
C LEU B 62 -32.59 -20.01 29.01
N ALA B 63 -32.79 -18.70 29.18
CA ALA B 63 -34.10 -18.18 29.56
C ALA B 63 -35.17 -18.50 28.54
N GLU B 64 -34.80 -18.68 27.27
CA GLU B 64 -35.76 -19.07 26.25
C GLU B 64 -36.28 -20.48 26.46
N GLU B 65 -35.53 -21.31 27.18
CA GLU B 65 -35.92 -22.69 27.46
C GLU B 65 -36.44 -22.87 28.88
N GLY B 66 -36.75 -21.79 29.59
CA GLY B 66 -37.27 -21.90 30.93
C GLY B 66 -36.25 -22.17 32.00
N VAL B 67 -34.97 -21.91 31.74
CA VAL B 67 -33.90 -22.12 32.70
C VAL B 67 -33.42 -20.74 33.16
N ARG B 68 -33.38 -20.54 34.48
CA ARG B 68 -33.03 -19.25 35.09
C ARG B 68 -31.92 -19.49 36.10
N PRO B 69 -30.67 -19.65 35.63
CA PRO B 69 -29.58 -19.97 36.56
C PRO B 69 -29.20 -18.78 37.43
N ARG B 70 -28.56 -19.10 38.55
CA ARG B 70 -28.08 -18.09 39.49
C ARG B 70 -26.66 -17.67 39.10
N LEU B 71 -26.49 -16.41 38.76
CA LEU B 71 -25.19 -15.91 38.34
C LEU B 71 -24.22 -15.89 39.50
N TYR B 72 -22.95 -16.18 39.21
CA TYR B 72 -21.93 -16.16 40.25
C TYR B 72 -21.61 -14.71 40.63
N PRO B 73 -21.53 -14.38 41.92
CA PRO B 73 -21.23 -12.99 42.29
C PRO B 73 -19.80 -12.61 41.89
N ALA B 74 -19.66 -11.48 41.23
CA ALA B 74 -18.35 -11.01 40.81
C ALA B 74 -17.53 -10.59 42.03
N GLN B 75 -16.21 -10.53 41.84
CA GLN B 75 -15.27 -10.16 42.87
C GLN B 75 -14.33 -9.06 42.35
N PRO B 76 -13.79 -8.23 43.24
CA PRO B 76 -12.88 -7.16 42.76
C PRO B 76 -11.63 -7.75 42.11
N GLN B 77 -11.14 -7.04 41.10
CA GLN B 77 -9.96 -7.45 40.34
C GLN B 77 -8.96 -6.30 40.38
N GLY B 78 -8.03 -6.36 41.34
CA GLY B 78 -7.00 -5.35 41.50
C GLY B 78 -5.61 -5.83 41.14
N ASP B 79 -5.48 -7.11 40.80
CA ASP B 79 -4.20 -7.73 40.50
C ASP B 79 -4.26 -8.42 39.14
N LEU B 80 -3.11 -8.50 38.48
CA LEU B 80 -3.02 -9.14 37.17
C LEU B 80 -3.05 -10.66 37.24
N GLN B 81 -2.89 -11.25 38.42
CA GLN B 81 -3.02 -12.71 38.54
C GLN B 81 -4.47 -13.16 38.52
N LEU B 82 -5.42 -12.25 38.74
CA LEU B 82 -6.84 -12.58 38.70
C LEU B 82 -7.41 -12.38 37.29
N VAL B 83 -6.74 -13.00 36.31
CA VAL B 83 -7.15 -12.93 34.91
C VAL B 83 -7.36 -14.33 34.35
N ASP B 84 -6.70 -15.32 34.96
CA ASP B 84 -6.85 -16.71 34.51
C ASP B 84 -8.30 -17.14 34.64
N ASP B 85 -8.89 -17.55 33.51
CA ASP B 85 -10.30 -17.94 33.52
C ASP B 85 -10.50 -19.23 34.29
N ARG B 86 -9.51 -20.13 34.30
CA ARG B 86 -9.62 -21.35 35.08
C ARG B 86 -9.69 -21.05 36.57
N GLU B 87 -8.88 -20.09 37.04
CA GLU B 87 -8.91 -19.72 38.45
C GLU B 87 -10.27 -19.19 38.84
N ARG B 88 -10.84 -18.30 38.02
CA ARG B 88 -12.17 -17.76 38.30
C ARG B 88 -13.21 -18.88 38.26
N GLN B 89 -13.09 -19.80 37.30
CA GLN B 89 -14.07 -20.87 37.18
C GLN B 89 -14.04 -21.78 38.39
N GLN B 90 -12.86 -22.08 38.93
CA GLN B 90 -12.79 -22.89 40.14
C GLN B 90 -13.30 -22.11 41.36
N ARG B 91 -12.91 -20.83 41.45
CA ARG B 91 -13.37 -19.96 42.51
C ARG B 91 -14.89 -19.81 42.52
N ALA B 92 -15.53 -20.00 41.37
CA ALA B 92 -16.99 -20.00 41.25
C ALA B 92 -17.59 -21.38 41.42
N LEU B 93 -16.87 -22.43 41.06
CA LEU B 93 -17.36 -23.79 41.32
C LEU B 93 -17.49 -24.03 42.82
N ASP B 94 -16.53 -23.55 43.61
CA ASP B 94 -16.68 -23.69 45.05
C ASP B 94 -17.90 -22.90 45.55
N TRP B 95 -18.11 -21.70 45.01
CA TRP B 95 -19.31 -20.93 45.34
C TRP B 95 -20.56 -21.75 45.07
N ALA B 96 -20.64 -22.36 43.89
CA ALA B 96 -21.78 -23.21 43.55
C ALA B 96 -21.91 -24.34 44.56
N ARG B 97 -20.79 -24.86 45.04
CA ARG B 97 -20.83 -25.93 46.03
C ARG B 97 -21.46 -25.45 47.34
N GLN B 98 -21.10 -24.24 47.79
CA GLN B 98 -21.63 -23.75 49.07
C GLN B 98 -23.15 -23.59 49.00
N GLN B 99 -23.67 -23.03 47.92
CA GLN B 99 -25.09 -22.78 47.80
C GLN B 99 -25.89 -24.02 47.39
N LYS B 100 -25.24 -25.16 47.18
CA LYS B 100 -25.90 -26.44 46.96
C LYS B 100 -26.82 -26.38 45.74
N LEU B 101 -26.24 -26.01 44.61
CA LEU B 101 -26.94 -26.03 43.35
C LEU B 101 -26.93 -27.44 42.77
N ALA B 102 -27.99 -27.78 42.04
CA ALA B 102 -28.05 -29.10 41.41
C ALA B 102 -27.14 -29.17 40.20
N TYR B 103 -27.17 -28.13 39.36
CA TYR B 103 -26.48 -28.12 38.08
C TYR B 103 -25.74 -26.78 37.94
N VAL B 104 -24.69 -26.79 37.13
CA VAL B 104 -23.89 -25.61 36.86
C VAL B 104 -23.51 -25.62 35.39
N VAL B 105 -23.97 -24.61 34.66
CA VAL B 105 -23.66 -24.46 33.25
C VAL B 105 -22.38 -23.64 33.12
N THR B 106 -21.44 -24.14 32.34
CA THR B 106 -20.21 -23.43 32.03
C THR B 106 -19.81 -23.81 30.61
N GLY B 107 -18.58 -23.51 30.24
CA GLY B 107 -18.12 -23.82 28.90
C GLY B 107 -16.92 -22.97 28.53
N SER B 108 -16.65 -22.91 27.23
CA SER B 108 -15.52 -22.16 26.72
C SER B 108 -15.88 -21.59 25.36
N VAL B 109 -15.16 -20.54 24.97
CA VAL B 109 -15.29 -19.93 23.65
C VAL B 109 -14.07 -20.32 22.84
N GLU B 110 -14.29 -21.07 21.77
CA GLU B 110 -13.20 -21.50 20.90
C GLU B 110 -12.89 -20.47 19.82
N GLU B 111 -13.91 -19.94 19.16
CA GLU B 111 -13.73 -19.00 18.07
C GLU B 111 -14.73 -17.86 18.23
N TRP B 112 -14.25 -16.63 18.06
CA TRP B 112 -15.11 -15.45 18.09
C TRP B 112 -14.44 -14.38 17.21
N GLN B 113 -14.82 -14.36 15.93
CA GLN B 113 -14.16 -13.44 15.00
C GLN B 113 -14.87 -13.45 13.66
N TYR B 114 -14.71 -12.34 12.93
CA TYR B 114 -15.00 -12.29 11.51
C TYR B 114 -13.78 -12.77 10.74
N LYS B 115 -14.01 -13.61 9.74
CA LYS B 115 -12.90 -14.12 8.96
C LYS B 115 -12.33 -13.01 8.07
N ASN B 116 -11.11 -13.24 7.59
CA ASN B 116 -10.38 -12.24 6.82
C ASN B 116 -10.43 -12.47 5.31
N GLY B 117 -11.18 -13.47 4.86
CA GLY B 117 -11.32 -13.72 3.44
C GLY B 117 -12.20 -12.68 2.78
N LEU B 118 -12.55 -12.96 1.51
CA LEU B 118 -13.44 -12.06 0.79
C LEU B 118 -14.79 -11.96 1.48
N ASP B 119 -15.35 -13.10 1.89
CA ASP B 119 -16.70 -13.09 2.45
C ASP B 119 -16.73 -12.45 3.83
N GLY B 120 -15.70 -12.68 4.64
CA GLY B 120 -15.65 -12.10 5.97
C GLY B 120 -16.81 -12.49 6.85
N GLU B 121 -17.23 -13.75 6.78
CA GLU B 121 -18.39 -14.20 7.53
C GLU B 121 -18.03 -14.31 9.03
N PRO B 122 -19.02 -14.24 9.91
CA PRO B 122 -18.74 -14.47 11.33
C PRO B 122 -18.49 -15.93 11.60
N ALA B 123 -17.44 -16.20 12.38
CA ALA B 123 -17.08 -17.55 12.78
C ALA B 123 -17.12 -17.63 14.29
N VAL B 124 -17.99 -18.49 14.82
CA VAL B 124 -18.14 -18.68 16.26
C VAL B 124 -18.02 -20.16 16.56
N GLY B 125 -17.22 -20.48 17.59
CA GLY B 125 -17.14 -21.82 18.11
C GLY B 125 -17.23 -21.81 19.62
N VAL B 126 -18.24 -22.48 20.17
CA VAL B 126 -18.51 -22.47 21.61
C VAL B 126 -18.73 -23.90 22.07
N SER B 127 -18.17 -24.22 23.23
CA SER B 127 -18.36 -25.50 23.89
C SER B 127 -19.12 -25.27 25.19
N LEU B 128 -20.09 -26.13 25.47
CA LEU B 128 -20.96 -26.01 26.63
C LEU B 128 -20.85 -27.25 27.51
N GLN B 129 -20.82 -27.03 28.83
CA GLN B 129 -20.72 -28.11 29.80
C GLN B 129 -21.72 -27.90 30.92
N VAL B 130 -22.21 -28.99 31.49
CA VAL B 130 -23.04 -28.98 32.68
C VAL B 130 -22.38 -29.90 33.69
N LEU B 131 -21.94 -29.34 34.81
CA LEU B 131 -21.20 -30.06 35.83
C LEU B 131 -22.04 -30.24 37.09
N GLU B 132 -21.78 -31.32 37.81
CA GLU B 132 -22.34 -31.50 39.14
C GLU B 132 -21.48 -30.71 40.13
N PRO B 133 -22.03 -29.70 40.83
CA PRO B 133 -21.16 -28.84 41.64
C PRO B 133 -20.39 -29.55 42.73
N ALA B 134 -20.98 -30.56 43.37
CA ALA B 134 -20.30 -31.23 44.48
C ALA B 134 -19.13 -32.07 43.98
N SER B 135 -19.41 -33.01 43.09
CA SER B 135 -18.36 -33.87 42.55
C SER B 135 -17.51 -33.17 41.51
N GLY B 136 -18.10 -32.25 40.74
CA GLY B 136 -17.42 -31.65 39.61
C GLY B 136 -17.44 -32.49 38.35
N ARG B 137 -18.14 -33.62 38.36
CA ARG B 137 -18.19 -34.48 37.19
C ARG B 137 -18.91 -33.79 36.04
N VAL B 138 -18.46 -34.04 34.82
CA VAL B 138 -19.12 -33.52 33.63
C VAL B 138 -20.32 -34.39 33.32
N LEU B 139 -21.52 -33.79 33.34
CA LEU B 139 -22.75 -34.49 32.99
C LEU B 139 -23.16 -34.26 31.54
N TRP B 140 -22.81 -33.12 30.97
CA TRP B 140 -23.10 -32.82 29.58
C TRP B 140 -21.90 -32.10 28.98
N SER B 141 -21.69 -32.28 27.68
CA SER B 141 -20.56 -31.70 26.98
C SER B 141 -20.88 -31.70 25.50
N THR B 142 -21.04 -30.50 24.92
CA THR B 142 -21.31 -30.35 23.50
C THR B 142 -20.52 -29.17 22.96
N SER B 143 -20.16 -29.27 21.67
CA SER B 143 -19.41 -28.23 20.99
C SER B 143 -20.13 -27.88 19.70
N GLY B 144 -20.28 -26.58 19.46
CA GLY B 144 -20.92 -26.10 18.25
C GLY B 144 -20.06 -25.06 17.57
N ALA B 145 -20.08 -25.08 16.24
CA ALA B 145 -19.34 -24.13 15.44
C ALA B 145 -20.20 -23.69 14.27
N ARG B 146 -19.99 -22.45 13.83
CA ARG B 146 -20.77 -21.91 12.72
C ARG B 146 -19.92 -20.92 11.96
N ALA B 147 -19.99 -20.98 10.63
CA ALA B 147 -19.52 -19.93 9.75
C ALA B 147 -20.76 -19.33 9.10
N GLY B 148 -21.19 -18.17 9.60
CA GLY B 148 -22.47 -17.61 9.25
C GLY B 148 -22.48 -16.96 7.89
N TRP B 149 -23.51 -16.16 7.65
CA TRP B 149 -23.62 -15.37 6.44
C TRP B 149 -22.75 -14.14 6.53
N SER B 150 -22.23 -13.70 5.38
CA SER B 150 -21.46 -12.47 5.35
C SER B 150 -22.29 -11.27 5.78
N ARG B 151 -23.61 -11.33 5.62
CA ARG B 151 -24.52 -10.28 6.08
C ARG B 151 -25.03 -10.51 7.49
N GLU B 152 -24.50 -11.50 8.20
CA GLU B 152 -24.89 -11.81 9.56
C GLU B 152 -23.86 -11.25 10.54
N SER B 153 -24.33 -10.85 11.72
CA SER B 153 -23.45 -10.29 12.73
C SER B 153 -22.77 -11.40 13.53
N LEU B 154 -21.70 -11.02 14.24
CA LEU B 154 -21.00 -11.97 15.09
C LEU B 154 -21.85 -12.37 16.29
N ALA B 155 -22.51 -11.38 16.91
CA ALA B 155 -23.39 -11.69 18.04
C ALA B 155 -24.55 -12.56 17.63
N GLY B 156 -25.11 -12.32 16.44
CA GLY B 156 -26.19 -13.16 15.96
C GLY B 156 -25.75 -14.59 15.71
N ALA B 157 -24.56 -14.76 15.14
CA ALA B 157 -24.03 -16.10 14.92
C ALA B 157 -23.81 -16.81 16.25
N ALA B 158 -23.25 -16.11 17.23
CA ALA B 158 -23.07 -16.70 18.55
C ALA B 158 -24.41 -17.09 19.17
N GLN B 159 -25.42 -16.25 18.99
CA GLN B 159 -26.75 -16.57 19.50
C GLN B 159 -27.30 -17.82 18.84
N LYS B 160 -27.14 -17.96 17.52
CA LYS B 160 -27.61 -19.16 16.85
C LYS B 160 -26.89 -20.41 17.36
N VAL B 161 -25.57 -20.33 17.50
CA VAL B 161 -24.81 -21.49 17.96
C VAL B 161 -25.23 -21.88 19.36
N LEU B 162 -25.37 -20.88 20.24
CA LEU B 162 -25.78 -21.17 21.62
C LEU B 162 -27.20 -21.70 21.67
N ARG B 163 -28.09 -21.22 20.80
CA ARG B 163 -29.45 -21.74 20.75
C ARG B 163 -29.47 -23.21 20.37
N GLU B 164 -28.68 -23.57 19.35
CA GLU B 164 -28.66 -24.97 18.94
C GLU B 164 -27.97 -25.86 19.98
N LEU B 165 -26.95 -25.34 20.67
CA LEU B 165 -26.34 -26.11 21.75
C LEU B 165 -27.29 -26.29 22.92
N VAL B 166 -27.91 -25.20 23.36
CA VAL B 166 -28.88 -25.28 24.45
C VAL B 166 -30.14 -25.99 23.99
N GLY B 167 -30.51 -25.87 22.71
CA GLY B 167 -31.68 -26.56 22.21
C GLY B 167 -31.58 -28.06 22.27
N ASP B 168 -30.43 -28.61 21.90
CA ASP B 168 -30.22 -30.06 21.94
C ASP B 168 -30.02 -30.57 23.37
N LEU B 169 -29.79 -29.69 24.34
CA LEU B 169 -29.70 -30.11 25.72
C LEU B 169 -31.00 -30.79 26.14
N ARG B 170 -30.88 -31.99 26.71
CA ARG B 170 -32.04 -32.80 27.07
C ARG B 170 -32.54 -32.35 28.43
N LEU B 171 -33.66 -31.63 28.44
CA LEU B 171 -34.28 -31.13 29.66
C LEU B 171 -35.65 -31.74 29.81
N GLU B 172 -35.99 -32.15 31.03
CA GLU B 172 -37.29 -32.74 31.32
C GLU B 172 -37.94 -32.10 32.55
N CYS C 19 -30.26 -8.98 8.12
CA CYS C 19 -30.13 -10.18 8.98
C CYS C 19 -30.04 -9.81 10.46
N SER C 20 -30.98 -10.32 11.25
CA SER C 20 -31.03 -10.07 12.68
C SER C 20 -31.57 -11.30 13.38
N SER C 21 -31.31 -11.38 14.68
CA SER C 21 -31.78 -12.51 15.49
C SER C 21 -32.07 -12.00 16.89
N PHE C 22 -33.16 -12.53 17.48
CA PHE C 22 -33.61 -12.11 18.80
C PHE C 22 -34.04 -13.33 19.59
N THR C 23 -33.85 -13.25 20.90
CA THR C 23 -34.23 -14.32 21.81
C THR C 23 -35.65 -14.06 22.31
N SER C 24 -36.45 -15.12 22.39
CA SER C 24 -37.84 -15.03 22.81
C SER C 24 -37.96 -15.54 24.25
N GLU C 25 -38.08 -14.60 25.19
CA GLU C 25 -38.19 -14.96 26.59
C GLU C 25 -39.50 -15.71 26.84
N SER C 26 -39.45 -16.63 27.80
CA SER C 26 -40.60 -17.43 28.20
C SER C 26 -41.03 -17.13 29.64
N ALA C 27 -41.06 -15.85 30.00
CA ALA C 27 -41.34 -15.42 31.36
C ALA C 27 -42.74 -14.81 31.42
N THR C 28 -43.13 -14.32 32.62
CA THR C 28 -44.45 -13.75 32.81
C THR C 28 -44.46 -12.27 32.42
N PRO C 29 -45.58 -11.72 31.95
CA PRO C 29 -45.64 -10.27 31.73
C PRO C 29 -45.32 -9.49 32.99
N LEU C 30 -44.63 -8.36 32.80
CA LEU C 30 -44.31 -7.45 33.90
C LEU C 30 -45.38 -6.35 33.98
N ALA C 31 -45.20 -5.43 34.93
CA ALA C 31 -46.18 -4.39 35.22
C ALA C 31 -45.64 -3.04 34.75
N ARG C 32 -46.35 -2.42 33.79
CA ARG C 32 -45.94 -1.11 33.31
C ARG C 32 -46.06 -0.06 34.41
N GLY C 33 -47.14 -0.09 35.17
CA GLY C 33 -47.35 0.88 36.23
C GLY C 33 -46.56 0.56 37.47
N ALA C 34 -45.24 0.72 37.40
CA ALA C 34 -44.34 0.42 38.51
C ALA C 34 -43.21 1.45 38.53
N GLN C 35 -42.38 1.37 39.56
CA GLN C 35 -41.24 2.27 39.73
C GLN C 35 -40.04 1.66 39.04
N TRP C 36 -39.80 2.06 37.80
CA TRP C 36 -38.69 1.54 37.01
C TRP C 36 -37.43 2.34 37.28
N GLY C 37 -36.31 1.64 37.49
CA GLY C 37 -35.00 2.25 37.51
C GLY C 37 -34.28 2.03 36.19
N LEU C 38 -33.07 2.58 36.10
CA LEU C 38 -32.23 2.41 34.92
C LEU C 38 -30.79 2.43 35.41
N VAL C 39 -30.13 1.27 35.32
CA VAL C 39 -28.77 1.09 35.81
C VAL C 39 -27.86 1.03 34.60
N PRO C 40 -26.61 1.51 34.68
CA PRO C 40 -25.76 1.53 33.49
C PRO C 40 -25.53 0.16 32.88
N LEU C 41 -25.41 0.13 31.55
CA LEU C 41 -25.19 -1.08 30.80
C LEU C 41 -23.70 -1.37 30.67
N LEU C 42 -23.35 -2.66 30.76
CA LEU C 42 -21.96 -3.07 30.62
C LEU C 42 -21.54 -3.02 29.15
N ASN C 43 -20.26 -2.72 28.92
CA ASN C 43 -19.71 -2.60 27.58
C ASN C 43 -18.67 -3.70 27.37
N TYR C 44 -19.13 -4.86 26.91
CA TYR C 44 -18.24 -5.95 26.54
C TYR C 44 -17.77 -5.87 25.09
N SER C 45 -18.34 -4.97 24.30
CA SER C 45 -17.77 -4.64 23.01
C SER C 45 -16.52 -3.79 23.19
N GLN C 46 -15.77 -3.62 22.11
CA GLN C 46 -14.56 -2.82 22.13
C GLN C 46 -14.78 -1.39 21.67
N ALA C 47 -16.01 -1.00 21.42
CA ALA C 47 -16.31 0.40 21.10
C ALA C 47 -16.38 1.22 22.38
N PRO C 48 -15.59 2.28 22.54
CA PRO C 48 -15.69 3.08 23.77
C PRO C 48 -17.07 3.71 23.93
N GLN C 49 -17.53 3.75 25.18
CA GLN C 49 -18.76 4.46 25.55
C GLN C 49 -19.98 3.92 24.81
N ALA C 50 -19.91 2.67 24.37
CA ALA C 50 -21.07 2.04 23.76
C ALA C 50 -22.16 1.73 24.76
N GLY C 51 -21.81 1.47 26.01
CA GLY C 51 -22.82 1.31 27.05
C GLY C 51 -23.64 2.57 27.25
N GLU C 52 -22.98 3.73 27.25
CA GLU C 52 -23.69 4.99 27.41
C GLU C 52 -24.61 5.27 26.23
N ARG C 53 -24.14 5.01 25.01
CA ARG C 53 -24.98 5.20 23.83
C ARG C 53 -26.19 4.28 23.89
N ALA C 54 -25.98 3.02 24.26
CA ALA C 54 -27.09 2.09 24.44
C ALA C 54 -28.05 2.60 25.50
N GLU C 55 -27.51 3.17 26.58
CA GLU C 55 -28.36 3.72 27.64
C GLU C 55 -29.26 4.82 27.12
N GLN C 56 -28.70 5.76 26.36
CA GLN C 56 -29.50 6.87 25.84
C GLN C 56 -30.57 6.37 24.87
N ILE C 57 -30.17 5.51 23.93
CA ILE C 57 -31.16 5.02 22.97
C ILE C 57 -32.21 4.17 23.66
N LEU C 58 -31.84 3.46 24.73
CA LEU C 58 -32.81 2.65 25.46
C LEU C 58 -33.76 3.54 26.26
N LEU C 59 -33.27 4.65 26.80
CA LEU C 59 -34.16 5.60 27.44
C LEU C 59 -35.17 6.14 26.45
N SER C 60 -34.72 6.45 25.24
CA SER C 60 -35.65 6.90 24.20
C SER C 60 -36.63 5.81 23.80
N VAL C 61 -36.17 4.56 23.72
CA VAL C 61 -37.01 3.47 23.23
C VAL C 61 -38.05 3.07 24.27
N LEU C 62 -37.66 3.03 25.55
CA LEU C 62 -38.63 2.74 26.60
C LEU C 62 -39.69 3.82 26.70
N ALA C 63 -39.31 5.09 26.52
CA ALA C 63 -40.28 6.17 26.54
C ALA C 63 -41.33 6.00 25.46
N GLU C 64 -40.93 5.42 24.31
CA GLU C 64 -41.88 5.15 23.25
C GLU C 64 -42.95 4.13 23.64
N GLU C 65 -42.66 3.29 24.64
CA GLU C 65 -43.57 2.25 25.10
C GLU C 65 -44.24 2.59 26.43
N GLY C 66 -44.27 3.86 26.80
CA GLY C 66 -44.94 4.26 28.02
C GLY C 66 -44.19 3.96 29.29
N VAL C 67 -42.89 3.66 29.20
CA VAL C 67 -42.05 3.38 30.36
C VAL C 67 -41.11 4.55 30.54
N ARG C 68 -41.04 5.08 31.76
CA ARG C 68 -40.21 6.24 32.11
C ARG C 68 -39.33 5.88 33.29
N PRO C 69 -38.21 5.20 33.07
CA PRO C 69 -37.36 4.79 34.19
C PRO C 69 -36.73 5.98 34.89
N ARG C 70 -36.45 5.79 36.18
CA ARG C 70 -35.69 6.77 36.96
C ARG C 70 -34.20 6.49 36.78
N LEU C 71 -33.45 7.49 36.33
CA LEU C 71 -32.05 7.30 36.03
C LEU C 71 -31.25 7.20 37.33
N TYR C 72 -29.94 6.92 37.19
CA TYR C 72 -29.06 6.59 38.30
C TYR C 72 -28.13 7.76 38.65
N PRO C 73 -28.02 8.15 39.92
CA PRO C 73 -27.19 9.31 40.27
C PRO C 73 -25.72 9.06 39.99
N ALA C 74 -24.96 10.16 39.93
CA ALA C 74 -23.56 10.08 39.52
C ALA C 74 -22.70 9.23 40.46
N GLN C 75 -22.51 9.69 41.72
CA GLN C 75 -21.40 9.18 42.54
C GLN C 75 -20.13 9.19 41.71
N PRO C 76 -19.58 10.39 41.39
CA PRO C 76 -18.56 10.48 40.34
C PRO C 76 -17.36 9.58 40.56
N GLN C 77 -16.96 8.87 39.52
CA GLN C 77 -15.90 7.87 39.58
C GLN C 77 -14.53 8.50 39.36
N GLY C 78 -13.49 7.76 39.72
CA GLY C 78 -12.13 8.18 39.51
C GLY C 78 -11.64 7.81 38.12
N ASP C 79 -10.48 7.14 38.09
CA ASP C 79 -9.91 6.67 36.83
C ASP C 79 -10.88 5.70 36.16
N LEU C 80 -11.42 6.10 35.00
CA LEU C 80 -12.46 5.29 34.36
C LEU C 80 -11.91 3.96 33.87
N GLN C 81 -10.69 3.96 33.33
CA GLN C 81 -10.14 2.73 32.76
C GLN C 81 -9.77 1.70 33.83
N LEU C 82 -9.60 2.13 35.08
CA LEU C 82 -9.26 1.22 36.17
C LEU C 82 -10.50 0.71 36.89
N VAL C 83 -11.51 1.56 37.07
CA VAL C 83 -12.72 1.15 37.77
C VAL C 83 -13.51 0.21 36.89
N ASP C 84 -13.86 -0.95 37.43
CA ASP C 84 -14.53 -2.00 36.67
C ASP C 84 -15.99 -1.63 36.44
N ASP C 85 -16.50 -2.00 35.26
CA ASP C 85 -17.89 -1.72 34.93
C ASP C 85 -18.86 -2.45 35.86
N ARG C 86 -18.55 -3.71 36.19
CA ARG C 86 -19.44 -4.48 37.05
C ARG C 86 -19.58 -3.84 38.42
N GLU C 87 -18.52 -3.20 38.91
CA GLU C 87 -18.60 -2.59 40.24
C GLU C 87 -19.46 -1.33 40.20
N ARG C 88 -19.34 -0.51 39.16
CA ARG C 88 -20.26 0.63 39.02
C ARG C 88 -21.70 0.14 38.94
N GLN C 89 -21.92 -0.93 38.17
CA GLN C 89 -23.26 -1.49 38.06
C GLN C 89 -23.78 -1.95 39.41
N GLN C 90 -22.91 -2.56 40.22
CA GLN C 90 -23.33 -3.02 41.54
C GLN C 90 -23.68 -1.85 42.44
N ARG C 91 -22.91 -0.76 42.35
CA ARG C 91 -23.28 0.45 43.09
C ARG C 91 -24.63 0.97 42.65
N ALA C 92 -24.92 0.88 41.35
CA ALA C 92 -26.22 1.32 40.85
C ALA C 92 -27.35 0.46 41.40
N LEU C 93 -27.16 -0.87 41.42
CA LEU C 93 -28.17 -1.73 42.06
C LEU C 93 -28.33 -1.42 43.53
N ASP C 94 -27.24 -1.12 44.24
CA ASP C 94 -27.38 -0.72 45.63
C ASP C 94 -28.25 0.53 45.75
N TRP C 95 -27.97 1.54 44.92
CA TRP C 95 -28.77 2.76 44.93
C TRP C 95 -30.24 2.45 44.69
N ALA C 96 -30.53 1.63 43.69
CA ALA C 96 -31.91 1.27 43.38
C ALA C 96 -32.56 0.56 44.55
N ARG C 97 -31.77 -0.21 45.30
CA ARG C 97 -32.30 -0.89 46.47
C ARG C 97 -32.67 0.12 47.55
N GLN C 98 -31.86 1.17 47.75
CA GLN C 98 -32.21 2.15 48.78
C GLN C 98 -33.46 2.93 48.40
N GLN C 99 -33.55 3.35 47.13
CA GLN C 99 -34.66 4.19 46.70
C GLN C 99 -35.97 3.42 46.51
N LYS C 100 -36.02 2.11 46.78
CA LYS C 100 -37.24 1.33 46.71
C LYS C 100 -37.83 1.35 45.30
N LEU C 101 -36.98 1.03 44.33
CA LEU C 101 -37.42 0.84 42.96
C LEU C 101 -38.03 -0.54 42.81
N ALA C 102 -39.06 -0.62 41.95
CA ALA C 102 -39.67 -1.92 41.68
C ALA C 102 -38.81 -2.73 40.73
N TYR C 103 -38.46 -2.14 39.58
CA TYR C 103 -37.68 -2.78 38.53
C TYR C 103 -36.45 -1.94 38.23
N VAL C 104 -35.42 -2.61 37.72
CA VAL C 104 -34.25 -1.93 37.16
C VAL C 104 -33.93 -2.56 35.82
N VAL C 105 -33.94 -1.74 34.77
CA VAL C 105 -33.52 -2.21 33.44
C VAL C 105 -32.03 -1.98 33.29
N THR C 106 -31.33 -3.04 32.89
CA THR C 106 -29.89 -2.98 32.66
C THR C 106 -29.57 -3.96 31.54
N GLY C 107 -28.31 -4.28 31.38
CA GLY C 107 -27.89 -5.20 30.34
C GLY C 107 -26.45 -4.97 29.97
N SER C 108 -26.11 -5.35 28.75
CA SER C 108 -24.75 -5.22 28.27
C SER C 108 -24.75 -5.06 26.75
N VAL C 109 -23.66 -4.51 26.24
CA VAL C 109 -23.44 -4.35 24.81
C VAL C 109 -22.39 -5.36 24.39
N GLU C 110 -22.73 -6.22 23.43
CA GLU C 110 -21.84 -7.24 22.92
C GLU C 110 -21.13 -6.83 21.65
N GLU C 111 -21.83 -6.14 20.74
CA GLU C 111 -21.26 -5.68 19.49
C GLU C 111 -21.69 -4.24 19.24
N TRP C 112 -20.74 -3.40 18.84
CA TRP C 112 -21.05 -2.03 18.45
C TRP C 112 -19.96 -1.58 17.46
N GLN C 113 -20.23 -1.76 16.17
CA GLN C 113 -19.20 -1.42 15.19
C GLN C 113 -19.73 -1.53 13.76
N TYR C 114 -19.10 -0.78 12.87
CA TYR C 114 -19.20 -1.05 11.44
C TYR C 114 -18.24 -2.17 11.07
N LYS C 115 -18.71 -3.12 10.28
CA LYS C 115 -17.87 -4.24 9.90
C LYS C 115 -16.76 -3.78 8.97
N ASN C 116 -15.67 -4.54 8.96
CA ASN C 116 -14.49 -4.23 8.15
C ASN C 116 -14.50 -4.95 6.81
N GLY C 117 -15.60 -5.58 6.43
CA GLY C 117 -15.68 -6.29 5.18
C GLY C 117 -15.87 -5.36 4.01
N LEU C 118 -16.24 -5.93 2.87
CA LEU C 118 -16.45 -5.17 1.65
C LEU C 118 -17.83 -4.51 1.61
N ASP C 119 -18.69 -4.77 2.59
CA ASP C 119 -19.98 -4.10 2.72
C ASP C 119 -20.00 -3.01 3.77
N GLY C 120 -19.24 -3.15 4.84
CA GLY C 120 -19.14 -2.10 5.84
C GLY C 120 -20.44 -1.80 6.54
N GLU C 121 -21.29 -2.80 6.71
CA GLU C 121 -22.60 -2.58 7.32
C GLU C 121 -22.48 -2.47 8.83
N PRO C 122 -23.45 -1.81 9.49
CA PRO C 122 -23.39 -1.74 10.95
C PRO C 122 -23.80 -3.05 11.60
N ALA C 123 -23.14 -3.37 12.71
CA ALA C 123 -23.41 -4.60 13.45
C ALA C 123 -23.51 -4.27 14.93
N VAL C 124 -24.64 -4.59 15.53
CA VAL C 124 -24.91 -4.26 16.94
C VAL C 124 -25.46 -5.50 17.62
N GLY C 125 -24.99 -5.75 18.84
CA GLY C 125 -25.52 -6.82 19.67
C GLY C 125 -25.65 -6.36 21.11
N VAL C 126 -26.86 -6.45 21.66
CA VAL C 126 -27.17 -5.91 22.99
C VAL C 126 -28.04 -6.92 23.72
N SER C 127 -27.82 -7.05 25.03
CA SER C 127 -28.65 -7.86 25.90
C SER C 127 -29.41 -6.96 26.86
N LEU C 128 -30.68 -7.27 27.08
CA LEU C 128 -31.56 -6.50 27.95
C LEU C 128 -31.99 -7.39 29.11
N GLN C 129 -31.84 -6.88 30.34
CA GLN C 129 -32.16 -7.63 31.54
C GLN C 129 -32.98 -6.77 32.49
N VAL C 130 -34.05 -7.34 33.03
CA VAL C 130 -34.87 -6.69 34.05
C VAL C 130 -34.68 -7.48 35.34
N LEU C 131 -34.26 -6.77 36.39
CA LEU C 131 -33.96 -7.37 37.68
C LEU C 131 -34.88 -6.84 38.77
N GLU C 132 -34.99 -7.60 39.85
CA GLU C 132 -35.62 -7.11 41.07
C GLU C 132 -34.52 -6.48 41.91
N PRO C 133 -34.56 -5.16 42.22
CA PRO C 133 -33.41 -4.51 42.83
C PRO C 133 -32.94 -5.13 44.15
N ALA C 134 -33.88 -5.56 44.99
CA ALA C 134 -33.51 -6.09 46.30
C ALA C 134 -32.88 -7.48 46.18
N SER C 135 -33.64 -8.44 45.65
CA SER C 135 -33.13 -9.79 45.52
C SER C 135 -32.07 -9.88 44.42
N GLY C 136 -32.32 -9.22 43.30
CA GLY C 136 -31.47 -9.31 42.13
C GLY C 136 -31.87 -10.38 41.14
N ARG C 137 -32.98 -11.07 41.38
CA ARG C 137 -33.43 -12.12 40.48
C ARG C 137 -33.70 -11.56 39.10
N VAL C 138 -33.27 -12.28 38.07
CA VAL C 138 -33.51 -11.88 36.69
C VAL C 138 -34.94 -12.27 36.31
N LEU C 139 -35.80 -11.27 36.15
CA LEU C 139 -37.17 -11.50 35.71
C LEU C 139 -37.30 -11.57 34.20
N TRP C 140 -36.35 -10.99 33.46
CA TRP C 140 -36.41 -10.95 32.00
C TRP C 140 -34.99 -10.91 31.47
N SER C 141 -34.77 -11.58 30.34
CA SER C 141 -33.44 -11.64 29.74
C SER C 141 -33.60 -11.94 28.25
N THR C 142 -33.34 -10.95 27.41
CA THR C 142 -33.39 -11.11 25.96
C THR C 142 -32.15 -10.48 25.35
N SER C 143 -31.62 -11.12 24.31
CA SER C 143 -30.48 -10.63 23.55
C SER C 143 -30.86 -10.50 22.09
N GLY C 144 -30.46 -9.40 21.49
CA GLY C 144 -30.75 -9.14 20.10
C GLY C 144 -29.50 -8.72 19.35
N ALA C 145 -29.44 -9.11 18.08
CA ALA C 145 -28.32 -8.79 17.23
C ALA C 145 -28.85 -8.41 15.85
N ARG C 146 -28.11 -7.55 15.17
CA ARG C 146 -28.49 -7.12 13.83
C ARG C 146 -27.25 -6.71 13.07
N ALA C 147 -27.18 -7.13 11.80
CA ALA C 147 -26.25 -6.59 10.83
C ALA C 147 -27.08 -5.92 9.74
N GLY C 148 -27.03 -4.60 9.68
CA GLY C 148 -27.93 -3.82 8.85
C GLY C 148 -27.46 -3.65 7.42
N TRP C 149 -27.96 -2.60 6.78
CA TRP C 149 -27.61 -2.28 5.40
C TRP C 149 -26.36 -1.41 5.36
N SER C 150 -25.69 -1.44 4.20
CA SER C 150 -24.56 -0.55 4.00
C SER C 150 -24.97 0.90 4.07
N ARG C 151 -26.22 1.21 3.71
CA ARG C 151 -26.76 2.55 3.79
C ARG C 151 -27.31 2.89 5.16
N GLU C 152 -27.18 2.00 6.15
CA GLU C 152 -27.72 2.20 7.48
C GLU C 152 -26.63 2.67 8.44
N SER C 153 -27.04 3.42 9.45
CA SER C 153 -26.13 3.95 10.46
C SER C 153 -26.05 2.99 11.65
N LEU C 154 -24.95 3.10 12.39
CA LEU C 154 -24.76 2.27 13.58
C LEU C 154 -25.81 2.60 14.64
N ALA C 155 -26.07 3.90 14.86
CA ALA C 155 -27.09 4.29 15.81
C ALA C 155 -28.48 3.81 15.38
N GLY C 156 -28.76 3.83 14.07
CA GLY C 156 -30.05 3.33 13.61
C GLY C 156 -30.22 1.84 13.88
N ALA C 157 -29.17 1.05 13.62
CA ALA C 157 -29.24 -0.37 13.90
C ALA C 157 -29.41 -0.63 15.40
N ALA C 158 -28.68 0.12 16.23
CA ALA C 158 -28.83 -0.02 17.67
C ALA C 158 -30.25 0.32 18.11
N GLN C 159 -30.82 1.38 17.54
CA GLN C 159 -32.20 1.74 17.86
C GLN C 159 -33.16 0.64 17.45
N LYS C 160 -32.95 0.05 16.27
CA LYS C 160 -33.83 -1.03 15.82
C LYS C 160 -33.76 -2.24 16.75
N VAL C 161 -32.54 -2.64 17.13
CA VAL C 161 -32.39 -3.79 18.02
C VAL C 161 -33.04 -3.50 19.37
N LEU C 162 -32.79 -2.32 19.93
CA LEU C 162 -33.37 -1.97 21.21
C LEU C 162 -34.89 -1.90 21.14
N ARG C 163 -35.44 -1.37 20.04
CA ARG C 163 -36.89 -1.35 19.86
C ARG C 163 -37.46 -2.76 19.85
N GLU C 164 -36.83 -3.67 19.11
CA GLU C 164 -37.34 -5.03 19.05
C GLU C 164 -37.25 -5.72 20.40
N LEU C 165 -36.17 -5.50 21.15
CA LEU C 165 -36.06 -6.09 22.48
C LEU C 165 -37.11 -5.53 23.42
N VAL C 166 -37.22 -4.20 23.48
CA VAL C 166 -38.24 -3.58 24.31
C VAL C 166 -39.63 -3.86 23.77
N GLY C 167 -39.76 -3.94 22.44
CA GLY C 167 -41.05 -4.25 21.85
C GLY C 167 -41.60 -5.61 22.23
N ASP C 168 -40.74 -6.60 22.38
CA ASP C 168 -41.14 -7.93 22.82
C ASP C 168 -41.32 -8.03 24.33
N LEU C 169 -40.84 -7.05 25.08
CA LEU C 169 -41.03 -7.03 26.52
C LEU C 169 -42.51 -7.05 26.85
N ARG C 170 -42.92 -7.97 27.72
CA ARG C 170 -44.32 -8.17 28.04
C ARG C 170 -44.65 -7.34 29.28
N LEU C 171 -45.40 -6.25 29.08
CA LEU C 171 -45.77 -5.33 30.15
C LEU C 171 -47.28 -5.34 30.34
N GLU C 172 -47.70 -5.15 31.58
CA GLU C 172 -49.13 -5.09 31.89
C GLU C 172 -49.47 -3.79 32.60
N CYS D 19 -31.92 7.15 4.62
CA CYS D 19 -31.91 5.99 5.55
C CYS D 19 -31.80 6.47 6.99
N SER D 20 -32.95 6.54 7.67
CA SER D 20 -33.01 7.13 9.00
C SER D 20 -34.09 6.42 9.81
N SER D 21 -34.02 6.61 11.13
CA SER D 21 -34.99 6.02 12.04
C SER D 21 -35.14 6.94 13.24
N PHE D 22 -36.38 7.09 13.72
CA PHE D 22 -36.70 7.99 14.82
C PHE D 22 -37.66 7.31 15.78
N THR D 23 -37.43 7.51 17.07
CA THR D 23 -38.36 7.05 18.09
C THR D 23 -39.44 8.10 18.31
N SER D 24 -40.66 7.62 18.57
CA SER D 24 -41.82 8.47 18.79
C SER D 24 -42.14 8.47 20.28
N GLU D 25 -42.22 9.66 20.87
CA GLU D 25 -42.52 9.78 22.28
C GLU D 25 -44.01 9.54 22.54
N SER D 26 -44.31 9.07 23.74
CA SER D 26 -45.69 8.85 24.17
C SER D 26 -45.99 9.68 25.41
N ALA D 27 -45.52 10.93 25.42
CA ALA D 27 -45.73 11.86 26.51
C ALA D 27 -46.73 12.92 26.10
N THR D 28 -47.12 13.75 27.07
CA THR D 28 -48.09 14.80 26.79
C THR D 28 -47.38 15.95 26.06
N PRO D 29 -48.10 16.71 25.23
CA PRO D 29 -47.47 17.83 24.54
C PRO D 29 -47.01 18.89 25.54
N LEU D 30 -45.92 19.58 25.18
CA LEU D 30 -45.37 20.64 26.01
C LEU D 30 -45.91 22.00 25.54
N ALA D 31 -45.62 23.02 26.34
CA ALA D 31 -46.12 24.37 26.10
C ALA D 31 -45.03 25.19 25.43
N ARG D 32 -45.33 25.71 24.22
CA ARG D 32 -44.37 26.54 23.52
C ARG D 32 -44.06 27.82 24.29
N GLY D 33 -45.10 28.46 24.83
CA GLY D 33 -44.92 29.69 25.56
C GLY D 33 -44.45 29.46 26.99
N ALA D 34 -43.19 29.06 27.15
CA ALA D 34 -42.62 28.76 28.45
C ALA D 34 -41.17 29.21 28.47
N GLN D 35 -40.58 29.22 29.67
CA GLN D 35 -39.18 29.61 29.85
C GLN D 35 -38.30 28.40 29.56
N TRP D 36 -37.81 28.32 28.33
CA TRP D 36 -36.97 27.21 27.91
C TRP D 36 -35.51 27.49 28.23
N GLY D 37 -34.76 26.44 28.56
CA GLY D 37 -33.33 26.49 28.71
C GLY D 37 -32.66 25.52 27.73
N LEU D 38 -31.33 25.49 27.78
CA LEU D 38 -30.56 24.62 26.91
C LEU D 38 -29.19 24.40 27.55
N VAL D 39 -28.92 23.17 27.96
CA VAL D 39 -27.67 22.81 28.62
C VAL D 39 -26.81 22.03 27.61
N PRO D 40 -25.56 21.70 27.93
CA PRO D 40 -24.72 20.99 26.95
C PRO D 40 -25.27 19.62 26.62
N LEU D 41 -24.99 19.18 25.40
CA LEU D 41 -25.28 17.82 24.97
C LEU D 41 -24.06 16.94 25.24
N LEU D 42 -24.32 15.71 25.69
CA LEU D 42 -23.25 14.79 26.01
C LEU D 42 -22.69 14.15 24.74
N ASN D 43 -21.37 14.14 24.61
CA ASN D 43 -20.70 13.64 23.43
C ASN D 43 -20.20 12.22 23.71
N TYR D 44 -21.09 11.24 23.54
CA TYR D 44 -20.71 9.84 23.63
C TYR D 44 -20.17 9.30 22.32
N SER D 45 -20.31 10.04 21.22
CA SER D 45 -19.61 9.70 20.00
C SER D 45 -18.12 10.00 20.16
N GLN D 46 -17.32 9.46 19.25
CA GLN D 46 -15.88 9.63 19.30
C GLN D 46 -15.41 10.91 18.62
N ALA D 47 -16.30 11.64 17.96
CA ALA D 47 -15.92 12.85 17.27
C ALA D 47 -15.74 14.00 18.27
N PRO D 48 -14.58 14.66 18.33
CA PRO D 48 -14.45 15.77 19.28
C PRO D 48 -15.37 16.93 18.93
N GLN D 49 -15.86 17.60 19.97
CA GLN D 49 -16.67 18.80 19.82
C GLN D 49 -17.94 18.54 19.02
N ALA D 50 -18.41 17.30 19.00
CA ALA D 50 -19.67 16.98 18.35
C ALA D 50 -20.88 17.46 19.15
N GLY D 51 -20.79 17.48 20.48
CA GLY D 51 -21.87 17.99 21.29
C GLY D 51 -22.12 19.47 21.07
N GLU D 52 -21.06 20.27 20.97
CA GLU D 52 -21.22 21.69 20.70
C GLU D 52 -21.79 21.96 19.32
N ARG D 53 -21.34 21.23 18.31
CA ARG D 53 -21.90 21.37 16.97
C ARG D 53 -23.38 21.03 16.97
N ALA D 54 -23.73 19.93 17.64
CA ALA D 54 -25.13 19.54 17.75
C ALA D 54 -25.94 20.60 18.48
N GLU D 55 -25.37 21.22 19.51
CA GLU D 55 -26.08 22.28 20.21
C GLU D 55 -26.33 23.48 19.30
N GLN D 56 -25.33 23.87 18.51
CA GLN D 56 -25.54 25.02 17.63
C GLN D 56 -26.63 24.74 16.61
N ILE D 57 -26.58 23.56 15.99
CA ILE D 57 -27.59 23.23 15.00
C ILE D 57 -28.96 23.07 15.67
N LEU D 58 -28.98 22.61 16.93
CA LEU D 58 -30.25 22.49 17.65
C LEU D 58 -30.82 23.86 18.00
N LEU D 59 -29.95 24.81 18.36
CA LEU D 59 -30.42 26.17 18.61
C LEU D 59 -31.02 26.76 17.35
N SER D 60 -30.39 26.51 16.20
CA SER D 60 -30.99 26.96 14.94
C SER D 60 -32.31 26.25 14.65
N VAL D 61 -32.39 24.95 14.94
CA VAL D 61 -33.57 24.18 14.59
C VAL D 61 -34.75 24.57 15.47
N LEU D 62 -34.50 24.80 16.76
CA LEU D 62 -35.56 25.21 17.67
C LEU D 62 -36.08 26.60 17.32
N ALA D 63 -35.18 27.49 16.89
CA ALA D 63 -35.62 28.81 16.45
C ALA D 63 -36.58 28.72 15.28
N GLU D 64 -36.35 27.76 14.38
CA GLU D 64 -37.30 27.50 13.30
C GLU D 64 -38.68 27.17 13.84
N GLU D 65 -38.76 26.54 15.01
CA GLU D 65 -40.01 26.11 15.61
C GLU D 65 -40.58 27.11 16.61
N GLY D 66 -40.04 28.33 16.64
CA GLY D 66 -40.57 29.34 17.55
C GLY D 66 -40.13 29.22 18.98
N VAL D 67 -39.07 28.46 19.25
CA VAL D 67 -38.57 28.25 20.61
C VAL D 67 -37.22 28.95 20.70
N ARG D 68 -37.09 29.88 21.65
CA ARG D 68 -35.84 30.59 21.92
C ARG D 68 -35.39 30.28 23.34
N PRO D 69 -34.57 29.24 23.55
CA PRO D 69 -34.18 28.89 24.92
C PRO D 69 -33.03 29.73 25.43
N ARG D 70 -33.02 29.96 26.74
CA ARG D 70 -31.91 30.64 27.39
C ARG D 70 -30.71 29.69 27.44
N LEU D 71 -29.59 30.12 26.87
CA LEU D 71 -28.40 29.28 26.83
C LEU D 71 -27.70 29.33 28.17
N TYR D 72 -27.11 28.19 28.55
CA TYR D 72 -26.36 28.13 29.79
C TYR D 72 -25.18 29.11 29.71
N PRO D 73 -24.78 29.69 30.84
CA PRO D 73 -23.62 30.60 30.81
C PRO D 73 -22.32 29.85 30.57
N ALA D 74 -21.35 30.58 30.03
CA ALA D 74 -20.02 30.04 29.79
C ALA D 74 -19.32 29.87 31.14
N GLN D 75 -19.29 28.64 31.63
CA GLN D 75 -18.68 28.39 32.92
C GLN D 75 -17.16 28.48 32.79
N PRO D 76 -16.47 29.31 33.58
CA PRO D 76 -15.00 29.41 33.42
C PRO D 76 -14.33 28.15 33.95
N GLN D 77 -13.44 27.59 33.14
CA GLN D 77 -12.72 26.37 33.49
C GLN D 77 -11.27 26.48 33.04
N GLY D 78 -10.37 25.98 33.89
CA GLY D 78 -8.95 25.95 33.56
C GLY D 78 -8.54 24.63 32.94
N ASP D 79 -8.91 23.53 33.60
CA ASP D 79 -8.61 22.17 33.14
C ASP D 79 -9.93 21.54 32.69
N LEU D 80 -10.16 21.51 31.37
CA LEU D 80 -11.39 20.93 30.84
C LEU D 80 -11.41 19.41 30.96
N GLN D 81 -10.24 18.76 31.00
CA GLN D 81 -10.20 17.30 31.10
C GLN D 81 -10.79 16.81 32.40
N LEU D 82 -10.49 17.48 33.51
CA LEU D 82 -11.01 17.06 34.81
C LEU D 82 -12.53 17.18 34.88
N VAL D 83 -13.11 18.14 34.15
CA VAL D 83 -14.55 18.35 34.17
C VAL D 83 -15.18 17.41 33.15
N ASP D 84 -15.97 16.45 33.65
CA ASP D 84 -16.66 15.52 32.77
C ASP D 84 -17.77 16.25 32.00
N ASP D 85 -18.16 15.67 30.86
CA ASP D 85 -19.22 16.26 30.07
C ASP D 85 -20.53 16.32 30.85
N ARG D 86 -20.87 15.24 31.57
CA ARG D 86 -22.15 15.23 32.26
C ARG D 86 -22.02 15.88 33.64
N GLU D 87 -20.78 16.02 34.13
CA GLU D 87 -20.52 16.96 35.21
C GLU D 87 -20.90 18.37 34.77
N ARG D 88 -20.48 18.77 33.57
CA ARG D 88 -20.90 20.04 33.01
C ARG D 88 -22.42 20.11 32.88
N GLN D 89 -23.04 19.01 32.47
CA GLN D 89 -24.49 19.01 32.35
C GLN D 89 -25.15 19.24 33.71
N GLN D 90 -24.60 18.65 34.77
CA GLN D 90 -25.14 18.86 36.11
C GLN D 90 -24.96 20.30 36.56
N ARG D 91 -23.76 20.86 36.35
CA ARG D 91 -23.52 22.26 36.72
C ARG D 91 -24.34 23.23 35.89
N ALA D 92 -24.82 22.83 34.72
CA ALA D 92 -25.78 23.62 33.95
C ALA D 92 -27.21 23.42 34.42
N LEU D 93 -27.57 22.20 34.84
CA LEU D 93 -28.91 21.96 35.36
C LEU D 93 -29.14 22.73 36.65
N ASP D 94 -28.11 22.87 37.49
CA ASP D 94 -28.30 23.70 38.68
C ASP D 94 -28.57 25.15 38.30
N TRP D 95 -27.85 25.68 37.30
CA TRP D 95 -28.14 27.03 36.83
C TRP D 95 -29.57 27.12 36.34
N ALA D 96 -30.02 26.12 35.58
CA ALA D 96 -31.40 26.11 35.12
C ALA D 96 -32.36 26.11 36.31
N ARG D 97 -31.99 25.44 37.39
CA ARG D 97 -32.82 25.43 38.58
C ARG D 97 -32.89 26.82 39.23
N GLN D 98 -31.76 27.53 39.29
CA GLN D 98 -31.76 28.86 39.90
C GLN D 98 -32.62 29.83 39.11
N GLN D 99 -32.62 29.71 37.78
CA GLN D 99 -33.33 30.67 36.94
C GLN D 99 -34.81 30.39 36.81
N LYS D 100 -35.31 29.30 37.42
CA LYS D 100 -36.74 28.98 37.43
C LYS D 100 -37.27 28.86 36.00
N LEU D 101 -36.54 28.13 35.17
CA LEU D 101 -36.99 27.85 33.81
C LEU D 101 -37.98 26.71 33.82
N ALA D 102 -39.01 26.82 32.99
CA ALA D 102 -40.06 25.79 32.96
C ALA D 102 -39.52 24.48 32.40
N TYR D 103 -38.83 24.55 31.27
CA TYR D 103 -38.26 23.38 30.60
C TYR D 103 -36.78 23.60 30.38
N VAL D 104 -36.12 22.54 29.91
CA VAL D 104 -34.71 22.60 29.54
C VAL D 104 -34.45 21.47 28.56
N VAL D 105 -33.78 21.80 27.45
CA VAL D 105 -33.52 20.86 26.38
C VAL D 105 -32.14 20.25 26.60
N THR D 106 -32.09 18.93 26.64
CA THR D 106 -30.87 18.19 26.91
C THR D 106 -30.79 17.12 25.81
N GLY D 107 -29.62 16.54 25.64
CA GLY D 107 -29.46 15.48 24.67
C GLY D 107 -28.05 14.91 24.71
N SER D 108 -27.79 14.02 23.77
CA SER D 108 -26.48 13.43 23.63
C SER D 108 -26.25 13.11 22.16
N VAL D 109 -24.98 13.09 21.77
CA VAL D 109 -24.56 12.71 20.42
C VAL D 109 -23.99 11.31 20.50
N GLU D 110 -24.64 10.36 19.83
CA GLU D 110 -24.18 8.98 19.78
C GLU D 110 -23.34 8.67 18.56
N GLU D 111 -23.49 9.42 17.48
CA GLU D 111 -22.75 9.15 16.26
C GLU D 111 -22.54 10.46 15.51
N TRP D 112 -21.30 10.72 15.10
CA TRP D 112 -20.96 11.90 14.31
C TRP D 112 -19.73 11.53 13.47
N GLN D 113 -19.95 11.06 12.25
CA GLN D 113 -18.85 10.62 11.42
C GLN D 113 -19.31 10.34 10.00
N TYR D 114 -18.35 10.39 9.08
CA TYR D 114 -18.53 9.86 7.74
C TYR D 114 -18.15 8.39 7.73
N LYS D 115 -18.80 7.62 6.86
CA LYS D 115 -18.50 6.20 6.76
C LYS D 115 -17.07 6.00 6.29
N ASN D 116 -16.45 4.92 6.77
CA ASN D 116 -15.12 4.52 6.32
C ASN D 116 -15.24 3.62 5.09
N GLY D 117 -15.84 4.17 4.04
CA GLY D 117 -16.01 3.47 2.79
C GLY D 117 -15.69 4.34 1.60
N LEU D 118 -16.08 3.90 0.40
CA LEU D 118 -15.79 4.67 -0.80
C LEU D 118 -16.68 5.88 -0.93
N ASP D 119 -17.90 5.82 -0.40
CA ASP D 119 -18.87 6.90 -0.52
C ASP D 119 -18.75 7.94 0.60
N GLY D 120 -18.33 7.53 1.80
CA GLY D 120 -18.19 8.45 2.89
C GLY D 120 -19.47 9.18 3.23
N GLU D 121 -20.57 8.44 3.32
CA GLU D 121 -21.84 9.08 3.62
C GLU D 121 -21.84 9.59 5.06
N PRO D 122 -22.52 10.70 5.35
CA PRO D 122 -22.57 11.16 6.74
C PRO D 122 -23.47 10.25 7.57
N ALA D 123 -23.04 9.98 8.80
CA ALA D 123 -23.83 9.21 9.76
C ALA D 123 -23.91 10.00 11.05
N VAL D 124 -25.14 10.29 11.49
CA VAL D 124 -25.38 11.09 12.68
C VAL D 124 -26.45 10.42 13.52
N GLY D 125 -26.23 10.37 14.83
CA GLY D 125 -27.23 9.87 15.76
C GLY D 125 -27.27 10.73 17.01
N VAL D 126 -28.44 11.29 17.32
CA VAL D 126 -28.58 12.23 18.43
C VAL D 126 -29.85 11.88 19.21
N SER D 127 -29.76 11.97 20.53
CA SER D 127 -30.91 11.85 21.42
C SER D 127 -31.26 13.22 21.98
N LEU D 128 -32.56 13.47 22.12
CA LEU D 128 -33.07 14.73 22.65
C LEU D 128 -33.94 14.46 23.86
N GLN D 129 -33.71 15.20 24.94
CA GLN D 129 -34.46 15.04 26.18
C GLN D 129 -34.88 16.41 26.69
N VAL D 130 -36.12 16.51 27.14
CA VAL D 130 -36.63 17.71 27.80
C VAL D 130 -36.85 17.37 29.26
N LEU D 131 -36.13 18.07 30.15
CA LEU D 131 -36.15 17.80 31.57
C LEU D 131 -36.89 18.92 32.31
N GLU D 132 -37.36 18.60 33.51
CA GLU D 132 -37.98 19.58 34.39
C GLU D 132 -36.85 20.07 35.30
N PRO D 133 -36.42 21.34 35.22
CA PRO D 133 -35.20 21.74 35.94
C PRO D 133 -35.22 21.50 37.44
N ALA D 134 -36.36 21.69 38.12
CA ALA D 134 -36.37 21.59 39.57
C ALA D 134 -36.21 20.15 40.02
N SER D 135 -37.15 19.28 39.64
CA SER D 135 -37.08 17.88 40.05
C SER D 135 -36.01 17.13 39.27
N GLY D 136 -35.88 17.44 37.98
CA GLY D 136 -34.99 16.70 37.10
C GLY D 136 -35.65 15.58 36.33
N ARG D 137 -36.98 15.45 36.41
CA ARG D 137 -37.67 14.39 35.70
C ARG D 137 -37.56 14.59 34.20
N VAL D 138 -37.56 13.49 33.46
CA VAL D 138 -37.56 13.52 32.00
C VAL D 138 -39.00 13.59 31.53
N LEU D 139 -39.33 14.65 30.78
CA LEU D 139 -40.66 14.81 30.21
C LEU D 139 -40.74 14.38 28.76
N TRP D 140 -39.61 14.32 28.06
CA TRP D 140 -39.58 13.95 26.65
C TRP D 140 -38.25 13.26 26.40
N SER D 141 -38.26 12.27 25.51
CA SER D 141 -37.05 11.52 25.18
C SER D 141 -37.24 10.88 23.80
N THR D 142 -36.52 11.40 22.82
CA THR D 142 -36.57 10.86 21.46
C THR D 142 -35.14 10.70 20.94
N SER D 143 -34.96 9.67 20.11
CA SER D 143 -33.67 9.38 19.50
C SER D 143 -33.84 9.31 18.00
N GLY D 144 -32.89 9.88 17.27
CA GLY D 144 -32.92 9.90 15.82
C GLY D 144 -31.57 9.59 15.22
N ALA D 145 -31.55 8.79 14.16
CA ALA D 145 -30.34 8.41 13.47
C ALA D 145 -30.55 8.53 11.97
N ARG D 146 -29.48 8.87 11.26
CA ARG D 146 -29.55 9.00 9.81
C ARG D 146 -28.20 8.65 9.21
N ALA D 147 -28.22 7.90 8.13
CA ALA D 147 -27.08 7.73 7.23
C ALA D 147 -27.51 8.27 5.87
N GLY D 148 -26.97 9.43 5.49
CA GLY D 148 -27.48 10.18 4.37
C GLY D 148 -26.89 9.75 3.03
N TRP D 149 -27.12 10.60 2.03
CA TRP D 149 -26.65 10.34 0.69
C TRP D 149 -25.13 10.55 0.62
N SER D 150 -24.55 10.06 -0.48
CA SER D 150 -23.10 10.19 -0.67
C SER D 150 -22.68 11.64 -0.75
N ARG D 151 -23.44 12.48 -1.46
CA ARG D 151 -23.19 13.91 -1.54
C ARG D 151 -24.04 14.63 -0.50
N GLU D 152 -23.65 14.46 0.75
CA GLU D 152 -24.29 15.14 1.87
C GLU D 152 -23.25 15.41 2.94
N SER D 153 -23.38 16.56 3.59
CA SER D 153 -22.46 16.94 4.65
C SER D 153 -22.92 16.38 5.99
N LEU D 154 -21.97 16.27 6.93
CA LEU D 154 -22.32 15.88 8.28
C LEU D 154 -23.25 16.89 8.92
N ALA D 155 -22.99 18.18 8.70
CA ALA D 155 -23.84 19.22 9.26
C ALA D 155 -25.26 19.12 8.70
N GLY D 156 -25.40 18.83 7.41
CA GLY D 156 -26.74 18.70 6.84
C GLY D 156 -27.50 17.51 7.41
N ALA D 157 -26.82 16.37 7.58
CA ALA D 157 -27.47 15.21 8.17
C ALA D 157 -27.88 15.50 9.61
N ALA D 158 -27.01 16.15 10.37
CA ALA D 158 -27.35 16.51 11.74
C ALA D 158 -28.54 17.47 11.77
N GLN D 159 -28.58 18.40 10.83
CA GLN D 159 -29.71 19.33 10.75
C GLN D 159 -31.01 18.60 10.46
N LYS D 160 -30.98 17.64 9.53
CA LYS D 160 -32.19 16.87 9.24
C LYS D 160 -32.65 16.06 10.44
N VAL D 161 -31.71 15.41 11.13
CA VAL D 161 -32.06 14.61 12.29
C VAL D 161 -32.67 15.49 13.38
N LEU D 162 -32.03 16.62 13.66
CA LEU D 162 -32.52 17.51 14.71
C LEU D 162 -33.86 18.14 14.33
N ARG D 163 -34.06 18.42 13.04
CA ARG D 163 -35.36 18.93 12.60
C ARG D 163 -36.44 17.89 12.82
N GLU D 164 -36.17 16.63 12.51
CA GLU D 164 -37.16 15.59 12.75
C GLU D 164 -37.43 15.42 14.24
N LEU D 165 -36.39 15.45 15.08
CA LEU D 165 -36.61 15.32 16.52
C LEU D 165 -37.38 16.50 17.08
N VAL D 166 -36.95 17.72 16.75
CA VAL D 166 -37.64 18.90 17.25
C VAL D 166 -39.03 19.02 16.64
N GLY D 167 -39.18 18.63 15.38
CA GLY D 167 -40.46 18.71 14.71
C GLY D 167 -41.52 17.79 15.27
N ASP D 168 -41.13 16.78 16.06
CA ASP D 168 -42.06 15.83 16.66
C ASP D 168 -42.40 16.18 18.10
N LEU D 169 -41.95 17.34 18.60
CA LEU D 169 -42.24 17.71 19.97
C LEU D 169 -43.72 17.97 20.22
N ARG D 170 -44.48 18.32 19.18
CA ARG D 170 -45.90 18.61 19.31
C ARG D 170 -46.14 19.71 20.35
N LEU D 171 -45.47 20.84 20.15
CA LEU D 171 -45.56 21.94 21.09
C LEU D 171 -46.94 22.60 21.02
N GLU D 172 -47.34 23.20 22.13
CA GLU D 172 -48.61 23.90 22.21
C GLU D 172 -48.41 25.41 22.23
N CYS E 19 -26.13 20.01 -2.99
CA CYS E 19 -26.98 19.48 -1.88
C CYS E 19 -26.73 20.28 -0.61
N SER E 20 -27.74 21.05 -0.20
CA SER E 20 -27.63 21.97 0.93
C SER E 20 -28.81 21.81 1.86
N SER E 21 -28.72 22.49 3.01
CA SER E 21 -29.75 22.46 4.03
C SER E 21 -29.68 23.75 4.82
N PHE E 22 -30.83 24.42 4.99
CA PHE E 22 -30.89 25.69 5.67
C PHE E 22 -32.14 25.75 6.55
N THR E 23 -31.98 26.28 7.75
CA THR E 23 -33.10 26.50 8.65
C THR E 23 -33.71 27.87 8.40
N SER E 24 -35.02 27.97 8.66
CA SER E 24 -35.79 29.18 8.39
C SER E 24 -36.19 29.82 9.72
N GLU E 25 -35.48 30.87 10.12
CA GLU E 25 -35.78 31.55 11.36
C GLU E 25 -37.20 32.10 11.33
N SER E 26 -37.92 31.95 12.44
CA SER E 26 -39.30 32.40 12.59
C SER E 26 -39.40 33.66 13.42
N ALA E 27 -38.44 34.58 13.26
CA ALA E 27 -38.35 35.78 14.07
C ALA E 27 -38.64 37.02 13.23
N THR E 28 -38.73 38.15 13.91
CA THR E 28 -39.03 39.40 13.22
C THR E 28 -37.80 39.86 12.45
N PRO E 29 -37.96 40.50 11.29
CA PRO E 29 -36.79 41.05 10.59
C PRO E 29 -36.10 42.13 11.40
N LEU E 30 -34.79 42.23 11.20
CA LEU E 30 -33.97 43.25 11.86
C LEU E 30 -33.79 44.45 10.94
N ALA E 31 -33.41 45.58 11.55
CA ALA E 31 -33.30 46.84 10.82
C ALA E 31 -31.94 46.95 10.14
N ARG E 32 -31.96 47.18 8.82
CA ARG E 32 -30.71 47.37 8.10
C ARG E 32 -30.00 48.64 8.56
N GLY E 33 -30.74 49.74 8.69
CA GLY E 33 -30.16 51.00 9.08
C GLY E 33 -29.90 51.09 10.57
N ALA E 34 -28.94 50.31 11.06
CA ALA E 34 -28.59 50.31 12.47
C ALA E 34 -27.10 50.07 12.58
N GLN E 35 -26.58 50.18 13.81
CA GLN E 35 -25.17 49.98 14.08
C GLN E 35 -24.92 48.49 14.27
N TRP E 36 -24.29 47.88 13.27
CA TRP E 36 -23.96 46.45 13.31
C TRP E 36 -22.54 46.24 13.81
N GLY E 37 -22.35 45.10 14.48
CA GLY E 37 -21.03 44.68 14.88
C GLY E 37 -20.75 43.27 14.38
N LEU E 38 -19.48 42.86 14.48
CA LEU E 38 -19.07 41.52 14.10
C LEU E 38 -18.07 41.03 15.13
N VAL E 39 -18.31 39.86 15.68
CA VAL E 39 -17.47 39.26 16.70
C VAL E 39 -17.06 37.88 16.19
N PRO E 40 -15.93 37.31 16.63
CA PRO E 40 -15.41 36.12 15.97
C PRO E 40 -16.33 34.92 16.09
N LEU E 41 -16.34 34.10 15.05
CA LEU E 41 -17.09 32.87 15.05
C LEU E 41 -16.38 31.81 15.88
N LEU E 42 -17.15 30.83 16.36
CA LEU E 42 -16.64 29.73 17.14
C LEU E 42 -16.37 28.55 16.21
N ASN E 43 -15.14 28.05 16.22
CA ASN E 43 -14.72 26.96 15.35
C ASN E 43 -14.86 25.64 16.11
N TYR E 44 -16.00 24.99 15.95
CA TYR E 44 -16.19 23.63 16.46
C TYR E 44 -15.82 22.57 15.42
N SER E 45 -15.59 22.96 14.18
CA SER E 45 -14.96 22.06 13.23
C SER E 45 -13.50 21.85 13.61
N GLN E 46 -12.95 20.73 13.20
CA GLN E 46 -11.56 20.40 13.50
C GLN E 46 -10.58 20.97 12.48
N ALA E 47 -11.06 21.78 11.54
CA ALA E 47 -10.17 22.46 10.61
C ALA E 47 -9.59 23.70 11.28
N PRO E 48 -8.27 23.83 11.39
CA PRO E 48 -7.71 25.01 12.08
C PRO E 48 -8.03 26.29 11.34
N GLN E 49 -8.29 27.35 12.12
CA GLN E 49 -8.51 28.70 11.59
C GLN E 49 -9.71 28.77 10.64
N ALA E 50 -10.64 27.81 10.75
CA ALA E 50 -11.82 27.84 9.90
C ALA E 50 -12.77 28.98 10.28
N GLY E 51 -12.80 29.35 11.56
CA GLY E 51 -13.65 30.46 11.97
C GLY E 51 -13.21 31.77 11.36
N GLU E 52 -11.90 31.99 11.27
CA GLU E 52 -11.40 33.23 10.66
C GLU E 52 -11.73 33.28 9.18
N ARG E 53 -11.57 32.16 8.46
CA ARG E 53 -11.95 32.13 7.06
C ARG E 53 -13.44 32.40 6.89
N ALA E 54 -14.25 31.79 7.76
CA ALA E 54 -15.69 32.00 7.70
C ALA E 54 -16.04 33.46 7.91
N GLU E 55 -15.40 34.11 8.89
CA GLU E 55 -15.68 35.53 9.12
C GLU E 55 -15.21 36.39 7.96
N GLN E 56 -14.06 36.08 7.37
CA GLN E 56 -13.56 36.86 6.25
C GLN E 56 -14.52 36.78 5.07
N ILE E 57 -15.05 35.59 4.79
CA ILE E 57 -16.01 35.46 3.69
C ILE E 57 -17.35 36.09 4.08
N LEU E 58 -17.73 36.00 5.35
CA LEU E 58 -18.99 36.57 5.81
C LEU E 58 -18.99 38.08 5.70
N LEU E 59 -17.84 38.73 5.95
CA LEU E 59 -17.78 40.17 5.82
C LEU E 59 -18.04 40.61 4.39
N SER E 60 -17.47 39.89 3.42
CA SER E 60 -17.74 40.19 2.01
C SER E 60 -19.18 39.90 1.65
N VAL E 61 -19.75 38.83 2.19
CA VAL E 61 -21.14 38.48 1.85
C VAL E 61 -22.11 39.51 2.43
N LEU E 62 -21.81 40.01 3.63
CA LEU E 62 -22.65 41.06 4.22
C LEU E 62 -22.54 42.36 3.43
N ALA E 63 -21.38 42.63 2.84
CA ALA E 63 -21.21 43.85 2.06
C ALA E 63 -22.11 43.87 0.83
N GLU E 64 -22.49 42.72 0.29
CA GLU E 64 -23.42 42.70 -0.83
C GLU E 64 -24.77 43.28 -0.43
N GLU E 65 -25.24 42.97 0.77
CA GLU E 65 -26.55 43.40 1.23
C GLU E 65 -26.54 44.78 1.87
N GLY E 66 -25.40 45.48 1.87
CA GLY E 66 -25.35 46.81 2.41
C GLY E 66 -25.16 46.89 3.90
N VAL E 67 -24.62 45.84 4.51
CA VAL E 67 -24.32 45.81 5.95
C VAL E 67 -22.82 45.91 6.10
N ARG E 68 -22.36 46.84 6.94
CA ARG E 68 -20.94 47.12 7.16
C ARG E 68 -20.66 47.06 8.66
N PRO E 69 -20.60 45.87 9.24
CA PRO E 69 -20.36 45.79 10.69
C PRO E 69 -18.98 46.30 11.06
N ARG E 70 -18.89 46.92 12.23
CA ARG E 70 -17.59 47.29 12.76
C ARG E 70 -16.90 46.06 13.34
N LEU E 71 -15.68 45.79 12.89
CA LEU E 71 -14.97 44.61 13.33
C LEU E 71 -14.46 44.78 14.76
N TYR E 72 -14.42 43.68 15.49
CA TYR E 72 -13.88 43.73 16.84
C TYR E 72 -12.40 44.09 16.78
N PRO E 73 -11.86 44.76 17.79
CA PRO E 73 -10.43 45.08 17.75
C PRO E 73 -9.58 43.86 18.07
N ALA E 74 -8.35 43.87 17.56
CA ALA E 74 -7.39 42.83 17.87
C ALA E 74 -6.76 43.09 19.23
N GLN E 75 -6.55 42.02 20.00
CA GLN E 75 -5.97 42.11 21.33
C GLN E 75 -4.76 41.18 21.43
N PRO E 76 -3.76 41.53 22.25
CA PRO E 76 -2.62 40.63 22.42
C PRO E 76 -2.99 39.39 23.22
N GLN E 77 -2.23 38.33 23.03
CA GLN E 77 -2.45 37.08 23.73
C GLN E 77 -1.13 36.32 23.83
N GLY E 78 -1.17 35.21 24.56
CA GLY E 78 -0.02 34.35 24.71
C GLY E 78 -0.06 33.20 23.72
N ASP E 79 -0.36 32.00 24.22
CA ASP E 79 -0.52 30.83 23.37
C ASP E 79 -1.98 30.73 22.93
N LEU E 80 -2.23 30.91 21.63
CA LEU E 80 -3.59 30.87 21.12
C LEU E 80 -4.24 29.51 21.31
N GLN E 81 -3.46 28.44 21.42
CA GLN E 81 -4.03 27.11 21.64
C GLN E 81 -4.73 27.03 23.00
N LEU E 82 -4.20 27.70 24.01
CA LEU E 82 -4.76 27.69 25.35
C LEU E 82 -5.87 28.72 25.56
N VAL E 83 -6.15 29.56 24.57
CA VAL E 83 -7.17 30.59 24.68
C VAL E 83 -8.47 30.02 24.13
N ASP E 84 -9.50 29.97 24.98
CA ASP E 84 -10.79 29.44 24.56
C ASP E 84 -11.45 30.38 23.56
N ASP E 85 -12.12 29.80 22.56
CA ASP E 85 -12.84 30.60 21.58
C ASP E 85 -13.99 31.36 22.22
N ARG E 86 -14.73 30.69 23.11
CA ARG E 86 -15.85 31.34 23.76
C ARG E 86 -15.40 32.51 24.63
N GLU E 87 -14.20 32.43 25.21
CA GLU E 87 -13.65 33.56 25.94
C GLU E 87 -13.51 34.78 25.04
N ARG E 88 -12.90 34.60 23.87
CA ARG E 88 -12.72 35.70 22.94
C ARG E 88 -14.07 36.24 22.48
N GLN E 89 -15.03 35.35 22.23
CA GLN E 89 -16.35 35.81 21.83
C GLN E 89 -17.00 36.63 22.94
N GLN E 90 -16.80 36.23 24.19
CA GLN E 90 -17.39 36.97 25.31
C GLN E 90 -16.75 38.36 25.44
N ARG E 91 -15.42 38.43 25.28
CA ARG E 91 -14.78 39.75 25.31
C ARG E 91 -15.26 40.62 24.16
N ALA E 92 -15.45 40.03 22.98
CA ALA E 92 -15.95 40.80 21.85
C ALA E 92 -17.37 41.29 22.11
N LEU E 93 -18.20 40.47 22.72
CA LEU E 93 -19.54 40.92 23.11
C LEU E 93 -19.47 42.05 24.13
N ASP E 94 -18.52 41.98 25.06
CA ASP E 94 -18.32 43.08 26.00
C ASP E 94 -17.95 44.36 25.26
N TRP E 95 -17.05 44.25 24.28
CA TRP E 95 -16.68 45.42 23.49
C TRP E 95 -17.88 45.99 22.75
N ALA E 96 -18.70 45.11 22.17
CA ALA E 96 -19.90 45.58 21.45
C ALA E 96 -20.86 46.29 22.40
N ARG E 97 -21.05 45.74 23.60
CA ARG E 97 -21.92 46.39 24.57
C ARG E 97 -21.35 47.72 25.03
N GLN E 98 -20.02 47.86 25.05
CA GLN E 98 -19.42 49.14 25.41
C GLN E 98 -19.83 50.24 24.45
N GLN E 99 -19.86 49.94 23.15
CA GLN E 99 -20.32 50.87 22.15
C GLN E 99 -21.85 50.76 22.04
N LYS E 100 -22.45 51.56 21.15
CA LYS E 100 -23.88 51.58 20.95
C LYS E 100 -24.32 50.67 19.80
N LEU E 101 -23.62 49.57 19.59
CA LEU E 101 -23.95 48.65 18.51
C LEU E 101 -25.34 48.05 18.73
N ALA E 102 -26.26 48.32 17.82
CA ALA E 102 -27.61 47.78 17.96
C ALA E 102 -27.59 46.26 17.83
N TYR E 103 -26.84 45.74 16.86
CA TYR E 103 -26.80 44.33 16.56
C TYR E 103 -25.34 43.86 16.48
N VAL E 104 -25.15 42.57 16.74
CA VAL E 104 -23.85 41.93 16.58
C VAL E 104 -24.08 40.63 15.81
N VAL E 105 -23.37 40.48 14.70
CA VAL E 105 -23.38 39.24 13.94
C VAL E 105 -22.31 38.32 14.50
N THR E 106 -22.69 37.06 14.75
CA THR E 106 -21.78 36.05 15.24
C THR E 106 -22.14 34.74 14.55
N GLY E 107 -21.61 33.65 15.07
CA GLY E 107 -21.91 32.35 14.52
C GLY E 107 -20.89 31.33 14.95
N SER E 108 -20.87 30.22 14.22
CA SER E 108 -19.93 29.15 14.49
C SER E 108 -19.79 28.31 13.22
N VAL E 109 -18.63 27.68 13.08
CA VAL E 109 -18.34 26.78 11.97
C VAL E 109 -18.41 25.36 12.50
N GLU E 110 -19.36 24.58 11.99
CA GLU E 110 -19.48 23.18 12.37
C GLU E 110 -18.63 22.29 11.49
N GLU E 111 -18.62 22.52 10.18
CA GLU E 111 -17.87 21.71 9.24
C GLU E 111 -17.14 22.61 8.27
N TRP E 112 -15.86 22.33 8.04
CA TRP E 112 -15.07 23.04 7.04
C TRP E 112 -14.00 22.06 6.55
N GLN E 113 -14.31 21.33 5.47
CA GLN E 113 -13.41 20.29 5.00
C GLN E 113 -13.88 19.77 3.66
N TYR E 114 -12.94 19.16 2.94
CA TYR E 114 -13.26 18.31 1.79
C TYR E 114 -13.61 16.93 2.31
N LYS E 115 -14.74 16.39 1.86
CA LYS E 115 -15.21 15.12 2.40
C LYS E 115 -14.21 14.00 2.11
N ASN E 116 -14.37 12.89 2.82
CA ASN E 116 -13.57 11.70 2.59
C ASN E 116 -14.33 10.73 1.73
N GLY E 117 -13.61 10.10 0.80
CA GLY E 117 -14.19 9.28 -0.25
C GLY E 117 -13.55 9.60 -1.58
N LEU E 118 -13.97 8.84 -2.60
CA LEU E 118 -13.38 9.02 -3.91
C LEU E 118 -13.72 10.37 -4.51
N ASP E 119 -14.82 10.99 -4.10
CA ASP E 119 -15.22 12.25 -4.69
C ASP E 119 -14.46 13.42 -4.08
N GLY E 120 -14.44 13.52 -2.75
CA GLY E 120 -13.74 14.59 -2.08
C GLY E 120 -14.34 15.96 -2.36
N GLU E 121 -15.65 16.06 -2.30
CA GLU E 121 -16.34 17.33 -2.50
C GLU E 121 -16.21 18.21 -1.26
N PRO E 122 -16.36 19.52 -1.40
CA PRO E 122 -16.30 20.39 -0.22
C PRO E 122 -17.58 20.26 0.61
N ALA E 123 -17.40 20.23 1.93
CA ALA E 123 -18.52 20.17 2.87
C ALA E 123 -18.33 21.29 3.89
N VAL E 124 -19.30 22.22 3.92
CA VAL E 124 -19.26 23.38 4.81
C VAL E 124 -20.55 23.39 5.62
N GLY E 125 -20.43 23.66 6.92
CA GLY E 125 -21.57 23.88 7.77
C GLY E 125 -21.32 25.02 8.73
N VAL E 126 -22.17 26.04 8.69
CA VAL E 126 -21.97 27.27 9.46
C VAL E 126 -23.30 27.69 10.06
N SER E 127 -23.26 28.17 11.30
CA SER E 127 -24.41 28.76 11.97
C SER E 127 -24.22 30.27 12.05
N LEU E 128 -25.30 31.00 11.79
CA LEU E 128 -25.30 32.45 11.82
C LEU E 128 -26.29 32.92 12.88
N GLN E 129 -25.81 33.74 13.81
CA GLN E 129 -26.62 34.25 14.91
C GLN E 129 -26.46 35.77 15.03
N VAL E 130 -27.54 36.44 15.42
CA VAL E 130 -27.53 37.86 15.70
C VAL E 130 -27.92 38.05 17.15
N LEU E 131 -27.08 38.73 17.92
CA LEU E 131 -27.27 38.94 19.33
C LEU E 131 -27.51 40.41 19.64
N GLU E 132 -28.33 40.66 20.65
CA GLU E 132 -28.50 42.01 21.18
C GLU E 132 -27.36 42.26 22.17
N PRO E 133 -26.42 43.17 21.90
CA PRO E 133 -25.24 43.28 22.77
C PRO E 133 -25.56 43.61 24.23
N ALA E 134 -26.55 44.45 24.47
CA ALA E 134 -26.86 44.86 25.84
C ALA E 134 -27.31 43.67 26.67
N SER E 135 -28.26 42.88 26.15
CA SER E 135 -28.79 41.75 26.90
C SER E 135 -28.06 40.45 26.57
N GLY E 136 -27.47 40.35 25.40
CA GLY E 136 -26.93 39.09 24.92
C GLY E 136 -27.97 38.15 24.35
N ARG E 137 -29.21 38.57 24.26
CA ARG E 137 -30.29 37.73 23.75
C ARG E 137 -30.09 37.45 22.27
N VAL E 138 -30.37 36.22 21.86
CA VAL E 138 -30.27 35.85 20.46
C VAL E 138 -31.53 36.32 19.75
N LEU E 139 -31.36 37.18 18.73
CA LEU E 139 -32.46 37.70 17.94
C LEU E 139 -32.67 36.94 16.64
N TRP E 140 -31.64 36.25 16.15
CA TRP E 140 -31.71 35.51 14.91
C TRP E 140 -30.77 34.32 15.03
N SER E 141 -31.16 33.19 14.43
CA SER E 141 -30.33 31.99 14.52
C SER E 141 -30.69 31.08 13.35
N THR E 142 -29.78 30.96 12.39
CA THR E 142 -29.96 30.08 11.26
C THR E 142 -28.68 29.25 11.05
N SER E 143 -28.87 28.03 10.57
CA SER E 143 -27.78 27.10 10.30
C SER E 143 -27.84 26.68 8.84
N GLY E 144 -26.69 26.70 8.18
CA GLY E 144 -26.60 26.28 6.80
C GLY E 144 -25.56 25.20 6.64
N ALA E 145 -25.79 24.33 5.66
CA ALA E 145 -24.88 23.25 5.34
C ALA E 145 -24.93 22.99 3.86
N ARG E 146 -23.81 22.55 3.29
CA ARG E 146 -23.71 22.32 1.86
C ARG E 146 -22.64 21.28 1.59
N ALA E 147 -22.96 20.35 0.68
CA ALA E 147 -21.98 19.48 0.05
C ALA E 147 -22.00 19.80 -1.43
N GLY E 148 -21.00 20.55 -1.89
CA GLY E 148 -21.02 21.11 -3.22
C GLY E 148 -20.57 20.14 -4.28
N TRP E 149 -20.36 20.68 -5.48
CA TRP E 149 -19.85 19.89 -6.59
C TRP E 149 -18.41 19.48 -6.31
N SER E 150 -18.02 18.33 -6.87
CA SER E 150 -16.65 17.86 -6.66
C SER E 150 -15.63 18.79 -7.26
N ARG E 151 -15.98 19.50 -8.34
CA ARG E 151 -15.11 20.50 -8.94
C ARG E 151 -15.28 21.88 -8.33
N GLU E 152 -16.04 21.99 -7.25
CA GLU E 152 -16.18 23.23 -6.51
C GLU E 152 -15.11 23.30 -5.42
N SER E 153 -14.74 24.53 -5.07
CA SER E 153 -13.76 24.77 -4.01
C SER E 153 -14.45 24.90 -2.66
N LEU E 154 -13.67 24.67 -1.60
CA LEU E 154 -14.21 24.78 -0.25
C LEU E 154 -14.60 26.23 0.06
N ALA E 155 -13.76 27.18 -0.32
CA ALA E 155 -14.06 28.58 -0.08
C ALA E 155 -15.30 29.02 -0.84
N GLY E 156 -15.46 28.54 -2.08
CA GLY E 156 -16.66 28.87 -2.84
C GLY E 156 -17.92 28.31 -2.21
N ALA E 157 -17.85 27.07 -1.72
CA ALA E 157 -19.00 26.48 -1.04
C ALA E 157 -19.36 27.26 0.23
N ALA E 158 -18.34 27.66 1.00
CA ALA E 158 -18.59 28.46 2.18
C ALA E 158 -19.21 29.81 1.81
N GLN E 159 -18.73 30.41 0.72
CA GLN E 159 -19.32 31.66 0.25
C GLN E 159 -20.79 31.48 -0.12
N LYS E 160 -21.13 30.39 -0.80
CA LYS E 160 -22.52 30.13 -1.15
C LYS E 160 -23.37 29.94 0.09
N VAL E 161 -22.88 29.18 1.07
CA VAL E 161 -23.65 28.96 2.29
C VAL E 161 -23.88 30.27 3.03
N LEU E 162 -22.83 31.09 3.15
CA LEU E 162 -22.98 32.34 3.87
C LEU E 162 -23.86 33.32 3.11
N ARG E 163 -23.83 33.30 1.78
CA ARG E 163 -24.74 34.13 0.99
C ARG E 163 -26.19 33.72 1.24
N GLU E 164 -26.46 32.42 1.25
CA GLU E 164 -27.83 31.99 1.50
C GLU E 164 -28.28 32.35 2.91
N LEU E 165 -27.40 32.16 3.90
CA LEU E 165 -27.76 32.50 5.27
C LEU E 165 -27.98 34.00 5.43
N VAL E 166 -27.10 34.81 4.86
CA VAL E 166 -27.28 36.26 4.94
C VAL E 166 -28.44 36.71 4.05
N GLY E 167 -28.66 36.01 2.94
CA GLY E 167 -29.81 36.33 2.11
C GLY E 167 -31.12 36.09 2.83
N ASP E 168 -31.23 34.97 3.54
CA ASP E 168 -32.42 34.68 4.33
C ASP E 168 -32.60 35.66 5.48
N LEU E 169 -31.54 36.36 5.87
CA LEU E 169 -31.62 37.39 6.91
C LEU E 169 -32.29 38.62 6.31
N ARG E 170 -33.61 38.50 6.11
CA ARG E 170 -34.36 39.59 5.52
C ARG E 170 -34.32 40.81 6.42
N LEU E 171 -34.03 41.97 5.84
CA LEU E 171 -33.89 43.22 6.57
C LEU E 171 -34.92 44.22 6.06
N GLU E 172 -35.67 44.81 6.98
CA GLU E 172 -36.69 45.79 6.62
C GLU E 172 -36.28 47.19 7.04
N CYS F 19 -14.92 26.66 -12.31
CA CYS F 19 -15.87 26.63 -11.17
C CYS F 19 -15.45 27.63 -10.11
N SER F 20 -16.03 28.83 -10.15
CA SER F 20 -15.65 29.92 -9.29
C SER F 20 -16.88 30.68 -8.83
N SER F 21 -16.70 31.49 -7.79
CA SER F 21 -17.77 32.32 -7.26
C SER F 21 -17.15 33.59 -6.69
N PHE F 22 -17.86 34.71 -6.87
CA PHE F 22 -17.37 36.02 -6.45
C PHE F 22 -18.53 36.83 -5.89
N THR F 23 -18.30 37.51 -4.78
CA THR F 23 -19.27 38.44 -4.24
C THR F 23 -19.25 39.74 -5.03
N SER F 24 -20.42 40.38 -5.12
CA SER F 24 -20.60 41.63 -5.86
C SER F 24 -20.92 42.73 -4.87
N GLU F 25 -19.98 43.64 -4.66
CA GLU F 25 -20.16 44.72 -3.71
C GLU F 25 -21.13 45.77 -4.25
N SER F 26 -21.78 46.47 -3.32
CA SER F 26 -22.71 47.55 -3.63
C SER F 26 -22.16 48.92 -3.20
N ALA F 27 -20.85 49.03 -3.00
CA ALA F 27 -20.25 50.24 -2.47
C ALA F 27 -20.01 51.27 -3.57
N THR F 28 -19.67 52.48 -3.15
CA THR F 28 -19.41 53.58 -4.06
C THR F 28 -18.02 53.41 -4.68
N PRO F 29 -17.81 53.84 -5.93
CA PRO F 29 -16.47 53.72 -6.52
C PRO F 29 -15.42 54.50 -5.75
N LEU F 30 -14.19 53.98 -5.78
CA LEU F 30 -13.02 54.66 -5.25
C LEU F 30 -12.27 55.34 -6.38
N ALA F 31 -11.38 56.25 -6.00
CA ALA F 31 -10.66 57.09 -6.95
C ALA F 31 -9.32 56.46 -7.30
N ARG F 32 -9.09 56.21 -8.60
CA ARG F 32 -7.81 55.68 -9.04
C ARG F 32 -6.68 56.68 -8.77
N GLY F 33 -6.93 57.96 -9.05
CA GLY F 33 -5.94 58.98 -8.80
C GLY F 33 -5.83 59.32 -7.32
N ALA F 34 -5.33 58.37 -6.54
CA ALA F 34 -5.20 58.53 -5.10
C ALA F 34 -3.96 57.80 -4.63
N GLN F 35 -3.53 58.11 -3.41
CA GLN F 35 -2.35 57.49 -2.82
C GLN F 35 -2.76 56.13 -2.27
N TRP F 36 -2.49 55.08 -3.03
CA TRP F 36 -2.81 53.73 -2.62
C TRP F 36 -1.66 53.12 -1.82
N GLY F 37 -1.99 52.11 -1.03
CA GLY F 37 -1.00 51.35 -0.30
C GLY F 37 -1.38 49.89 -0.26
N LEU F 38 -0.39 49.04 -0.02
CA LEU F 38 -0.58 47.61 0.11
C LEU F 38 0.04 47.16 1.43
N VAL F 39 -0.73 46.40 2.21
CA VAL F 39 -0.29 45.87 3.49
C VAL F 39 -0.46 44.36 3.43
N PRO F 40 0.28 43.58 4.23
CA PRO F 40 0.34 42.14 3.98
C PRO F 40 -1.00 41.45 4.14
N LEU F 41 -1.18 40.37 3.38
CA LEU F 41 -2.41 39.60 3.38
C LEU F 41 -2.39 38.56 4.49
N LEU F 42 -3.50 38.42 5.18
CA LEU F 42 -3.63 37.38 6.20
C LEU F 42 -3.75 36.02 5.54
N ASN F 43 -2.96 35.06 6.03
CA ASN F 43 -2.94 33.71 5.49
C ASN F 43 -3.67 32.79 6.46
N TYR F 44 -4.99 32.71 6.30
CA TYR F 44 -5.79 31.77 7.06
C TYR F 44 -5.87 30.40 6.41
N SER F 45 -5.39 30.27 5.18
CA SER F 45 -5.12 28.95 4.63
C SER F 45 -3.95 28.33 5.39
N GLN F 46 -3.89 27.01 5.35
CA GLN F 46 -2.82 26.27 6.00
C GLN F 46 -1.62 26.06 5.09
N ALA F 47 -1.58 26.74 3.94
CA ALA F 47 -0.44 26.64 3.04
C ALA F 47 0.60 27.68 3.43
N PRO F 48 1.85 27.30 3.70
CA PRO F 48 2.84 28.30 4.13
C PRO F 48 3.13 29.32 3.04
N GLN F 49 3.30 30.57 3.46
CA GLN F 49 3.70 31.68 2.59
C GLN F 49 2.71 31.95 1.47
N ALA F 50 1.46 31.50 1.61
CA ALA F 50 0.47 31.78 0.56
C ALA F 50 0.11 33.26 0.53
N GLY F 51 0.16 33.94 1.68
CA GLY F 51 -0.14 35.36 1.70
C GLY F 51 0.84 36.18 0.90
N GLU F 52 2.13 35.83 0.97
CA GLU F 52 3.14 36.55 0.19
C GLU F 52 2.96 36.33 -1.30
N ARG F 53 2.66 35.09 -1.71
CA ARG F 53 2.40 34.83 -3.12
C ARG F 53 1.19 35.62 -3.59
N ALA F 54 0.13 35.65 -2.78
CA ALA F 54 -1.03 36.45 -3.13
C ALA F 54 -0.67 37.92 -3.23
N GLU F 55 0.21 38.40 -2.34
CA GLU F 55 0.62 39.80 -2.41
C GLU F 55 1.34 40.11 -3.72
N GLN F 56 2.26 39.24 -4.14
CA GLN F 56 2.97 39.49 -5.40
C GLN F 56 2.01 39.47 -6.59
N ILE F 57 1.12 38.47 -6.64
CA ILE F 57 0.20 38.39 -7.77
C ILE F 57 -0.78 39.56 -7.73
N LEU F 58 -1.17 40.03 -6.54
CA LEU F 58 -2.04 41.19 -6.43
C LEU F 58 -1.32 42.45 -6.88
N LEU F 59 -0.03 42.55 -6.60
CA LEU F 59 0.76 43.66 -7.13
C LEU F 59 0.72 43.65 -8.65
N SER F 60 0.92 42.48 -9.25
CA SER F 60 0.90 42.40 -10.71
C SER F 60 -0.47 42.74 -11.27
N VAL F 61 -1.54 42.26 -10.64
CA VAL F 61 -2.88 42.48 -11.14
C VAL F 61 -3.29 43.94 -10.98
N LEU F 62 -2.91 44.56 -9.87
CA LEU F 62 -3.21 45.98 -9.66
C LEU F 62 -2.51 46.85 -10.69
N ALA F 63 -1.24 46.53 -10.98
CA ALA F 63 -0.51 47.29 -12.00
C ALA F 63 -1.18 47.17 -13.36
N GLU F 64 -1.79 46.02 -13.66
CA GLU F 64 -2.51 45.86 -14.91
C GLU F 64 -3.65 46.86 -15.05
N GLU F 65 -4.30 47.21 -13.93
CA GLU F 65 -5.42 48.14 -13.94
C GLU F 65 -4.99 49.59 -13.73
N GLY F 66 -3.70 49.86 -13.60
CA GLY F 66 -3.22 51.22 -13.45
C GLY F 66 -3.07 51.71 -12.03
N VAL F 67 -3.09 50.81 -11.05
CA VAL F 67 -2.93 51.17 -9.63
C VAL F 67 -1.55 50.72 -9.20
N ARG F 68 -0.78 51.64 -8.60
CA ARG F 68 0.59 51.38 -8.16
C ARG F 68 0.66 51.66 -6.67
N PRO F 69 0.36 50.67 -5.82
CA PRO F 69 0.36 50.92 -4.37
C PRO F 69 1.77 50.90 -3.79
N ARG F 70 2.07 51.88 -2.95
CA ARG F 70 3.32 51.87 -2.21
C ARG F 70 3.31 50.71 -1.22
N LEU F 71 4.43 50.00 -1.14
CA LEU F 71 4.51 48.79 -0.34
C LEU F 71 4.96 49.07 1.08
N TYR F 72 4.43 48.29 2.00
CA TYR F 72 4.80 48.37 3.41
C TYR F 72 6.28 48.01 3.59
N PRO F 73 6.98 48.64 4.53
CA PRO F 73 8.39 48.29 4.75
C PRO F 73 8.52 46.99 5.54
N ALA F 74 9.20 46.00 4.96
CA ALA F 74 9.37 44.73 5.62
C ALA F 74 10.36 44.85 6.78
N GLN F 75 10.32 43.86 7.68
CA GLN F 75 11.22 43.80 8.81
C GLN F 75 11.28 42.34 9.24
N PRO F 76 12.47 41.74 9.40
CA PRO F 76 12.52 40.32 9.79
C PRO F 76 11.90 40.08 11.15
N GLN F 77 11.23 38.94 11.27
CA GLN F 77 10.52 38.59 12.50
C GLN F 77 11.51 38.00 13.51
N GLY F 78 11.47 38.51 14.74
CA GLY F 78 12.29 37.92 15.79
C GLY F 78 11.87 36.50 16.12
N ASP F 79 10.57 36.27 16.18
CA ASP F 79 10.02 34.94 16.40
C ASP F 79 8.74 34.78 15.60
N LEU F 80 8.61 33.65 14.91
CA LEU F 80 7.42 33.41 14.10
C LEU F 80 6.17 33.31 14.98
N GLN F 81 6.27 32.64 16.12
CA GLN F 81 5.12 32.49 17.00
C GLN F 81 4.66 33.84 17.55
N LEU F 82 5.61 34.68 17.98
CA LEU F 82 5.24 35.97 18.56
C LEU F 82 4.64 36.89 17.51
N VAL F 83 5.22 36.92 16.31
CA VAL F 83 4.75 37.81 15.25
C VAL F 83 3.56 37.12 14.57
N ASP F 84 2.35 37.54 14.92
CA ASP F 84 1.15 36.99 14.31
C ASP F 84 0.86 37.69 13.00
N ASP F 85 -0.06 37.12 12.22
CA ASP F 85 -0.46 37.72 10.95
C ASP F 85 -1.14 39.07 11.19
N ARG F 86 -2.12 39.10 12.11
CA ARG F 86 -2.84 40.34 12.35
C ARG F 86 -1.95 41.38 13.05
N GLU F 87 -0.98 40.92 13.83
CA GLU F 87 -0.04 41.85 14.45
C GLU F 87 0.76 42.59 13.37
N ARG F 88 1.30 41.83 12.41
CA ARG F 88 2.05 42.44 11.32
C ARG F 88 1.15 43.34 10.47
N GLN F 89 -0.10 42.90 10.24
CA GLN F 89 -1.03 43.74 9.49
C GLN F 89 -1.32 45.04 10.22
N GLN F 90 -1.48 44.98 11.54
CA GLN F 90 -1.72 46.20 12.31
C GLN F 90 -0.51 47.13 12.25
N ARG F 91 0.69 46.57 12.29
CA ARG F 91 1.89 47.39 12.14
C ARG F 91 1.91 48.06 10.77
N ALA F 92 1.55 47.32 9.73
CA ALA F 92 1.49 47.90 8.39
C ALA F 92 0.44 49.00 8.29
N LEU F 93 -0.71 48.80 8.93
CA LEU F 93 -1.72 49.85 8.96
C LEU F 93 -1.23 51.08 9.70
N ASP F 94 -0.47 50.89 10.78
CA ASP F 94 0.14 52.03 11.45
C ASP F 94 1.09 52.77 10.52
N TRP F 95 1.89 52.03 9.76
CA TRP F 95 2.78 52.66 8.78
C TRP F 95 1.98 53.46 7.75
N ALA F 96 0.90 52.87 7.24
CA ALA F 96 0.08 53.56 6.24
C ALA F 96 -0.55 54.81 6.84
N ARG F 97 -0.98 54.76 8.09
CA ARG F 97 -1.51 55.94 8.77
C ARG F 97 -0.44 57.01 8.88
N GLN F 98 0.81 56.60 9.15
CA GLN F 98 1.88 57.58 9.28
C GLN F 98 2.14 58.29 7.95
N GLN F 99 1.97 57.57 6.84
CA GLN F 99 2.28 58.13 5.52
C GLN F 99 1.13 58.92 4.91
N LYS F 100 -0.05 58.93 5.52
CA LYS F 100 -1.22 59.64 5.00
C LYS F 100 -1.55 59.17 3.57
N LEU F 101 -1.92 57.90 3.47
CA LEU F 101 -2.40 57.32 2.23
C LEU F 101 -3.92 57.38 2.19
N ALA F 102 -4.46 57.50 0.98
CA ALA F 102 -5.91 57.55 0.82
C ALA F 102 -6.54 56.18 1.06
N TYR F 103 -5.95 55.13 0.48
CA TYR F 103 -6.48 53.77 0.57
C TYR F 103 -5.36 52.80 0.89
N VAL F 104 -5.73 51.69 1.52
CA VAL F 104 -4.85 50.57 1.75
C VAL F 104 -5.57 49.33 1.26
N VAL F 105 -5.14 48.80 0.12
CA VAL F 105 -5.67 47.55 -0.39
C VAL F 105 -5.03 46.40 0.37
N THR F 106 -5.86 45.43 0.76
CA THR F 106 -5.40 44.32 1.58
C THR F 106 -6.33 43.14 1.31
N GLY F 107 -6.26 42.13 2.15
CA GLY F 107 -7.13 40.98 1.98
C GLY F 107 -6.68 39.83 2.85
N SER F 108 -7.10 38.63 2.45
CA SER F 108 -6.70 37.41 3.12
C SER F 108 -6.77 36.26 2.13
N VAL F 109 -6.06 35.19 2.46
CA VAL F 109 -6.09 33.96 1.68
C VAL F 109 -6.83 32.92 2.52
N GLU F 110 -7.95 32.44 2.00
CA GLU F 110 -8.73 31.40 2.66
C GLU F 110 -8.40 30.00 2.15
N GLU F 111 -7.82 29.89 0.97
CA GLU F 111 -7.52 28.59 0.39
C GLU F 111 -6.39 28.75 -0.62
N TRP F 112 -5.37 27.91 -0.49
CA TRP F 112 -4.27 27.88 -1.46
C TRP F 112 -3.75 26.43 -1.47
N GLN F 113 -4.30 25.62 -2.37
CA GLN F 113 -3.95 24.20 -2.38
C GLN F 113 -4.54 23.55 -3.61
N TYR F 114 -3.93 22.43 -4.00
CA TYR F 114 -4.51 21.52 -4.96
C TYR F 114 -5.44 20.54 -4.24
N LYS F 115 -6.40 20.00 -4.98
CA LYS F 115 -7.29 19.01 -4.40
C LYS F 115 -6.50 17.75 -4.05
N ASN F 116 -6.96 17.06 -3.01
CA ASN F 116 -6.28 15.86 -2.54
C ASN F 116 -6.34 14.77 -3.60
N GLY F 117 -5.27 13.98 -3.65
CA GLY F 117 -5.16 12.87 -4.59
C GLY F 117 -4.21 13.15 -5.73
N LEU F 118 -4.42 12.48 -6.85
CA LEU F 118 -3.58 12.62 -8.03
C LEU F 118 -4.27 13.51 -9.06
N ASP F 119 -3.50 14.43 -9.64
CA ASP F 119 -3.99 15.33 -10.68
C ASP F 119 -5.18 16.16 -10.18
N GLY F 120 -5.12 16.57 -8.93
CA GLY F 120 -6.16 17.44 -8.39
C GLY F 120 -6.01 18.86 -8.92
N GLU F 121 -7.14 19.50 -9.14
CA GLU F 121 -7.15 20.85 -9.68
C GLU F 121 -6.76 21.85 -8.58
N PRO F 122 -6.29 23.05 -8.96
CA PRO F 122 -5.97 24.05 -7.94
C PRO F 122 -7.22 24.72 -7.40
N ALA F 123 -7.20 25.00 -6.10
CA ALA F 123 -8.32 25.63 -5.41
C ALA F 123 -7.79 26.85 -4.66
N VAL F 124 -8.20 28.03 -5.09
CA VAL F 124 -7.74 29.29 -4.51
C VAL F 124 -8.95 30.06 -4.01
N GLY F 125 -8.88 30.51 -2.77
CA GLY F 125 -9.90 31.37 -2.18
C GLY F 125 -9.27 32.57 -1.54
N VAL F 126 -9.60 33.76 -2.04
CA VAL F 126 -8.95 35.00 -1.63
C VAL F 126 -10.04 36.04 -1.36
N SER F 127 -9.86 36.81 -0.30
CA SER F 127 -10.68 37.98 -0.01
C SER F 127 -9.84 39.23 -0.23
N LEU F 128 -10.48 40.29 -0.73
CA LEU F 128 -9.81 41.55 -1.02
C LEU F 128 -10.54 42.65 -0.26
N GLN F 129 -9.77 43.50 0.42
CA GLN F 129 -10.31 44.59 1.22
C GLN F 129 -9.58 45.89 0.91
N VAL F 130 -10.30 47.00 0.94
CA VAL F 130 -9.73 48.33 0.85
C VAL F 130 -10.14 49.08 2.11
N LEU F 131 -9.18 49.37 2.98
CA LEU F 131 -9.41 50.05 4.24
C LEU F 131 -8.99 51.51 4.15
N GLU F 132 -9.71 52.37 4.85
CA GLU F 132 -9.31 53.76 5.00
C GLU F 132 -8.22 53.82 6.06
N PRO F 133 -6.99 54.24 5.74
CA PRO F 133 -5.92 54.16 6.75
C PRO F 133 -6.18 55.00 8.00
N ALA F 134 -6.83 56.15 7.86
CA ALA F 134 -7.09 57.01 8.99
C ALA F 134 -8.06 56.37 9.96
N SER F 135 -9.28 56.10 9.50
CA SER F 135 -10.30 55.52 10.37
C SER F 135 -10.07 54.03 10.58
N GLY F 136 -9.55 53.35 9.56
CA GLY F 136 -9.44 51.91 9.59
C GLY F 136 -10.70 51.17 9.20
N ARG F 137 -11.74 51.87 8.79
CA ARG F 137 -12.99 51.25 8.38
C ARG F 137 -12.84 50.60 7.02
N VAL F 138 -13.63 49.56 6.77
CA VAL F 138 -13.61 48.89 5.48
C VAL F 138 -14.41 49.72 4.49
N LEU F 139 -13.78 50.05 3.36
CA LEU F 139 -14.46 50.70 2.24
C LEU F 139 -14.86 49.72 1.15
N TRP F 140 -14.15 48.61 1.03
CA TRP F 140 -14.42 47.60 0.02
C TRP F 140 -14.13 46.23 0.63
N SER F 141 -14.92 45.24 0.23
CA SER F 141 -14.80 43.89 0.81
C SER F 141 -15.43 42.92 -0.19
N THR F 142 -14.59 42.20 -0.93
CA THR F 142 -15.05 41.19 -1.86
C THR F 142 -14.26 39.91 -1.65
N SER F 143 -14.93 38.78 -1.87
CA SER F 143 -14.34 37.46 -1.74
C SER F 143 -14.49 36.71 -3.05
N GLY F 144 -13.43 36.03 -3.44
CA GLY F 144 -13.45 35.22 -4.65
C GLY F 144 -12.87 33.85 -4.39
N ALA F 145 -13.44 32.86 -5.04
CA ALA F 145 -12.97 31.48 -4.93
C ALA F 145 -13.00 30.85 -6.32
N ARG F 146 -12.03 29.97 -6.57
CA ARG F 146 -11.96 29.29 -7.85
C ARG F 146 -11.36 27.91 -7.63
N ALA F 147 -12.01 26.90 -8.21
CA ALA F 147 -11.42 25.60 -8.45
C ALA F 147 -11.21 25.46 -9.95
N GLY F 148 -9.96 25.40 -10.39
CA GLY F 148 -9.61 25.52 -11.78
C GLY F 148 -9.61 24.20 -12.53
N TRP F 149 -8.96 24.22 -13.68
CA TRP F 149 -8.80 23.02 -14.48
C TRP F 149 -7.70 22.14 -13.88
N SER F 150 -7.77 20.84 -14.19
CA SER F 150 -6.77 19.92 -13.69
C SER F 150 -5.37 20.25 -14.20
N ARG F 151 -5.26 20.84 -15.39
CA ARG F 151 -3.99 21.23 -15.97
C ARG F 151 -3.63 22.67 -15.66
N GLU F 152 -4.22 23.24 -14.62
CA GLU F 152 -4.00 24.63 -14.24
C GLU F 152 -3.16 24.70 -12.97
N SER F 153 -2.33 25.74 -12.89
CA SER F 153 -1.46 25.95 -11.75
C SER F 153 -2.18 26.74 -10.66
N LEU F 154 -1.65 26.62 -9.44
CA LEU F 154 -2.17 27.43 -8.34
C LEU F 154 -1.95 28.91 -8.60
N ALA F 155 -0.79 29.27 -9.12
CA ALA F 155 -0.49 30.67 -9.41
C ALA F 155 -1.45 31.23 -10.45
N GLY F 156 -1.75 30.45 -11.50
CA GLY F 156 -2.68 30.93 -12.52
C GLY F 156 -4.08 31.10 -11.99
N ALA F 157 -4.55 30.16 -11.18
CA ALA F 157 -5.88 30.28 -10.59
C ALA F 157 -5.95 31.49 -9.67
N ALA F 158 -4.92 31.71 -8.86
CA ALA F 158 -4.88 32.88 -7.99
C ALA F 158 -4.88 34.16 -8.81
N GLN F 159 -4.13 34.17 -9.92
CA GLN F 159 -4.11 35.33 -10.79
C GLN F 159 -5.48 35.62 -11.37
N LYS F 160 -6.20 34.58 -11.80
CA LYS F 160 -7.54 34.79 -12.34
C LYS F 160 -8.49 35.31 -11.27
N VAL F 161 -8.43 34.75 -10.06
CA VAL F 161 -9.31 35.20 -8.99
C VAL F 161 -9.02 36.66 -8.65
N LEU F 162 -7.75 37.02 -8.55
CA LEU F 162 -7.39 38.39 -8.20
C LEU F 162 -7.72 39.36 -9.32
N ARG F 163 -7.62 38.91 -10.58
CA ARG F 163 -8.03 39.76 -11.69
C ARG F 163 -9.53 40.05 -11.63
N GLU F 164 -10.33 39.03 -11.35
CA GLU F 164 -11.78 39.27 -11.27
C GLU F 164 -12.11 40.16 -10.08
N LEU F 165 -11.48 39.93 -8.94
CA LEU F 165 -11.75 40.76 -7.76
C LEU F 165 -11.32 42.20 -8.01
N VAL F 166 -10.11 42.41 -8.52
CA VAL F 166 -9.66 43.75 -8.82
C VAL F 166 -10.40 44.31 -10.03
N GLY F 167 -10.82 43.44 -10.96
CA GLY F 167 -11.59 43.92 -12.09
C GLY F 167 -12.93 44.49 -11.68
N ASP F 168 -13.61 43.83 -10.76
CA ASP F 168 -14.89 44.32 -10.25
C ASP F 168 -14.73 45.55 -9.37
N LEU F 169 -13.53 45.80 -8.84
CA LEU F 169 -13.29 47.00 -8.07
C LEU F 169 -13.56 48.24 -8.92
N ARG F 170 -14.52 49.05 -8.49
CA ARG F 170 -14.97 50.19 -9.28
C ARG F 170 -14.02 51.35 -9.05
N LEU F 171 -13.20 51.65 -10.06
CA LEU F 171 -12.22 52.73 -10.00
C LEU F 171 -12.61 53.82 -10.99
N GLU F 172 -12.56 55.07 -10.55
CA GLU F 172 -12.89 56.20 -11.41
C GLU F 172 -12.01 57.39 -11.08
N CYS G 19 -2.09 25.27 -19.83
CA CYS G 19 -2.80 26.43 -19.20
C CYS G 19 -1.80 27.47 -18.73
N SER G 20 -1.89 28.67 -19.30
CA SER G 20 -1.01 29.77 -18.96
C SER G 20 -1.83 31.04 -18.76
N SER G 21 -1.28 31.97 -17.97
CA SER G 21 -1.93 33.24 -17.71
C SER G 21 -0.86 34.26 -17.39
N PHE G 22 -0.97 35.45 -17.98
CA PHE G 22 -0.01 36.53 -17.77
C PHE G 22 -0.75 37.83 -17.57
N THR G 23 -0.23 38.67 -16.67
CA THR G 23 -0.71 40.03 -16.52
C THR G 23 0.02 40.94 -17.51
N SER G 24 -0.70 41.95 -17.99
CA SER G 24 -0.16 42.92 -18.94
C SER G 24 -0.05 44.28 -18.25
N GLU G 25 1.17 44.79 -18.16
CA GLU G 25 1.39 46.07 -17.50
C GLU G 25 0.91 47.23 -18.37
N SER G 26 0.39 48.25 -17.71
CA SER G 26 -0.04 49.49 -18.37
C SER G 26 1.00 50.59 -18.26
N ALA G 27 2.17 50.32 -17.68
CA ALA G 27 3.17 51.35 -17.49
C ALA G 27 3.87 51.68 -18.80
N THR G 28 4.61 52.79 -18.80
CA THR G 28 5.32 53.23 -19.98
C THR G 28 6.53 52.34 -20.24
N PRO G 29 7.02 52.30 -21.49
CA PRO G 29 8.20 51.48 -21.78
C PRO G 29 9.45 52.00 -21.10
N LEU G 30 10.38 51.09 -20.83
CA LEU G 30 11.68 51.41 -20.27
C LEU G 30 12.73 51.43 -21.37
N ALA G 31 13.90 51.98 -21.03
CA ALA G 31 15.00 52.16 -21.97
C ALA G 31 16.02 51.03 -21.81
N ARG G 32 16.33 50.38 -22.93
CA ARG G 32 17.29 49.28 -22.91
C ARG G 32 18.71 49.76 -22.62
N GLY G 33 19.07 50.95 -23.09
CA GLY G 33 20.45 51.40 -23.01
C GLY G 33 20.95 51.68 -21.61
N ALA G 34 20.05 51.88 -20.65
CA ALA G 34 20.46 52.24 -19.30
C ALA G 34 21.19 51.08 -18.64
N GLN G 35 21.80 51.37 -17.49
CA GLN G 35 22.59 50.39 -16.75
C GLN G 35 21.63 49.55 -15.91
N TRP G 36 21.34 48.35 -16.40
CA TRP G 36 20.45 47.44 -15.69
C TRP G 36 21.21 46.70 -14.60
N GLY G 37 20.46 46.26 -13.58
CA GLY G 37 20.99 45.42 -12.53
C GLY G 37 20.09 44.19 -12.36
N LEU G 38 20.55 43.26 -11.52
CA LEU G 38 19.78 42.06 -11.21
C LEU G 38 20.06 41.67 -9.76
N VAL G 39 19.00 41.49 -8.99
CA VAL G 39 19.10 41.14 -7.58
C VAL G 39 18.37 39.80 -7.40
N PRO G 40 18.67 39.02 -6.36
CA PRO G 40 18.07 37.68 -6.25
C PRO G 40 16.55 37.74 -6.10
N LEU G 41 15.90 36.69 -6.58
CA LEU G 41 14.45 36.59 -6.58
C LEU G 41 13.96 36.03 -5.26
N LEU G 42 12.79 36.48 -4.83
CA LEU G 42 12.18 35.94 -3.61
C LEU G 42 11.52 34.60 -3.90
N ASN G 43 11.86 33.60 -3.09
CA ASN G 43 11.35 32.24 -3.26
C ASN G 43 10.23 32.02 -2.24
N TYR G 44 9.00 32.31 -2.66
CA TYR G 44 7.82 31.99 -1.86
C TYR G 44 7.27 30.60 -2.19
N SER G 45 7.78 29.94 -3.22
CA SER G 45 7.55 28.52 -3.36
C SER G 45 8.39 27.77 -2.34
N GLN G 46 7.96 26.56 -2.00
CA GLN G 46 8.69 25.74 -1.04
C GLN G 46 9.80 24.92 -1.68
N ALA G 47 9.98 25.02 -2.99
CA ALA G 47 11.06 24.31 -3.65
C ALA G 47 12.40 24.96 -3.28
N PRO G 48 13.40 24.19 -2.82
CA PRO G 48 14.66 24.82 -2.41
C PRO G 48 15.38 25.44 -3.59
N GLN G 49 15.95 26.63 -3.36
CA GLN G 49 16.82 27.31 -4.33
C GLN G 49 16.12 27.55 -5.66
N ALA G 50 14.80 27.67 -5.65
CA ALA G 50 14.10 28.00 -6.89
C ALA G 50 14.37 29.43 -7.32
N GLY G 51 14.62 30.32 -6.36
CA GLY G 51 14.97 31.69 -6.71
C GLY G 51 16.25 31.76 -7.51
N GLU G 52 17.25 30.97 -7.14
CA GLU G 52 18.52 30.98 -7.86
C GLU G 52 18.36 30.41 -9.28
N ARG G 53 17.60 29.32 -9.42
CA ARG G 53 17.36 28.77 -10.75
C ARG G 53 16.63 29.79 -11.63
N ALA G 54 15.62 30.44 -11.07
CA ALA G 54 14.90 31.47 -11.80
C ALA G 54 15.82 32.62 -12.17
N GLU G 55 16.74 32.99 -11.28
CA GLU G 55 17.68 34.07 -11.57
C GLU G 55 18.59 33.69 -12.73
N GLN G 56 19.09 32.46 -12.75
CA GLN G 56 19.95 32.03 -13.84
C GLN G 56 19.20 32.03 -15.17
N ILE G 57 18.00 31.45 -15.19
CA ILE G 57 17.24 31.39 -16.43
C ILE G 57 16.82 32.80 -16.86
N LEU G 58 16.52 33.68 -15.91
CA LEU G 58 16.18 35.06 -16.24
C LEU G 58 17.39 35.80 -16.82
N LEU G 59 18.59 35.54 -16.29
CA LEU G 59 19.78 36.12 -16.87
C LEU G 59 19.97 35.67 -18.31
N SER G 60 19.73 34.37 -18.57
CA SER G 60 19.84 33.89 -19.95
C SER G 60 18.78 34.52 -20.84
N VAL G 61 17.55 34.65 -20.34
CA VAL G 61 16.44 35.15 -21.16
C VAL G 61 16.63 36.64 -21.44
N LEU G 62 17.11 37.40 -20.46
CA LEU G 62 17.35 38.83 -20.67
C LEU G 62 18.40 39.06 -21.74
N ALA G 63 19.47 38.26 -21.73
CA ALA G 63 20.51 38.41 -22.74
C ALA G 63 19.98 38.14 -24.14
N GLU G 64 18.99 37.27 -24.26
CA GLU G 64 18.36 37.06 -25.56
C GLU G 64 17.71 38.34 -26.08
N GLU G 65 17.08 39.10 -25.18
CA GLU G 65 16.46 40.36 -25.59
C GLU G 65 17.51 41.41 -25.91
N GLY G 66 18.58 41.47 -25.12
CA GLY G 66 19.64 42.45 -25.32
C GLY G 66 20.08 43.15 -24.05
N VAL G 67 19.56 42.71 -22.90
CA VAL G 67 19.85 43.33 -21.61
C VAL G 67 20.96 42.54 -20.94
N ARG G 68 21.93 43.25 -20.36
CA ARG G 68 23.12 42.67 -19.74
C ARG G 68 23.24 43.20 -18.32
N PRO G 69 22.40 42.74 -17.40
CA PRO G 69 22.43 43.29 -16.05
C PRO G 69 23.69 42.91 -15.30
N ARG G 70 24.10 43.78 -14.39
CA ARG G 70 25.21 43.51 -13.50
C ARG G 70 24.70 42.74 -12.29
N LEU G 71 25.43 41.69 -11.91
CA LEU G 71 24.99 40.81 -10.84
C LEU G 71 25.31 41.40 -9.47
N TYR G 72 24.44 41.08 -8.51
CA TYR G 72 24.67 41.51 -7.14
C TYR G 72 25.76 40.63 -6.52
N PRO G 73 26.83 41.21 -5.96
CA PRO G 73 27.92 40.37 -5.44
C PRO G 73 27.47 39.63 -4.19
N ALA G 74 27.82 38.35 -4.12
CA ALA G 74 27.43 37.51 -3.00
C ALA G 74 28.19 37.94 -1.73
N GLN G 75 27.78 37.34 -0.62
CA GLN G 75 28.37 37.57 0.69
C GLN G 75 28.64 36.23 1.34
N PRO G 76 29.50 36.18 2.37
CA PRO G 76 29.68 34.94 3.11
C PRO G 76 28.38 34.50 3.76
N GLN G 77 28.21 33.18 3.87
CA GLN G 77 26.98 32.64 4.43
C GLN G 77 26.75 33.13 5.85
N GLY G 78 27.75 32.95 6.72
CA GLY G 78 27.62 33.33 8.11
C GLY G 78 26.43 32.62 8.74
N ASP G 79 25.37 33.37 8.99
CA ASP G 79 24.08 32.83 9.43
C ASP G 79 23.00 33.35 8.49
N LEU G 80 22.81 32.66 7.36
CA LEU G 80 21.75 33.04 6.43
C LEU G 80 20.39 32.58 6.92
N GLN G 81 20.34 31.73 7.94
CA GLN G 81 19.05 31.28 8.48
C GLN G 81 18.26 32.46 9.02
N LEU G 82 18.92 33.36 9.74
CA LEU G 82 18.25 34.57 10.19
C LEU G 82 17.91 35.48 9.03
N VAL G 83 18.76 35.52 7.99
CA VAL G 83 18.53 36.40 6.86
C VAL G 83 17.37 35.87 6.04
N ASP G 84 16.35 36.71 5.86
CA ASP G 84 15.18 36.38 5.05
C ASP G 84 15.37 36.91 3.64
N ASP G 85 14.49 36.49 2.73
CA ASP G 85 14.57 36.90 1.34
C ASP G 85 14.42 38.41 1.19
N ARG G 86 13.48 39.01 1.94
CA ARG G 86 13.19 40.42 1.76
C ARG G 86 14.37 41.29 2.19
N GLU G 87 14.97 40.99 3.34
CA GLU G 87 16.09 41.80 3.81
C GLU G 87 17.32 41.59 2.95
N ARG G 88 17.53 40.37 2.45
CA ARG G 88 18.63 40.13 1.52
C ARG G 88 18.42 40.93 0.23
N GLN G 89 17.18 40.97 -0.25
CA GLN G 89 16.87 41.77 -1.42
C GLN G 89 17.07 43.25 -1.16
N GLN G 90 16.76 43.70 0.07
CA GLN G 90 17.02 45.09 0.42
C GLN G 90 18.50 45.40 0.42
N ARG G 91 19.32 44.46 0.91
CA ARG G 91 20.76 44.63 0.83
C ARG G 91 21.23 44.71 -0.62
N ALA G 92 20.66 43.88 -1.48
CA ALA G 92 20.97 43.94 -2.90
C ALA G 92 20.57 45.29 -3.49
N LEU G 93 19.42 45.82 -3.08
CA LEU G 93 19.00 47.13 -3.54
C LEU G 93 19.94 48.23 -3.06
N ASP G 94 20.46 48.08 -1.84
CA ASP G 94 21.47 49.03 -1.37
C ASP G 94 22.72 48.97 -2.24
N TRP G 95 23.15 47.76 -2.61
CA TRP G 95 24.25 47.64 -3.55
C TRP G 95 23.91 48.33 -4.87
N ALA G 96 22.69 48.13 -5.36
CA ALA G 96 22.31 48.68 -6.65
C ALA G 96 22.32 50.20 -6.63
N ARG G 97 21.79 50.80 -5.55
CA ARG G 97 21.79 52.26 -5.47
C ARG G 97 23.20 52.79 -5.26
N GLN G 98 24.08 52.00 -4.63
CA GLN G 98 25.45 52.44 -4.46
C GLN G 98 26.18 52.46 -5.81
N GLN G 99 25.80 51.56 -6.71
CA GLN G 99 26.40 51.50 -8.04
C GLN G 99 25.77 52.49 -9.02
N LYS G 100 24.69 53.17 -8.65
CA LYS G 100 24.04 54.15 -9.52
C LYS G 100 23.44 53.46 -10.75
N LEU G 101 22.66 52.40 -10.51
CA LEU G 101 22.00 51.68 -11.59
C LEU G 101 20.62 52.26 -11.83
N ALA G 102 20.29 52.47 -13.10
CA ALA G 102 19.00 53.05 -13.45
C ALA G 102 17.86 52.09 -13.10
N TYR G 103 17.96 50.84 -13.54
CA TYR G 103 16.93 49.84 -13.35
C TYR G 103 17.50 48.61 -12.67
N VAL G 104 16.66 47.94 -11.88
CA VAL G 104 17.01 46.69 -11.21
C VAL G 104 15.92 45.69 -11.54
N VAL G 105 16.27 44.63 -12.27
CA VAL G 105 15.35 43.54 -12.48
C VAL G 105 15.30 42.67 -11.22
N THR G 106 14.10 42.29 -10.82
CA THR G 106 13.91 41.43 -9.66
C THR G 106 12.61 40.67 -9.87
N GLY G 107 12.12 40.05 -8.80
CA GLY G 107 10.88 39.31 -8.90
C GLY G 107 10.76 38.31 -7.78
N SER G 108 9.87 37.35 -7.98
CA SER G 108 9.64 36.31 -7.00
C SER G 108 9.18 35.05 -7.70
N VAL G 109 9.36 33.92 -7.03
CA VAL G 109 8.89 32.62 -7.50
C VAL G 109 7.73 32.21 -6.61
N GLU G 110 6.54 32.07 -7.20
CA GLU G 110 5.36 31.64 -6.46
C GLU G 110 5.15 30.13 -6.54
N GLU G 111 5.48 29.53 -7.68
CA GLU G 111 5.32 28.10 -7.88
C GLU G 111 6.50 27.59 -8.66
N TRP G 112 7.11 26.50 -8.18
CA TRP G 112 8.19 25.84 -8.90
C TRP G 112 8.14 24.37 -8.48
N GLN G 113 7.43 23.56 -9.25
CA GLN G 113 7.21 22.18 -8.83
C GLN G 113 6.59 21.36 -9.96
N TYR G 114 6.66 20.05 -9.80
CA TYR G 114 5.87 19.12 -10.60
C TYR G 114 4.60 18.80 -9.83
N LYS G 115 3.46 18.99 -10.48
CA LYS G 115 2.19 18.74 -9.82
C LYS G 115 2.03 17.26 -9.51
N ASN G 116 1.39 16.97 -8.38
CA ASN G 116 1.11 15.59 -8.00
C ASN G 116 0.22 14.94 -9.04
N GLY G 117 0.58 13.75 -9.47
CA GLY G 117 -0.15 13.06 -10.50
C GLY G 117 0.72 12.06 -11.21
N LEU G 118 0.13 11.44 -12.23
CA LEU G 118 0.79 10.42 -13.02
C LEU G 118 1.42 10.97 -14.30
N ASP G 119 1.41 12.29 -14.49
CA ASP G 119 1.89 12.89 -15.73
C ASP G 119 3.19 13.66 -15.58
N GLY G 120 3.64 13.92 -14.36
CA GLY G 120 4.85 14.70 -14.17
C GLY G 120 4.75 16.09 -14.77
N GLU G 121 3.65 16.77 -14.51
CA GLU G 121 3.36 18.04 -15.16
C GLU G 121 4.02 19.18 -14.38
N PRO G 122 4.88 20.01 -14.99
CA PRO G 122 5.47 21.12 -14.25
C PRO G 122 4.54 22.31 -14.14
N ALA G 123 4.62 22.98 -13.00
CA ALA G 123 3.87 24.21 -12.75
C ALA G 123 4.86 25.27 -12.29
N VAL G 124 4.86 26.41 -12.98
CA VAL G 124 5.77 27.52 -12.67
C VAL G 124 4.93 28.77 -12.47
N GLY G 125 5.23 29.52 -11.41
CA GLY G 125 4.65 30.83 -11.19
C GLY G 125 5.73 31.82 -10.84
N VAL G 126 5.95 32.82 -11.69
CA VAL G 126 7.01 33.81 -11.51
C VAL G 126 6.41 35.19 -11.67
N SER G 127 6.73 36.08 -10.72
CA SER G 127 6.44 37.50 -10.82
C SER G 127 7.73 38.24 -11.11
N LEU G 128 7.70 39.11 -12.12
CA LEU G 128 8.86 39.88 -12.54
C LEU G 128 8.61 41.34 -12.24
N GLN G 129 9.49 41.95 -11.46
CA GLN G 129 9.40 43.36 -11.09
C GLN G 129 10.66 44.09 -11.54
N VAL G 130 10.50 45.34 -11.94
CA VAL G 130 11.61 46.24 -12.25
C VAL G 130 11.49 47.45 -11.34
N LEU G 131 12.51 47.67 -10.52
CA LEU G 131 12.53 48.73 -9.52
C LEU G 131 13.43 49.86 -9.96
N GLU G 132 13.27 51.01 -9.31
CA GLU G 132 14.14 52.17 -9.46
C GLU G 132 14.98 52.28 -8.19
N PRO G 133 16.29 52.01 -8.22
CA PRO G 133 17.07 52.05 -6.97
C PRO G 133 17.08 53.41 -6.29
N ALA G 134 16.89 54.49 -7.06
CA ALA G 134 16.95 55.83 -6.47
C ALA G 134 15.85 56.01 -5.43
N SER G 135 14.64 55.52 -5.72
CA SER G 135 13.48 55.67 -4.84
C SER G 135 12.90 54.34 -4.37
N GLY G 136 13.09 53.26 -5.11
CA GLY G 136 12.55 51.96 -4.76
C GLY G 136 11.17 51.68 -5.31
N ARG G 137 10.54 52.66 -5.96
CA ARG G 137 9.21 52.44 -6.53
C ARG G 137 9.27 51.43 -7.66
N VAL G 138 8.18 50.70 -7.82
CA VAL G 138 8.08 49.69 -8.88
C VAL G 138 7.72 50.37 -10.18
N LEU G 139 8.54 50.18 -11.21
CA LEU G 139 8.29 50.70 -12.54
C LEU G 139 7.59 49.70 -13.45
N TRP G 140 7.74 48.42 -13.17
CA TRP G 140 7.12 47.35 -13.96
C TRP G 140 6.88 46.18 -13.02
N SER G 141 5.74 45.52 -13.19
CA SER G 141 5.39 44.36 -12.37
C SER G 141 4.42 43.49 -13.15
N THR G 142 4.87 42.29 -13.53
CA THR G 142 4.04 41.33 -14.23
C THR G 142 4.20 39.96 -13.59
N SER G 143 3.14 39.16 -13.68
CA SER G 143 3.11 37.81 -13.14
C SER G 143 2.70 36.85 -14.24
N GLY G 144 3.38 35.72 -14.31
CA GLY G 144 3.08 34.70 -15.29
C GLY G 144 3.02 33.34 -14.65
N ALA G 145 2.16 32.50 -15.20
CA ALA G 145 2.00 31.14 -14.71
C ALA G 145 1.84 30.21 -15.89
N ARG G 146 2.29 28.96 -15.72
CA ARG G 146 2.22 27.96 -16.78
C ARG G 146 2.10 26.58 -16.14
N ALA G 147 1.34 25.72 -16.80
CA ALA G 147 1.16 24.34 -16.36
C ALA G 147 0.40 23.59 -17.45
N GLY G 148 0.31 22.27 -17.27
CA GLY G 148 -0.47 21.41 -18.14
C GLY G 148 0.31 20.74 -19.24
N TRP G 149 1.58 21.03 -19.42
CA TRP G 149 2.41 20.43 -20.47
C TRP G 149 3.16 19.26 -19.85
N SER G 150 2.57 18.06 -19.98
CA SER G 150 3.06 16.90 -19.23
C SER G 150 4.47 16.49 -19.66
N ARG G 151 4.78 16.58 -20.95
CA ARG G 151 6.06 16.11 -21.48
C ARG G 151 7.11 17.22 -21.51
N GLU G 152 7.01 18.19 -20.60
CA GLU G 152 7.89 19.34 -20.56
C GLU G 152 8.65 19.35 -19.23
N SER G 153 9.87 19.89 -19.28
CA SER G 153 10.69 20.01 -18.09
C SER G 153 10.29 21.23 -17.27
N LEU G 154 10.55 21.16 -15.97
CA LEU G 154 10.29 22.31 -15.10
C LEU G 154 11.12 23.51 -15.54
N ALA G 155 12.39 23.28 -15.89
CA ALA G 155 13.23 24.36 -16.38
C ALA G 155 12.72 24.91 -17.70
N GLY G 156 12.20 24.06 -18.58
CA GLY G 156 11.65 24.55 -19.83
C GLY G 156 10.43 25.43 -19.61
N ALA G 157 9.53 25.02 -18.72
CA ALA G 157 8.38 25.84 -18.39
C ALA G 157 8.79 27.17 -17.79
N ALA G 158 9.79 27.15 -16.90
CA ALA G 158 10.28 28.39 -16.31
C ALA G 158 10.88 29.30 -17.37
N GLN G 159 11.64 28.73 -18.30
CA GLN G 159 12.23 29.53 -19.37
C GLN G 159 11.14 30.15 -20.24
N LYS G 160 10.10 29.38 -20.57
CA LYS G 160 9.03 29.92 -21.40
C LYS G 160 8.30 31.05 -20.68
N VAL G 161 7.99 30.87 -19.39
CA VAL G 161 7.29 31.90 -18.64
C VAL G 161 8.15 33.16 -18.55
N LEU G 162 9.45 33.00 -18.28
CA LEU G 162 10.32 34.16 -18.15
C LEU G 162 10.49 34.87 -19.49
N ARG G 163 10.55 34.11 -20.59
CA ARG G 163 10.62 34.73 -21.90
C ARG G 163 9.36 35.53 -22.19
N GLU G 164 8.20 34.99 -21.86
CA GLU G 164 6.96 35.73 -22.07
C GLU G 164 6.93 37.00 -21.23
N LEU G 165 7.34 36.91 -19.96
CA LEU G 165 7.35 38.09 -19.11
C LEU G 165 8.38 39.10 -19.58
N VAL G 166 9.59 38.65 -19.90
CA VAL G 166 10.62 39.56 -20.39
C VAL G 166 10.24 40.07 -21.78
N GLY G 167 9.59 39.25 -22.59
CA GLY G 167 9.16 39.70 -23.90
C GLY G 167 8.15 40.82 -23.83
N ASP G 168 7.19 40.72 -22.89
CA ASP G 168 6.18 41.76 -22.72
C ASP G 168 6.77 43.04 -22.14
N LEU G 169 7.96 42.98 -21.54
CA LEU G 169 8.60 44.18 -21.03
C LEU G 169 8.95 45.09 -22.20
N ARG G 170 8.21 46.18 -22.36
CA ARG G 170 8.36 47.05 -23.52
C ARG G 170 9.69 47.78 -23.41
N LEU G 171 10.62 47.49 -24.32
CA LEU G 171 11.94 48.08 -24.34
C LEU G 171 12.08 48.90 -25.63
N GLU G 172 12.57 50.12 -25.50
CA GLU G 172 12.76 50.99 -26.65
C GLU G 172 14.23 51.05 -27.07
N CYS H 19 11.05 17.50 -26.46
CA CYS H 19 10.49 18.73 -25.84
C CYS H 19 11.60 19.49 -25.13
N SER H 20 12.22 20.44 -25.84
CA SER H 20 13.35 21.20 -25.32
C SER H 20 13.19 22.66 -25.65
N SER H 21 13.80 23.51 -24.82
CA SER H 21 13.75 24.96 -24.99
C SER H 21 15.15 25.51 -24.79
N PHE H 22 15.60 26.36 -25.71
CA PHE H 22 16.92 26.97 -25.66
C PHE H 22 16.81 28.46 -25.94
N THR H 23 17.59 29.25 -25.22
CA THR H 23 17.66 30.69 -25.44
C THR H 23 18.69 31.00 -26.51
N SER H 24 18.43 32.06 -27.28
CA SER H 24 19.30 32.51 -28.37
C SER H 24 20.03 33.76 -27.91
N GLU H 25 21.24 33.59 -27.39
CA GLU H 25 22.01 34.71 -26.89
C GLU H 25 22.43 35.62 -28.04
N SER H 26 22.31 36.93 -27.84
CA SER H 26 22.49 37.92 -28.89
C SER H 26 23.86 38.62 -28.83
N ALA H 27 24.80 38.05 -28.09
CA ALA H 27 26.12 38.65 -27.95
C ALA H 27 26.96 38.39 -29.19
N THR H 28 28.15 39.00 -29.22
CA THR H 28 29.05 38.86 -30.35
C THR H 28 29.74 37.50 -30.33
N PRO H 29 30.18 37.01 -31.50
CA PRO H 29 30.94 35.75 -31.50
C PRO H 29 32.25 35.86 -30.73
N LEU H 30 32.67 34.75 -30.15
CA LEU H 30 33.93 34.65 -29.43
C LEU H 30 34.97 33.93 -30.28
N ALA H 31 36.22 33.97 -29.83
CA ALA H 31 37.35 33.45 -30.58
C ALA H 31 37.66 32.02 -30.13
N ARG H 32 37.66 31.09 -31.08
CA ARG H 32 37.96 29.69 -30.75
C ARG H 32 39.42 29.53 -30.34
N GLY H 33 40.33 30.17 -31.07
CA GLY H 33 41.74 30.07 -30.77
C GLY H 33 42.17 31.00 -29.65
N ALA H 34 41.74 30.70 -28.43
CA ALA H 34 42.08 31.50 -27.26
C ALA H 34 42.31 30.58 -26.08
N GLN H 35 42.75 31.16 -24.97
CA GLN H 35 43.01 30.41 -23.75
C GLN H 35 41.72 30.34 -22.95
N TRP H 36 41.17 29.13 -22.80
CA TRP H 36 39.93 28.91 -22.09
C TRP H 36 40.21 28.27 -20.73
N GLY H 37 39.35 28.55 -19.76
CA GLY H 37 39.32 27.86 -18.50
C GLY H 37 38.04 27.05 -18.34
N LEU H 38 37.92 26.42 -17.18
CA LEU H 38 36.71 25.67 -16.84
C LEU H 38 36.49 25.77 -15.34
N VAL H 39 35.59 26.66 -14.94
CA VAL H 39 35.16 26.83 -13.55
C VAL H 39 34.12 25.76 -13.24
N PRO H 40 33.95 25.33 -11.99
CA PRO H 40 32.86 24.40 -11.68
C PRO H 40 31.49 24.91 -12.07
N LEU H 41 30.51 24.00 -12.13
CA LEU H 41 29.13 24.33 -12.44
C LEU H 41 28.31 24.32 -11.17
N LEU H 42 27.54 25.38 -10.95
CA LEU H 42 26.70 25.46 -9.76
C LEU H 42 25.55 24.48 -9.85
N ASN H 43 25.37 23.68 -8.80
CA ASN H 43 24.33 22.65 -8.76
C ASN H 43 23.17 23.20 -7.95
N TYR H 44 22.19 23.77 -8.65
CA TYR H 44 20.97 24.26 -8.01
C TYR H 44 19.87 23.21 -7.99
N SER H 45 19.95 22.20 -8.84
CA SER H 45 19.09 21.04 -8.69
C SER H 45 19.45 20.28 -7.42
N GLN H 46 18.53 19.46 -6.94
CA GLN H 46 18.74 18.71 -5.71
C GLN H 46 19.44 17.38 -5.95
N ALA H 47 19.80 17.06 -7.18
CA ALA H 47 20.55 15.84 -7.45
C ALA H 47 22.01 16.02 -7.04
N PRO H 48 22.55 15.22 -6.13
CA PRO H 48 23.94 15.43 -5.72
C PRO H 48 24.91 15.18 -6.86
N GLN H 49 25.95 16.01 -6.91
CA GLN H 49 27.03 15.87 -7.89
C GLN H 49 26.52 15.98 -9.33
N ALA H 50 25.42 16.71 -9.54
CA ALA H 50 24.99 16.98 -10.91
C ALA H 50 25.95 17.95 -11.60
N GLY H 51 26.54 18.87 -10.84
CA GLY H 51 27.50 19.79 -11.42
C GLY H 51 28.73 19.08 -11.98
N GLU H 52 29.22 18.06 -11.26
CA GLU H 52 30.39 17.34 -11.74
C GLU H 52 30.08 16.57 -13.02
N ARG H 53 28.92 15.92 -13.08
CA ARG H 53 28.54 15.19 -14.29
C ARG H 53 28.38 16.14 -15.46
N ALA H 54 27.72 17.28 -15.23
CA ALA H 54 27.59 18.28 -16.28
C ALA H 54 28.95 18.80 -16.71
N GLU H 55 29.89 18.94 -15.78
CA GLU H 55 31.25 19.37 -16.12
C GLU H 55 31.93 18.37 -17.04
N GLN H 56 31.82 17.07 -16.72
CA GLN H 56 32.44 16.06 -17.57
C GLN H 56 31.82 16.06 -18.97
N ILE H 57 30.49 16.11 -19.04
CA ILE H 57 29.85 16.05 -20.35
C ILE H 57 30.11 17.33 -21.13
N LEU H 58 30.18 18.49 -20.47
CA LEU H 58 30.55 19.72 -21.14
C LEU H 58 31.99 19.69 -21.62
N LEU H 59 32.88 19.04 -20.87
CA LEU H 59 34.24 18.84 -21.35
C LEU H 59 34.25 18.03 -22.63
N SER H 60 33.48 16.95 -22.66
CA SER H 60 33.42 16.13 -23.86
C SER H 60 32.82 16.90 -25.04
N VAL H 61 31.77 17.68 -24.78
CA VAL H 61 31.09 18.40 -25.85
C VAL H 61 31.96 19.54 -26.39
N LEU H 62 32.66 20.24 -25.50
CA LEU H 62 33.55 21.30 -25.93
C LEU H 62 34.68 20.75 -26.81
N ALA H 63 35.25 19.61 -26.42
CA ALA H 63 36.30 19.00 -27.23
C ALA H 63 35.80 18.60 -28.61
N GLU H 64 34.51 18.29 -28.74
CA GLU H 64 33.96 17.97 -30.06
C GLU H 64 34.01 19.18 -30.99
N GLU H 65 33.85 20.38 -30.45
CA GLU H 65 33.88 21.60 -31.23
C GLU H 65 35.27 22.19 -31.38
N GLY H 66 36.28 21.63 -30.70
CA GLY H 66 37.65 22.09 -30.82
C GLY H 66 38.15 22.95 -29.67
N VAL H 67 37.36 23.13 -28.61
CA VAL H 67 37.77 23.90 -27.46
C VAL H 67 38.28 22.93 -26.40
N ARG H 68 39.45 23.21 -25.85
CA ARG H 68 40.12 22.35 -24.87
C ARG H 68 40.46 23.20 -23.64
N PRO H 69 39.48 23.47 -22.78
CA PRO H 69 39.73 24.39 -21.67
C PRO H 69 40.68 23.81 -20.63
N ARG H 70 41.41 24.71 -19.98
CA ARG H 70 42.24 24.34 -18.84
C ARG H 70 41.35 24.10 -17.63
N LEU H 71 41.47 22.92 -17.03
CA LEU H 71 40.62 22.59 -15.90
C LEU H 71 41.09 23.29 -14.64
N TYR H 72 40.13 23.70 -13.82
CA TYR H 72 40.46 24.23 -12.51
C TYR H 72 41.24 23.20 -11.71
N PRO H 73 42.17 23.62 -10.85
CA PRO H 73 42.85 22.65 -9.98
C PRO H 73 41.86 21.97 -9.04
N ALA H 74 42.34 20.93 -8.37
CA ALA H 74 41.48 20.17 -7.46
C ALA H 74 40.88 21.06 -6.38
N GLN H 75 41.65 22.03 -5.89
CA GLN H 75 41.24 22.96 -4.84
C GLN H 75 40.71 22.20 -3.63
N PRO H 76 41.55 21.38 -2.99
CA PRO H 76 41.08 20.59 -1.84
C PRO H 76 40.92 21.46 -0.61
N GLN H 77 39.74 21.37 0.00
CA GLN H 77 39.38 22.09 1.23
C GLN H 77 39.05 21.05 2.31
N GLY H 78 38.52 21.52 3.43
CA GLY H 78 38.19 20.64 4.53
C GLY H 78 36.77 20.13 4.42
N ASP H 79 35.89 20.58 5.31
CA ASP H 79 34.48 20.18 5.27
C ASP H 79 33.89 20.67 3.95
N LEU H 80 33.53 19.73 3.07
CA LEU H 80 33.00 20.10 1.76
C LEU H 80 31.68 20.83 1.88
N GLN H 81 30.82 20.37 2.80
CA GLN H 81 29.48 20.96 2.92
C GLN H 81 29.55 22.40 3.40
N LEU H 82 30.49 22.72 4.29
CA LEU H 82 30.57 24.08 4.83
C LEU H 82 30.89 25.09 3.74
N VAL H 83 31.76 24.74 2.81
CA VAL H 83 32.15 25.65 1.74
C VAL H 83 31.06 25.67 0.69
N ASP H 84 30.43 26.83 0.50
CA ASP H 84 29.36 26.96 -0.48
C ASP H 84 29.92 26.82 -1.89
N ASP H 85 29.06 26.36 -2.80
CA ASP H 85 29.46 26.22 -4.20
C ASP H 85 29.86 27.56 -4.79
N ARG H 86 29.20 28.64 -4.35
CA ARG H 86 29.55 29.97 -4.85
C ARG H 86 30.96 30.36 -4.42
N GLU H 87 31.33 30.04 -3.18
CA GLU H 87 32.68 30.34 -2.71
C GLU H 87 33.73 29.63 -3.55
N ARG H 88 33.49 28.35 -3.85
CA ARG H 88 34.44 27.61 -4.67
C ARG H 88 34.47 28.10 -6.11
N GLN H 89 33.31 28.53 -6.61
CA GLN H 89 33.29 29.15 -7.93
C GLN H 89 34.14 30.41 -7.95
N GLN H 90 34.02 31.25 -6.91
CA GLN H 90 34.86 32.46 -6.85
C GLN H 90 36.33 32.09 -6.72
N ARG H 91 36.63 31.03 -5.98
CA ARG H 91 38.01 30.55 -5.88
C ARG H 91 38.55 30.22 -7.26
N ALA H 92 37.77 29.49 -8.05
CA ALA H 92 38.21 29.12 -9.39
C ALA H 92 38.29 30.33 -10.30
N LEU H 93 37.39 31.30 -10.14
CA LEU H 93 37.49 32.52 -10.93
C LEU H 93 38.79 33.28 -10.65
N ASP H 94 39.18 33.39 -9.39
CA ASP H 94 40.44 34.09 -9.11
C ASP H 94 41.63 33.26 -9.57
N TRP H 95 41.52 31.93 -9.53
CA TRP H 95 42.55 31.10 -10.14
C TRP H 95 42.70 31.42 -11.62
N ALA H 96 41.58 31.48 -12.34
CA ALA H 96 41.62 31.75 -13.77
C ALA H 96 42.17 33.13 -14.06
N ARG H 97 41.79 34.12 -13.25
CA ARG H 97 42.32 35.47 -13.42
C ARG H 97 43.83 35.49 -13.21
N GLN H 98 44.31 34.76 -12.20
CA GLN H 98 45.75 34.66 -11.98
C GLN H 98 46.43 33.99 -13.17
N GLN H 99 45.81 32.95 -13.73
CA GLN H 99 46.38 32.24 -14.87
C GLN H 99 46.33 33.04 -16.16
N LYS H 100 45.63 34.18 -16.19
CA LYS H 100 45.57 35.04 -17.36
C LYS H 100 44.95 34.30 -18.56
N LEU H 101 43.77 33.73 -18.34
CA LEU H 101 43.03 33.04 -19.37
C LEU H 101 42.11 34.02 -20.10
N ALA H 102 42.02 33.84 -21.42
CA ALA H 102 41.20 34.74 -22.23
C ALA H 102 39.72 34.60 -21.88
N TYR H 103 39.22 33.36 -21.85
CA TYR H 103 37.83 33.08 -21.59
C TYR H 103 37.71 32.01 -20.51
N VAL H 104 36.50 31.87 -19.98
CA VAL H 104 36.19 30.91 -18.92
C VAL H 104 34.77 30.42 -19.11
N VAL H 105 34.62 29.11 -19.29
CA VAL H 105 33.32 28.47 -19.41
C VAL H 105 32.85 28.06 -18.03
N THR H 106 31.66 28.51 -17.67
CA THR H 106 31.03 28.11 -16.42
C THR H 106 29.55 27.90 -16.65
N GLY H 107 28.77 27.82 -15.60
CA GLY H 107 27.34 27.66 -15.75
C GLY H 107 26.72 27.10 -14.50
N SER H 108 25.56 26.49 -14.66
CA SER H 108 24.83 25.93 -13.54
C SER H 108 23.89 24.85 -14.03
N VAL H 109 23.48 23.98 -13.12
CA VAL H 109 22.52 22.93 -13.40
C VAL H 109 21.24 23.26 -12.64
N GLU H 110 20.14 23.43 -13.37
CA GLU H 110 18.86 23.74 -12.76
C GLU H 110 18.04 22.50 -12.49
N GLU H 111 18.03 21.55 -13.42
CA GLU H 111 17.29 20.31 -13.28
C GLU H 111 18.18 19.15 -13.68
N TRP H 112 18.18 18.09 -12.87
CA TRP H 112 18.89 16.86 -13.20
C TRP H 112 18.14 15.72 -12.50
N GLN H 113 17.21 15.11 -13.23
CA GLN H 113 16.37 14.09 -12.60
C GLN H 113 15.53 13.40 -13.65
N TYR H 114 15.06 12.20 -13.30
CA TYR H 114 13.99 11.53 -14.04
C TYR H 114 12.66 12.03 -13.49
N LYS H 115 11.77 12.47 -14.38
CA LYS H 115 10.51 13.02 -13.94
C LYS H 115 9.64 11.94 -13.31
N ASN H 116 8.87 12.32 -12.30
CA ASN H 116 7.92 11.39 -11.71
C ASN H 116 6.77 11.14 -12.67
N GLY H 117 6.04 10.07 -12.41
CA GLY H 117 4.94 9.64 -13.25
C GLY H 117 5.25 8.35 -13.98
N LEU H 118 4.38 8.02 -14.93
CA LEU H 118 4.45 6.75 -15.63
C LEU H 118 5.50 6.73 -16.73
N ASP H 119 5.98 7.89 -17.18
CA ASP H 119 6.95 7.95 -18.27
C ASP H 119 8.38 7.86 -17.77
N GLY H 120 8.70 8.61 -16.71
CA GLY H 120 10.05 8.57 -16.18
C GLY H 120 11.11 9.16 -17.09
N GLU H 121 10.72 10.06 -17.98
CA GLU H 121 11.66 10.61 -18.94
C GLU H 121 12.72 11.46 -18.23
N PRO H 122 13.93 11.53 -18.77
CA PRO H 122 14.94 12.39 -18.16
C PRO H 122 14.59 13.86 -18.36
N ALA H 123 14.98 14.68 -17.39
CA ALA H 123 14.77 16.12 -17.44
C ALA H 123 16.05 16.81 -17.02
N VAL H 124 16.64 17.57 -17.92
CA VAL H 124 17.90 18.28 -17.68
C VAL H 124 17.69 19.75 -18.01
N GLY H 125 18.17 20.61 -17.12
CA GLY H 125 18.17 22.04 -17.35
C GLY H 125 19.52 22.64 -16.98
N VAL H 126 20.21 23.21 -17.96
CA VAL H 126 21.57 23.70 -17.79
C VAL H 126 21.65 25.14 -18.30
N SER H 127 22.26 26.01 -17.51
CA SER H 127 22.58 27.37 -17.93
C SER H 127 24.09 27.47 -18.15
N LEU H 128 24.48 27.94 -19.34
CA LEU H 128 25.87 28.05 -19.74
C LEU H 128 26.27 29.51 -19.80
N GLN H 129 27.40 29.84 -19.19
CA GLN H 129 27.93 31.19 -19.18
C GLN H 129 29.40 31.18 -19.57
N VAL H 130 29.82 32.23 -20.26
CA VAL H 130 31.22 32.47 -20.60
C VAL H 130 31.61 33.80 -19.97
N LEU H 131 32.64 33.78 -19.14
CA LEU H 131 33.04 34.94 -18.34
C LEU H 131 34.44 35.40 -18.73
N GLU H 132 34.68 36.70 -18.61
CA GLU H 132 36.02 37.25 -18.72
C GLU H 132 36.65 37.25 -17.33
N PRO H 133 37.77 36.53 -17.11
CA PRO H 133 38.29 36.43 -15.74
C PRO H 133 38.65 37.76 -15.10
N ALA H 134 39.19 38.70 -15.88
CA ALA H 134 39.65 39.96 -15.30
C ALA H 134 38.47 40.80 -14.81
N SER H 135 37.60 41.21 -15.73
CA SER H 135 36.45 42.03 -15.38
C SER H 135 35.34 41.23 -14.70
N GLY H 136 35.27 39.92 -14.93
CA GLY H 136 34.18 39.12 -14.40
C GLY H 136 32.89 39.31 -15.15
N ARG H 137 32.95 39.99 -16.31
CA ARG H 137 31.76 40.28 -17.08
C ARG H 137 31.31 39.04 -17.84
N VAL H 138 29.99 38.87 -17.94
CA VAL H 138 29.42 37.76 -18.69
C VAL H 138 29.37 38.15 -20.17
N LEU H 139 30.08 37.38 -21.00
CA LEU H 139 30.11 37.61 -22.43
C LEU H 139 29.07 36.77 -23.17
N TRP H 140 28.81 35.56 -22.71
CA TRP H 140 27.80 34.68 -23.29
C TRP H 140 26.97 34.11 -22.14
N SER H 141 25.67 33.96 -22.38
CA SER H 141 24.75 33.46 -21.35
C SER H 141 23.56 32.82 -22.05
N THR H 142 23.50 31.49 -22.03
CA THR H 142 22.41 30.74 -22.62
C THR H 142 21.89 29.73 -21.61
N SER H 143 20.62 29.36 -21.76
CA SER H 143 19.97 28.37 -20.92
C SER H 143 19.28 27.35 -21.81
N GLY H 144 19.39 26.09 -21.43
CA GLY H 144 18.79 25.00 -22.17
C GLY H 144 18.08 24.03 -21.26
N ALA H 145 16.91 23.56 -21.69
CA ALA H 145 16.14 22.58 -20.95
C ALA H 145 15.61 21.54 -21.92
N ARG H 146 15.54 20.29 -21.44
CA ARG H 146 15.03 19.19 -22.25
C ARG H 146 14.38 18.18 -21.34
N ALA H 147 13.17 17.76 -21.70
CA ALA H 147 12.54 16.57 -21.16
C ALA H 147 12.58 15.52 -22.27
N GLY H 148 13.46 14.53 -22.11
CA GLY H 148 13.77 13.62 -23.19
C GLY H 148 12.70 12.58 -23.43
N TRP H 149 13.05 11.59 -24.24
CA TRP H 149 12.16 10.48 -24.50
C TRP H 149 12.07 9.57 -23.29
N SER H 150 10.97 8.81 -23.21
CA SER H 150 10.76 7.93 -22.07
C SER H 150 11.85 6.86 -21.97
N ARG H 151 12.39 6.44 -23.11
CA ARG H 151 13.46 5.44 -23.15
C ARG H 151 14.84 6.06 -23.28
N GLU H 152 15.05 7.22 -22.68
CA GLU H 152 16.29 7.97 -22.79
C GLU H 152 16.94 8.09 -21.41
N SER H 153 18.27 8.17 -21.42
CA SER H 153 19.05 8.29 -20.20
C SER H 153 19.22 9.75 -19.81
N LEU H 154 19.47 9.97 -18.52
CA LEU H 154 19.75 11.33 -18.04
C LEU H 154 21.02 11.87 -18.64
N ALA H 155 22.07 11.04 -18.70
CA ALA H 155 23.34 11.49 -19.27
C ALA H 155 23.19 11.84 -20.75
N GLY H 156 22.38 11.07 -21.49
CA GLY H 156 22.16 11.38 -22.89
C GLY H 156 21.45 12.71 -23.07
N ALA H 157 20.41 12.96 -22.26
CA ALA H 157 19.70 14.24 -22.35
C ALA H 157 20.62 15.39 -22.00
N ALA H 158 21.46 15.24 -20.97
CA ALA H 158 22.42 16.28 -20.63
C ALA H 158 23.39 16.50 -21.78
N GLN H 159 23.80 15.42 -22.45
CA GLN H 159 24.70 15.55 -23.59
C GLN H 159 24.05 16.34 -24.71
N LYS H 160 22.78 16.06 -25.02
CA LYS H 160 22.11 16.81 -26.09
C LYS H 160 21.93 18.28 -25.70
N VAL H 161 21.56 18.55 -24.45
CA VAL H 161 21.38 19.94 -24.03
C VAL H 161 22.70 20.70 -24.14
N LEU H 162 23.79 20.09 -23.67
CA LEU H 162 25.08 20.76 -23.73
C LEU H 162 25.58 20.91 -25.16
N ARG H 163 25.29 19.93 -26.03
CA ARG H 163 25.66 20.06 -27.43
C ARG H 163 24.92 21.22 -28.08
N GLU H 164 23.63 21.37 -27.79
CA GLU H 164 22.88 22.50 -28.34
C GLU H 164 23.42 23.82 -27.80
N LEU H 165 23.72 23.89 -26.50
CA LEU H 165 24.19 25.14 -25.92
C LEU H 165 25.56 25.52 -26.48
N VAL H 166 26.50 24.57 -26.50
CA VAL H 166 27.81 24.84 -27.08
C VAL H 166 27.70 24.96 -28.59
N GLY H 167 26.76 24.25 -29.21
CA GLY H 167 26.56 24.38 -30.65
C GLY H 167 26.11 25.78 -31.04
N ASP H 168 25.13 26.32 -30.32
CA ASP H 168 24.66 27.67 -30.59
C ASP H 168 25.71 28.73 -30.28
N LEU H 169 26.73 28.41 -29.49
CA LEU H 169 27.79 29.35 -29.22
C LEU H 169 28.55 29.66 -30.50
N ARG H 170 28.74 30.95 -30.78
CA ARG H 170 29.36 31.39 -32.02
C ARG H 170 30.87 31.45 -31.79
N LEU H 171 31.58 30.46 -32.31
CA LEU H 171 33.02 30.34 -32.16
C LEU H 171 33.68 30.68 -33.49
N GLU H 172 34.47 31.73 -33.52
CA GLU H 172 35.16 32.15 -34.74
C GLU H 172 36.67 32.19 -34.52
N CYS I 19 19.39 3.41 -28.22
CA CYS I 19 18.90 4.73 -27.74
C CYS I 19 20.01 5.41 -26.95
N SER I 20 21.09 5.74 -27.66
CA SER I 20 22.32 6.23 -27.06
C SER I 20 22.78 7.49 -27.76
N SER I 21 23.81 8.12 -27.21
CA SER I 21 24.38 9.33 -27.79
C SER I 21 25.86 9.40 -27.41
N PHE I 22 26.70 9.70 -28.40
CA PHE I 22 28.14 9.74 -28.22
C PHE I 22 28.70 11.01 -28.83
N THR I 23 29.72 11.57 -28.16
CA THR I 23 30.43 12.73 -28.67
C THR I 23 31.61 12.28 -29.51
N SER I 24 31.83 12.96 -30.63
CA SER I 24 32.89 12.63 -31.58
C SER I 24 34.03 13.63 -31.42
N GLU I 25 35.16 13.15 -30.92
CA GLU I 25 36.31 14.01 -30.73
C GLU I 25 36.88 14.48 -32.05
N SER I 26 37.44 15.69 -32.06
CA SER I 26 38.10 16.26 -33.22
C SER I 26 39.62 16.23 -33.11
N ALA I 27 40.16 15.58 -32.08
CA ALA I 27 41.60 15.57 -31.87
C ALA I 27 42.28 14.60 -32.82
N THR I 28 43.62 14.62 -32.79
CA THR I 28 44.38 13.73 -33.67
C THR I 28 44.48 12.34 -33.05
N PRO I 29 44.61 11.29 -33.86
CA PRO I 29 44.76 9.95 -33.30
C PRO I 29 46.04 9.81 -32.48
N LEU I 30 45.98 8.93 -31.49
CA LEU I 30 47.12 8.60 -30.65
C LEU I 30 47.78 7.33 -31.18
N ALA I 31 48.86 6.91 -30.51
CA ALA I 31 49.65 5.78 -30.94
C ALA I 31 49.25 4.53 -30.15
N ARG I 32 48.89 3.47 -30.87
CA ARG I 32 48.52 2.22 -30.21
C ARG I 32 49.70 1.64 -29.44
N GLY I 33 50.88 1.66 -30.05
CA GLY I 33 52.07 1.15 -29.40
C GLY I 33 52.72 2.19 -28.52
N ALA I 34 52.47 2.10 -27.21
CA ALA I 34 53.02 3.05 -26.25
C ALA I 34 52.84 2.45 -24.86
N GLN I 35 53.39 3.14 -23.86
CA GLN I 35 53.34 2.69 -22.47
C GLN I 35 52.12 3.33 -21.82
N TRP I 36 50.99 2.64 -21.88
CA TRP I 36 49.73 3.16 -21.36
C TRP I 36 49.62 2.91 -19.85
N GLY I 37 48.66 3.59 -19.24
CA GLY I 37 48.29 3.35 -17.86
C GLY I 37 46.78 3.33 -17.71
N LEU I 38 46.33 3.03 -16.49
CA LEU I 38 44.90 3.03 -16.19
C LEU I 38 44.74 3.45 -14.73
N VAL I 39 44.52 4.74 -14.52
CA VAL I 39 44.21 5.28 -13.19
C VAL I 39 42.73 5.08 -12.94
N PRO I 40 42.26 5.04 -11.69
CA PRO I 40 40.86 4.71 -11.43
C PRO I 40 39.90 5.77 -11.97
N LEU I 41 38.68 5.33 -12.22
CA LEU I 41 37.64 6.19 -12.78
C LEU I 41 36.88 6.89 -11.66
N LEU I 42 36.45 8.12 -11.95
CA LEU I 42 35.63 8.87 -11.02
C LEU I 42 34.19 8.36 -11.07
N ASN I 43 33.56 8.29 -9.90
CA ASN I 43 32.19 7.81 -9.77
C ASN I 43 31.32 8.96 -9.29
N TYR I 44 30.77 9.72 -10.24
CA TYR I 44 29.83 10.78 -9.92
C TYR I 44 28.39 10.31 -9.92
N SER I 45 28.13 9.09 -10.36
CA SER I 45 26.84 8.46 -10.14
C SER I 45 26.71 8.07 -8.67
N GLN I 46 25.48 7.78 -8.27
CA GLN I 46 25.20 7.39 -6.89
C GLN I 46 25.23 5.88 -6.69
N ALA I 47 25.64 5.12 -7.69
CA ALA I 47 25.80 3.69 -7.53
C ALA I 47 27.16 3.39 -6.90
N PRO I 48 27.21 2.76 -5.72
CA PRO I 48 28.53 2.52 -5.11
C PRO I 48 29.39 1.59 -5.94
N GLN I 49 30.68 1.91 -6.02
CA GLN I 49 31.68 1.09 -6.71
C GLN I 49 31.37 0.94 -8.19
N ALA I 50 30.65 1.90 -8.78
CA ALA I 50 30.44 1.86 -10.23
C ALA I 50 31.73 2.13 -10.98
N GLY I 51 32.62 2.95 -10.40
CA GLY I 51 33.89 3.22 -11.05
C GLY I 51 34.74 1.97 -11.22
N GLU I 52 34.74 1.10 -10.22
CA GLU I 52 35.53 -0.14 -10.33
C GLU I 52 34.97 -1.06 -11.41
N ARG I 53 33.64 -1.19 -11.46
CA ARG I 53 33.04 -2.03 -12.50
C ARG I 53 33.35 -1.47 -13.88
N ALA I 54 33.23 -0.15 -14.05
CA ALA I 54 33.61 0.48 -15.31
C ALA I 54 35.09 0.24 -15.61
N GLU I 55 35.94 0.25 -14.59
CA GLU I 55 37.36 0.01 -14.80
C GLU I 55 37.61 -1.39 -15.34
N GLN I 56 36.97 -2.40 -14.74
CA GLN I 56 37.15 -3.78 -15.22
C GLN I 56 36.65 -3.92 -16.65
N ILE I 57 35.45 -3.39 -16.93
CA ILE I 57 34.91 -3.55 -18.28
C ILE I 57 35.75 -2.78 -19.29
N LEU I 58 36.29 -1.62 -18.90
CA LEU I 58 37.16 -0.86 -19.79
C LEU I 58 38.47 -1.58 -20.04
N LEU I 59 39.03 -2.23 -19.01
CA LEU I 59 40.23 -3.02 -19.21
C LEU I 59 39.98 -4.15 -20.19
N SER I 60 38.82 -4.81 -20.08
CA SER I 60 38.47 -5.84 -21.04
C SER I 60 38.27 -5.27 -22.45
N VAL I 61 37.65 -4.10 -22.56
CA VAL I 61 37.36 -3.51 -23.87
C VAL I 61 38.64 -3.04 -24.55
N LEU I 62 39.59 -2.50 -23.79
CA LEU I 62 40.86 -2.07 -24.36
C LEU I 62 41.63 -3.27 -24.91
N ALA I 63 41.62 -4.38 -24.19
CA ALA I 63 42.33 -5.57 -24.66
C ALA I 63 41.76 -6.06 -25.98
N GLU I 64 40.44 -5.91 -26.18
CA GLU I 64 39.83 -6.26 -27.45
C GLU I 64 40.39 -5.42 -28.59
N GLU I 65 40.83 -4.19 -28.32
CA GLU I 65 41.38 -3.31 -29.33
C GLU I 65 42.90 -3.39 -29.43
N GLY I 66 43.55 -4.21 -28.61
CA GLY I 66 44.99 -4.37 -28.63
C GLY I 66 45.72 -3.60 -27.55
N VAL I 67 45.09 -2.61 -26.94
CA VAL I 67 45.73 -1.82 -25.89
C VAL I 67 45.72 -2.63 -24.61
N ARG I 68 46.88 -2.69 -23.94
CA ARG I 68 47.06 -3.46 -22.70
C ARG I 68 47.64 -2.53 -21.65
N PRO I 69 46.82 -1.70 -21.00
CA PRO I 69 47.38 -0.71 -20.07
C PRO I 69 47.95 -1.34 -18.82
N ARG I 70 48.96 -0.68 -18.26
CA ARG I 70 49.47 -1.06 -16.95
C ARG I 70 48.57 -0.50 -15.86
N LEU I 71 48.05 -1.39 -15.02
CA LEU I 71 47.13 -0.97 -13.98
C LEU I 71 47.90 -0.30 -12.85
N TYR I 72 47.22 0.63 -12.17
CA TYR I 72 47.82 1.32 -11.05
C TYR I 72 47.83 0.41 -9.81
N PRO I 73 48.75 0.64 -8.87
CA PRO I 73 48.82 -0.24 -7.70
C PRO I 73 47.84 0.18 -6.61
N ALA I 74 47.18 -0.81 -6.02
CA ALA I 74 46.25 -0.53 -4.94
C ALA I 74 46.98 0.09 -3.75
N GLN I 75 46.36 1.13 -3.17
CA GLN I 75 46.90 1.82 -2.02
C GLN I 75 46.17 1.38 -0.75
N PRO I 76 46.81 1.40 0.42
CA PRO I 76 46.08 1.08 1.65
C PRO I 76 44.98 2.10 1.89
N GLN I 77 43.86 1.62 2.43
CA GLN I 77 42.67 2.42 2.65
C GLN I 77 42.28 2.40 4.12
N GLY I 78 41.87 3.56 4.63
CA GLY I 78 41.40 3.68 5.99
C GLY I 78 39.89 3.71 6.05
N ASP I 79 39.32 4.91 6.20
CA ASP I 79 37.87 5.07 6.20
C ASP I 79 37.36 5.07 4.76
N LEU I 80 36.58 4.04 4.42
CA LEU I 80 36.08 3.92 3.05
C LEU I 80 35.04 4.98 2.71
N GLN I 81 34.35 5.52 3.72
CA GLN I 81 33.34 6.54 3.48
C GLN I 81 33.93 7.92 3.24
N LEU I 82 35.21 8.12 3.54
CA LEU I 82 35.89 9.40 3.35
C LEU I 82 36.74 9.41 2.07
N VAL I 83 36.54 8.44 1.18
CA VAL I 83 37.35 8.37 -0.04
C VAL I 83 36.96 9.51 -0.97
N ASP I 84 37.96 10.30 -1.39
CA ASP I 84 37.78 11.40 -2.33
C ASP I 84 38.36 10.95 -3.67
N ASP I 85 37.48 10.69 -4.64
CA ASP I 85 37.90 10.09 -5.89
C ASP I 85 38.90 10.96 -6.63
N ARG I 86 38.73 12.29 -6.55
CA ARG I 86 39.60 13.18 -7.29
C ARG I 86 41.05 13.05 -6.81
N GLU I 87 41.25 13.08 -5.49
CA GLU I 87 42.61 13.03 -4.96
C GLU I 87 43.27 11.68 -5.24
N ARG I 88 42.50 10.59 -5.12
CA ARG I 88 43.06 9.27 -5.42
C ARG I 88 43.42 9.15 -6.90
N GLN I 89 42.57 9.68 -7.79
CA GLN I 89 42.91 9.69 -9.20
C GLN I 89 44.17 10.51 -9.44
N GLN I 90 44.31 11.64 -8.77
CA GLN I 90 45.50 12.46 -8.91
C GLN I 90 46.74 11.69 -8.46
N ARG I 91 46.63 10.99 -7.32
CA ARG I 91 47.75 10.21 -6.81
C ARG I 91 48.17 9.14 -7.81
N ALA I 92 47.17 8.46 -8.40
CA ALA I 92 47.48 7.51 -9.46
C ALA I 92 48.14 8.21 -10.64
N LEU I 93 47.78 9.46 -10.90
CA LEU I 93 48.44 10.20 -11.97
C LEU I 93 49.91 10.47 -11.67
N ASP I 94 50.24 10.83 -10.43
CA ASP I 94 51.65 10.91 -10.08
C ASP I 94 52.33 9.56 -10.25
N TRP I 95 51.67 8.48 -9.84
CA TRP I 95 52.25 7.15 -10.05
C TRP I 95 52.58 6.94 -11.52
N ALA I 96 51.65 7.29 -12.39
CA ALA I 96 51.90 7.18 -13.83
C ALA I 96 53.09 8.04 -14.25
N ARG I 97 53.22 9.22 -13.66
CA ARG I 97 54.31 10.12 -14.03
C ARG I 97 55.66 9.54 -13.62
N GLN I 98 55.78 9.01 -12.40
CA GLN I 98 57.05 8.43 -11.97
C GLN I 98 57.40 7.19 -12.78
N GLN I 99 56.41 6.46 -13.25
CA GLN I 99 56.65 5.27 -14.07
C GLN I 99 56.93 5.58 -15.54
N LYS I 100 56.86 6.86 -15.95
CA LYS I 100 57.18 7.25 -17.32
C LYS I 100 56.27 6.51 -18.32
N LEU I 101 54.98 6.79 -18.20
CA LEU I 101 53.98 6.26 -19.12
C LEU I 101 53.62 7.33 -20.14
N ALA I 102 53.57 6.94 -21.41
CA ALA I 102 53.24 7.90 -22.46
C ALA I 102 51.83 8.43 -22.29
N TYR I 103 50.87 7.53 -22.09
CA TYR I 103 49.45 7.87 -22.01
C TYR I 103 48.85 7.25 -20.76
N VAL I 104 47.75 7.85 -20.30
CA VAL I 104 46.96 7.32 -19.19
C VAL I 104 45.50 7.40 -19.60
N VAL I 105 44.81 6.26 -19.51
CA VAL I 105 43.37 6.21 -19.74
C VAL I 105 42.67 6.41 -18.41
N THR I 106 41.68 7.30 -18.39
CA THR I 106 40.88 7.55 -17.20
C THR I 106 39.46 7.87 -17.66
N GLY I 107 38.66 8.40 -16.75
CA GLY I 107 37.30 8.76 -17.10
C GLY I 107 36.44 8.91 -15.87
N SER I 108 35.14 8.94 -16.10
CA SER I 108 34.17 9.10 -15.04
C SER I 108 32.93 8.30 -15.37
N VAL I 109 32.15 7.98 -14.33
CA VAL I 109 30.86 7.34 -14.47
C VAL I 109 29.80 8.35 -14.02
N GLU I 110 28.97 8.79 -14.97
CA GLU I 110 27.91 9.75 -14.67
C GLU I 110 26.61 9.06 -14.30
N GLU I 111 26.25 7.99 -15.01
CA GLU I 111 25.03 7.25 -14.76
C GLU I 111 25.35 5.76 -14.72
N TRP I 112 24.86 5.08 -13.69
CA TRP I 112 24.98 3.62 -13.60
C TRP I 112 23.79 3.14 -12.77
N GLN I 113 22.70 2.81 -13.45
CA GLN I 113 21.49 2.44 -12.73
C GLN I 113 20.46 1.84 -13.68
N TYR I 114 19.46 1.20 -13.08
CA TYR I 114 18.25 0.79 -13.78
C TYR I 114 17.19 1.87 -13.57
N LYS I 115 16.57 2.30 -14.66
CA LYS I 115 15.49 3.27 -14.54
C LYS I 115 14.31 2.65 -13.81
N ASN I 116 13.62 3.48 -13.03
CA ASN I 116 12.62 2.96 -12.10
C ASN I 116 11.37 2.50 -12.84
N GLY I 117 10.67 1.56 -12.24
CA GLY I 117 9.38 1.10 -12.72
C GLY I 117 9.48 -0.18 -13.53
N LEU I 118 8.33 -0.54 -14.10
CA LEU I 118 8.26 -1.72 -14.96
C LEU I 118 9.06 -1.50 -16.22
N ASP I 119 9.70 -2.56 -16.70
CA ASP I 119 10.55 -2.50 -17.90
C ASP I 119 11.65 -1.46 -17.73
N GLY I 120 12.21 -1.39 -16.52
CA GLY I 120 13.29 -0.48 -16.26
C GLY I 120 14.56 -0.89 -16.99
N GLU I 121 14.91 -0.14 -18.02
CA GLU I 121 16.08 -0.48 -18.81
C GLU I 121 17.35 0.04 -18.13
N PRO I 122 18.51 -0.56 -18.45
CA PRO I 122 19.76 -0.06 -17.85
C PRO I 122 20.21 1.23 -18.53
N ALA I 123 20.53 2.23 -17.73
CA ALA I 123 21.04 3.51 -18.20
C ALA I 123 22.47 3.67 -17.71
N VAL I 124 23.41 3.78 -18.65
CA VAL I 124 24.82 3.92 -18.34
C VAL I 124 25.36 5.14 -19.08
N GLY I 125 26.08 6.00 -18.35
CA GLY I 125 26.74 7.14 -18.93
C GLY I 125 28.18 7.23 -18.45
N VAL I 126 29.13 7.18 -19.39
CA VAL I 126 30.56 7.15 -19.07
C VAL I 126 31.27 8.18 -19.94
N SER I 127 32.20 8.91 -19.34
CA SER I 127 33.10 9.80 -20.05
C SER I 127 34.52 9.26 -19.97
N LEU I 128 35.16 9.14 -21.13
CA LEU I 128 36.50 8.57 -21.25
C LEU I 128 37.49 9.67 -21.57
N GLN I 129 38.61 9.69 -20.85
CA GLN I 129 39.65 10.69 -21.05
C GLN I 129 41.01 10.02 -21.12
N VAL I 130 41.83 10.48 -22.08
CA VAL I 130 43.21 10.04 -22.22
C VAL I 130 44.09 11.24 -21.88
N LEU I 131 44.83 11.12 -20.78
CA LEU I 131 45.65 12.21 -20.26
C LEU I 131 47.12 12.00 -20.62
N GLU I 132 47.87 13.10 -20.60
CA GLU I 132 49.32 13.07 -20.75
C GLU I 132 49.94 13.21 -19.37
N PRO I 133 50.54 12.17 -18.77
CA PRO I 133 51.01 12.32 -17.38
C PRO I 133 52.17 13.28 -17.22
N ALA I 134 52.88 13.63 -18.29
CA ALA I 134 54.01 14.55 -18.16
C ALA I 134 53.54 15.92 -17.67
N SER I 135 52.41 16.40 -18.20
CA SER I 135 51.85 17.69 -17.82
C SER I 135 50.42 17.62 -17.32
N GLY I 136 49.73 16.51 -17.51
CA GLY I 136 48.33 16.39 -17.16
C GLY I 136 47.37 16.89 -18.22
N ARG I 137 47.87 17.32 -19.37
CA ARG I 137 47.00 17.81 -20.44
C ARG I 137 46.12 16.68 -20.96
N VAL I 138 44.86 16.99 -21.21
CA VAL I 138 43.91 16.01 -21.74
C VAL I 138 44.07 15.95 -23.25
N LEU I 139 44.46 14.78 -23.76
CA LEU I 139 44.62 14.58 -25.19
C LEU I 139 43.36 14.06 -25.86
N TRP I 140 42.41 13.53 -25.09
CA TRP I 140 41.21 12.94 -25.64
C TRP I 140 40.13 13.02 -24.57
N SER I 141 38.89 13.29 -25.00
CA SER I 141 37.78 13.39 -24.06
C SER I 141 36.48 13.19 -24.82
N THR I 142 35.81 12.07 -24.55
CA THR I 142 34.51 11.77 -25.16
C THR I 142 33.55 11.29 -24.08
N SER I 143 32.27 11.46 -24.35
CA SER I 143 31.20 11.03 -23.46
C SER I 143 30.25 10.11 -24.21
N GLY I 144 29.81 9.07 -23.55
CA GLY I 144 28.82 8.16 -24.11
C GLY I 144 27.74 7.89 -23.10
N ALA I 145 26.52 7.71 -23.61
CA ALA I 145 25.38 7.42 -22.75
C ALA I 145 24.44 6.50 -23.51
N ARG I 146 23.85 5.55 -22.79
CA ARG I 146 22.98 4.56 -23.40
C ARG I 146 21.91 4.17 -22.41
N ALA I 147 20.65 4.26 -22.83
CA ALA I 147 19.54 3.61 -22.14
C ALA I 147 19.18 2.38 -22.97
N GLY I 148 19.62 1.21 -22.51
CA GLY I 148 19.57 0.01 -23.32
C GLY I 148 18.19 -0.58 -23.42
N TRP I 149 18.15 -1.81 -23.91
CA TRP I 149 16.89 -2.55 -24.02
C TRP I 149 16.39 -2.95 -22.64
N SER I 150 15.07 -3.14 -22.54
CA SER I 150 14.47 -3.53 -21.27
C SER I 150 15.03 -4.85 -20.77
N ARG I 151 15.32 -5.78 -21.67
CA ARG I 151 15.86 -7.09 -21.32
C ARG I 151 17.39 -7.10 -21.31
N GLU I 152 18.02 -5.97 -21.05
CA GLU I 152 19.46 -5.82 -21.06
C GLU I 152 19.98 -5.61 -19.64
N SER I 153 21.22 -6.02 -19.42
CA SER I 153 21.88 -5.88 -18.13
C SER I 153 22.68 -4.59 -18.07
N LEU I 154 22.91 -4.11 -16.84
CA LEU I 154 23.72 -2.92 -16.66
C LEU I 154 25.14 -3.14 -17.16
N ALA I 155 25.73 -4.30 -16.85
CA ALA I 155 27.08 -4.59 -17.28
C ALA I 155 27.16 -4.65 -18.81
N GLY I 156 26.15 -5.22 -19.46
CA GLY I 156 26.15 -5.26 -20.91
C GLY I 156 26.05 -3.87 -21.53
N ALA I 157 25.19 -3.02 -20.97
CA ALA I 157 25.08 -1.65 -21.47
C ALA I 157 26.40 -0.90 -21.30
N ALA I 158 27.04 -1.07 -20.14
CA ALA I 158 28.33 -0.42 -19.92
C ALA I 158 29.37 -0.95 -20.91
N GLN I 159 29.36 -2.25 -21.17
CA GLN I 159 30.29 -2.83 -22.13
C GLN I 159 30.08 -2.24 -23.52
N LYS I 160 28.83 -2.12 -23.95
CA LYS I 160 28.55 -1.53 -25.26
C LYS I 160 28.99 -0.07 -25.33
N VAL I 161 28.69 0.70 -24.29
CA VAL I 161 29.09 2.11 -24.28
C VAL I 161 30.60 2.24 -24.35
N LEU I 162 31.32 1.43 -23.57
CA LEU I 162 32.77 1.51 -23.56
C LEU I 162 33.38 1.01 -24.86
N ARG I 163 32.77 0.00 -25.49
CA ARG I 163 33.24 -0.45 -26.79
C ARG I 163 33.08 0.67 -27.82
N GLU I 164 31.95 1.37 -27.80
CA GLU I 164 31.78 2.49 -28.72
C GLU I 164 32.78 3.60 -28.43
N LEU I 165 33.00 3.93 -27.15
CA LEU I 165 33.94 4.99 -26.81
C LEU I 165 35.36 4.62 -27.21
N VAL I 166 35.81 3.43 -26.85
CA VAL I 166 37.15 2.99 -27.22
C VAL I 166 37.24 2.73 -28.71
N GLY I 167 36.15 2.30 -29.33
CA GLY I 167 36.16 2.10 -30.77
C GLY I 167 36.42 3.38 -31.53
N ASP I 168 35.75 4.47 -31.13
CA ASP I 168 35.95 5.76 -31.77
C ASP I 168 37.29 6.39 -31.41
N LEU I 169 37.99 5.86 -30.41
CA LEU I 169 39.31 6.36 -30.05
C LEU I 169 40.29 5.99 -31.15
N ARG I 170 40.56 6.92 -32.06
CA ARG I 170 41.43 6.64 -33.18
C ARG I 170 42.84 6.35 -32.70
N LEU I 171 43.37 5.19 -33.10
CA LEU I 171 44.71 4.75 -32.73
C LEU I 171 45.46 4.35 -34.00
N GLU I 172 46.67 4.86 -34.15
CA GLU I 172 47.49 4.54 -35.31
C GLU I 172 48.91 4.17 -34.88
N CYS J 19 19.69 -11.00 -23.69
CA CYS J 19 20.80 -10.12 -24.13
C CYS J 19 22.11 -10.52 -23.46
N SER J 20 23.07 -10.91 -24.27
CA SER J 20 24.40 -11.26 -23.80
C SER J 20 25.43 -10.51 -24.64
N SER J 21 26.46 -9.99 -23.98
CA SER J 21 27.54 -9.28 -24.64
C SER J 21 28.86 -9.76 -24.04
N PHE J 22 29.79 -10.19 -24.90
CA PHE J 22 31.08 -10.69 -24.48
C PHE J 22 32.17 -9.98 -25.27
N THR J 23 33.20 -9.53 -24.56
CA THR J 23 34.37 -8.97 -25.23
C THR J 23 35.23 -10.11 -25.77
N SER J 24 35.74 -9.93 -26.99
CA SER J 24 36.60 -10.91 -27.63
C SER J 24 38.03 -10.39 -27.57
N GLU J 25 38.92 -11.18 -26.99
CA GLU J 25 40.31 -10.78 -26.84
C GLU J 25 41.11 -11.13 -28.09
N SER J 26 42.16 -10.34 -28.33
CA SER J 26 43.07 -10.53 -29.46
C SER J 26 44.48 -10.82 -28.98
N ALA J 27 44.61 -11.61 -27.91
CA ALA J 27 45.88 -11.94 -27.30
C ALA J 27 46.32 -13.34 -27.72
N THR J 28 47.59 -13.62 -27.49
CA THR J 28 48.14 -14.92 -27.86
C THR J 28 47.52 -16.02 -26.99
N PRO J 29 47.21 -17.19 -27.54
CA PRO J 29 46.64 -18.26 -26.71
C PRO J 29 47.62 -18.75 -25.66
N LEU J 30 47.06 -19.33 -24.60
CA LEU J 30 47.81 -19.90 -23.50
C LEU J 30 47.83 -21.42 -23.61
N ALA J 31 48.67 -22.05 -22.79
CA ALA J 31 48.86 -23.50 -22.82
C ALA J 31 47.96 -24.16 -21.79
N ARG J 32 47.14 -25.12 -22.25
CA ARG J 32 46.24 -25.82 -21.34
C ARG J 32 47.01 -26.63 -20.30
N GLY J 33 48.08 -27.29 -20.73
CA GLY J 33 48.89 -28.07 -19.82
C GLY J 33 49.93 -27.22 -19.14
N ALA J 34 49.63 -26.79 -17.91
CA ALA J 34 50.51 -25.90 -17.17
C ALA J 34 50.03 -25.86 -15.73
N GLN J 35 50.78 -25.14 -14.89
CA GLN J 35 50.44 -24.98 -13.48
C GLN J 35 49.52 -23.78 -13.34
N TRP J 36 48.23 -24.05 -13.12
CA TRP J 36 47.23 -23.00 -12.99
C TRP J 36 46.91 -22.74 -11.52
N GLY J 37 46.34 -21.56 -11.26
CA GLY J 37 45.82 -21.22 -9.95
C GLY J 37 44.51 -20.47 -10.09
N LEU J 38 43.80 -20.33 -8.96
CA LEU J 38 42.51 -19.64 -8.92
C LEU J 38 42.44 -18.84 -7.62
N VAL J 39 42.85 -17.58 -7.70
CA VAL J 39 42.80 -16.64 -6.57
C VAL J 39 41.38 -16.07 -6.52
N PRO J 40 40.93 -15.51 -5.40
CA PRO J 40 39.51 -15.15 -5.29
C PRO J 40 39.11 -14.05 -6.26
N LEU J 41 37.82 -14.05 -6.61
CA LEU J 41 37.25 -13.06 -7.52
C LEU J 41 36.84 -11.81 -6.75
N LEU J 42 37.06 -10.65 -7.36
CA LEU J 42 36.59 -9.40 -6.79
C LEU J 42 35.07 -9.31 -6.89
N ASN J 43 34.46 -8.66 -5.91
CA ASN J 43 33.01 -8.50 -5.83
C ASN J 43 32.71 -7.00 -5.81
N TYR J 44 32.48 -6.42 -6.98
CA TYR J 44 32.07 -5.03 -7.08
C TYR J 44 30.57 -4.85 -7.19
N SER J 45 29.81 -5.94 -7.35
CA SER J 45 28.38 -5.88 -7.14
C SER J 45 28.07 -5.80 -5.66
N GLN J 46 26.85 -5.39 -5.34
CA GLN J 46 26.42 -5.25 -3.96
C GLN J 46 25.85 -6.54 -3.38
N ALA J 47 25.70 -7.58 -4.19
CA ALA J 47 25.22 -8.85 -3.67
C ALA J 47 26.29 -9.51 -2.81
N PRO J 48 26.03 -9.82 -1.55
CA PRO J 48 27.09 -10.39 -0.71
C PRO J 48 27.50 -11.77 -1.17
N GLN J 49 28.80 -12.05 -1.04
CA GLN J 49 29.38 -13.36 -1.34
C GLN J 49 29.24 -13.76 -2.81
N ALA J 50 28.93 -12.81 -3.69
CA ALA J 50 28.80 -13.15 -5.10
C ALA J 50 30.13 -13.62 -5.69
N GLY J 51 31.25 -13.11 -5.17
CA GLY J 51 32.54 -13.56 -5.65
C GLY J 51 32.77 -15.04 -5.39
N GLU J 52 32.35 -15.53 -4.24
CA GLU J 52 32.53 -16.95 -3.92
C GLU J 52 31.67 -17.83 -4.82
N ARG J 53 30.42 -17.44 -5.05
CA ARG J 53 29.57 -18.20 -5.96
C ARG J 53 30.17 -18.23 -7.36
N ALA J 54 30.64 -17.08 -7.83
CA ALA J 54 31.27 -17.02 -9.14
C ALA J 54 32.51 -17.90 -9.19
N GLU J 55 33.30 -17.91 -8.12
CA GLU J 55 34.48 -18.75 -8.10
C GLU J 55 34.12 -20.23 -8.18
N GLN J 56 33.10 -20.65 -7.42
CA GLN J 56 32.72 -22.06 -7.47
C GLN J 56 32.24 -22.45 -8.86
N ILE J 57 31.40 -21.62 -9.48
CA ILE J 57 30.90 -21.93 -10.80
C ILE J 57 32.03 -21.92 -11.83
N LEU J 58 32.98 -20.99 -11.67
CA LEU J 58 34.12 -20.93 -12.58
C LEU J 58 35.02 -22.14 -12.41
N LEU J 59 35.18 -22.63 -11.18
CA LEU J 59 35.96 -23.83 -10.97
C LEU J 59 35.29 -25.03 -11.65
N SER J 60 33.97 -25.12 -11.56
CA SER J 60 33.27 -26.18 -12.27
C SER J 60 33.41 -26.03 -13.79
N VAL J 61 33.35 -24.79 -14.29
CA VAL J 61 33.39 -24.56 -15.73
C VAL J 61 34.78 -24.84 -16.28
N LEU J 62 35.83 -24.46 -15.54
CA LEU J 62 37.18 -24.71 -16.01
C LEU J 62 37.45 -26.20 -16.14
N ALA J 63 36.95 -26.99 -15.19
CA ALA J 63 37.11 -28.44 -15.26
C ALA J 63 36.44 -29.02 -16.49
N GLU J 64 35.37 -28.38 -16.97
CA GLU J 64 34.72 -28.85 -18.19
C GLU J 64 35.64 -28.75 -19.39
N GLU J 65 36.53 -27.76 -19.43
CA GLU J 65 37.49 -27.60 -20.51
C GLU J 65 38.80 -28.35 -20.24
N GLY J 66 38.93 -29.01 -19.10
CA GLY J 66 40.13 -29.76 -18.78
C GLY J 66 41.16 -29.02 -17.96
N VAL J 67 40.84 -27.82 -17.47
CA VAL J 67 41.75 -27.04 -16.63
C VAL J 67 41.38 -27.30 -15.18
N ARG J 68 42.38 -27.68 -14.38
CA ARG J 68 42.18 -28.05 -12.98
C ARG J 68 43.11 -27.19 -12.12
N PRO J 69 42.71 -25.96 -11.79
CA PRO J 69 43.60 -25.07 -11.04
C PRO J 69 43.70 -25.49 -9.58
N ARG J 70 44.70 -24.92 -8.92
CA ARG J 70 44.92 -25.09 -7.49
C ARG J 70 44.35 -23.90 -6.74
N LEU J 71 43.52 -24.17 -5.73
CA LEU J 71 42.90 -23.11 -4.96
C LEU J 71 43.92 -22.54 -3.97
N TYR J 72 43.48 -21.52 -3.22
CA TYR J 72 44.40 -20.79 -2.35
C TYR J 72 44.36 -21.36 -0.93
N PRO J 73 45.43 -21.15 -0.14
CA PRO J 73 45.52 -21.82 1.16
C PRO J 73 44.79 -21.09 2.29
N ALA J 74 44.96 -21.57 3.51
CA ALA J 74 44.26 -21.06 4.69
C ALA J 74 44.87 -19.72 5.09
N GLN J 75 44.31 -18.63 4.57
CA GLN J 75 44.63 -17.31 5.09
C GLN J 75 43.90 -17.10 6.42
N PRO J 76 44.57 -16.57 7.44
CA PRO J 76 43.85 -16.24 8.68
C PRO J 76 42.79 -15.18 8.42
N GLN J 77 41.66 -15.31 9.12
CA GLN J 77 40.56 -14.36 9.03
C GLN J 77 40.33 -13.75 10.41
N GLY J 78 40.32 -12.42 10.46
CA GLY J 78 40.09 -11.71 11.70
C GLY J 78 38.67 -11.17 11.78
N ASP J 79 38.51 -9.87 11.54
CA ASP J 79 37.19 -9.26 11.54
C ASP J 79 36.48 -9.55 10.23
N LEU J 80 35.27 -10.08 10.32
CA LEU J 80 34.51 -10.42 9.11
C LEU J 80 34.08 -9.18 8.33
N GLN J 81 33.86 -8.07 9.01
CA GLN J 81 33.45 -6.83 8.35
C GLN J 81 34.61 -6.09 7.70
N LEU J 82 35.85 -6.54 7.90
CA LEU J 82 37.03 -5.95 7.28
C LEU J 82 37.60 -6.96 6.30
N VAL J 83 37.09 -6.92 5.07
CA VAL J 83 37.55 -7.77 3.98
C VAL J 83 37.65 -6.90 2.74
N ASP J 84 38.86 -6.43 2.43
CA ASP J 84 39.13 -5.69 1.21
C ASP J 84 39.58 -6.68 0.14
N ASP J 85 38.81 -6.75 -0.94
CA ASP J 85 39.07 -7.77 -1.96
C ASP J 85 40.43 -7.57 -2.63
N ARG J 86 40.85 -6.33 -2.84
CA ARG J 86 42.10 -6.09 -3.56
C ARG J 86 43.29 -6.61 -2.78
N GLU J 87 43.37 -6.28 -1.48
CA GLU J 87 44.50 -6.71 -0.68
C GLU J 87 44.55 -8.23 -0.54
N ARG J 88 43.40 -8.86 -0.33
CA ARG J 88 43.38 -10.31 -0.14
C ARG J 88 43.67 -11.03 -1.46
N GLN J 89 43.23 -10.46 -2.58
CA GLN J 89 43.65 -10.97 -3.87
C GLN J 89 45.15 -10.84 -4.06
N GLN J 90 45.74 -9.74 -3.58
CA GLN J 90 47.19 -9.59 -3.66
C GLN J 90 47.90 -10.63 -2.81
N ARG J 91 47.34 -10.94 -1.64
CA ARG J 91 47.91 -12.00 -0.81
C ARG J 91 47.85 -13.36 -1.52
N ALA J 92 46.72 -13.65 -2.16
CA ALA J 92 46.62 -14.87 -2.95
C ALA J 92 47.62 -14.85 -4.10
N LEU J 93 47.85 -13.68 -4.68
CA LEU J 93 48.85 -13.54 -5.74
C LEU J 93 50.24 -13.87 -5.21
N ASP J 94 50.55 -13.40 -4.01
CA ASP J 94 51.84 -13.73 -3.38
C ASP J 94 51.95 -15.24 -3.17
N TRP J 95 50.86 -15.86 -2.72
CA TRP J 95 50.86 -17.32 -2.60
C TRP J 95 51.17 -17.98 -3.94
N ALA J 96 50.48 -17.57 -4.99
CA ALA J 96 50.67 -18.19 -6.30
C ALA J 96 52.09 -17.99 -6.79
N ARG J 97 52.66 -16.81 -6.55
CA ARG J 97 54.05 -16.57 -6.92
C ARG J 97 54.99 -17.49 -6.15
N GLN J 98 54.66 -17.75 -4.87
CA GLN J 98 55.52 -18.58 -4.05
C GLN J 98 55.58 -20.01 -4.58
N GLN J 99 54.44 -20.57 -4.96
CA GLN J 99 54.39 -21.96 -5.43
C GLN J 99 54.72 -22.10 -6.91
N LYS J 100 55.07 -21.01 -7.59
CA LYS J 100 55.59 -21.08 -8.96
C LYS J 100 54.54 -21.59 -9.94
N LEU J 101 53.35 -20.99 -9.90
CA LEU J 101 52.33 -21.30 -10.88
C LEU J 101 52.64 -20.62 -12.21
N ALA J 102 52.30 -21.30 -13.31
CA ALA J 102 52.50 -20.71 -14.62
C ALA J 102 51.48 -19.61 -14.87
N TYR J 103 50.22 -19.87 -14.53
CA TYR J 103 49.13 -18.92 -14.73
C TYR J 103 48.30 -18.84 -13.47
N VAL J 104 47.56 -17.73 -13.33
CA VAL J 104 46.63 -17.54 -12.24
C VAL J 104 45.33 -17.02 -12.82
N VAL J 105 44.23 -17.68 -12.53
CA VAL J 105 42.91 -17.26 -13.00
C VAL J 105 42.32 -16.29 -12.00
N THR J 106 42.02 -15.08 -12.47
CA THR J 106 41.45 -14.00 -11.69
C THR J 106 40.08 -13.63 -12.28
N GLY J 107 39.44 -12.64 -11.69
CA GLY J 107 38.19 -12.16 -12.23
C GLY J 107 37.53 -11.21 -11.27
N SER J 108 36.38 -10.71 -11.69
CA SER J 108 35.58 -9.82 -10.87
C SER J 108 34.12 -9.95 -11.27
N VAL J 109 33.23 -9.77 -10.30
CA VAL J 109 31.79 -9.79 -10.53
C VAL J 109 31.29 -8.36 -10.46
N GLU J 110 30.72 -7.88 -11.57
CA GLU J 110 30.15 -6.54 -11.65
C GLU J 110 28.67 -6.52 -11.34
N GLU J 111 27.91 -7.48 -11.83
CA GLU J 111 26.48 -7.57 -11.58
C GLU J 111 26.14 -8.99 -11.18
N TRP J 112 25.37 -9.12 -10.10
CA TRP J 112 24.84 -10.42 -9.69
C TRP J 112 23.53 -10.15 -8.93
N GLN J 113 22.42 -10.18 -9.66
CA GLN J 113 21.15 -9.83 -9.04
C GLN J 113 20.01 -10.17 -9.98
N TYR J 114 18.80 -10.19 -9.42
CA TYR J 114 17.57 -10.14 -10.19
C TYR J 114 17.16 -8.69 -10.37
N LYS J 115 16.79 -8.33 -11.60
CA LYS J 115 16.66 -6.91 -11.94
C LYS J 115 15.54 -6.24 -11.15
N ASN J 116 14.39 -6.89 -11.03
CA ASN J 116 13.26 -6.33 -10.29
C ASN J 116 13.28 -6.78 -8.83
N GLY J 117 14.40 -6.54 -8.15
CA GLY J 117 14.52 -6.90 -6.75
C GLY J 117 14.74 -8.38 -6.53
N LEU J 118 13.72 -9.06 -6.03
CA LEU J 118 13.78 -10.49 -5.77
C LEU J 118 13.27 -11.32 -6.94
N ASP J 119 12.36 -10.77 -7.74
CA ASP J 119 11.81 -11.44 -8.90
C ASP J 119 12.44 -10.86 -10.18
N GLY J 120 12.03 -11.40 -11.31
CA GLY J 120 12.51 -10.95 -12.60
C GLY J 120 13.64 -11.80 -13.13
N GLU J 121 14.18 -11.37 -14.26
CA GLU J 121 15.23 -12.12 -14.91
C GLU J 121 16.55 -11.97 -14.17
N PRO J 122 17.45 -12.95 -14.29
CA PRO J 122 18.76 -12.80 -13.66
C PRO J 122 19.71 -11.99 -14.55
N ALA J 123 20.44 -11.07 -13.91
CA ALA J 123 21.44 -10.25 -14.58
C ALA J 123 22.79 -10.53 -13.93
N VAL J 124 23.70 -11.11 -14.72
CA VAL J 124 25.03 -11.48 -14.24
C VAL J 124 26.07 -10.83 -15.15
N GLY J 125 27.02 -10.11 -14.56
CA GLY J 125 28.13 -9.56 -15.29
C GLY J 125 29.46 -9.93 -14.66
N VAL J 126 30.29 -10.67 -15.40
CA VAL J 126 31.54 -11.22 -14.88
C VAL J 126 32.68 -10.83 -15.81
N SER J 127 33.81 -10.47 -15.23
CA SER J 127 35.05 -10.22 -15.95
C SER J 127 36.05 -11.30 -15.57
N LEU J 128 36.61 -11.96 -16.57
CA LEU J 128 37.59 -13.02 -16.37
C LEU J 128 38.96 -12.54 -16.81
N GLN J 129 39.95 -12.72 -15.93
CA GLN J 129 41.32 -12.32 -16.21
C GLN J 129 42.28 -13.47 -15.91
N VAL J 130 43.21 -13.72 -16.83
CA VAL J 130 44.32 -14.65 -16.61
C VAL J 130 45.60 -13.82 -16.68
N LEU J 131 46.48 -14.01 -15.69
CA LEU J 131 47.69 -13.21 -15.59
C LEU J 131 48.87 -14.08 -15.21
N GLU J 132 50.06 -13.58 -15.52
CA GLU J 132 51.31 -14.23 -15.14
C GLU J 132 51.65 -13.84 -13.69
N PRO J 133 51.79 -14.79 -12.77
CA PRO J 133 51.97 -14.41 -11.36
C PRO J 133 53.36 -13.89 -11.02
N ALA J 134 54.37 -14.17 -11.86
CA ALA J 134 55.72 -13.74 -11.55
C ALA J 134 55.83 -12.23 -11.50
N SER J 135 55.17 -11.54 -12.45
CA SER J 135 55.18 -10.08 -12.52
C SER J 135 53.82 -9.44 -12.28
N GLY J 136 52.74 -10.20 -12.33
CA GLY J 136 51.41 -9.64 -12.23
C GLY J 136 50.84 -9.12 -13.53
N ARG J 137 51.58 -9.24 -14.63
CA ARG J 137 51.10 -8.75 -15.92
C ARG J 137 49.88 -9.56 -16.37
N VAL J 138 48.86 -8.86 -16.87
CA VAL J 138 47.65 -9.50 -17.33
C VAL J 138 47.89 -10.05 -18.73
N LEU J 139 47.66 -11.35 -18.89
CA LEU J 139 47.78 -12.01 -20.19
C LEU J 139 46.45 -12.15 -20.91
N TRP J 140 45.34 -12.04 -20.18
CA TRP J 140 44.01 -12.22 -20.76
C TRP J 140 43.03 -11.46 -19.88
N SER J 141 42.05 -10.82 -20.50
CA SER J 141 41.05 -10.05 -19.76
C SER J 141 39.82 -9.92 -20.65
N THR J 142 38.75 -10.62 -20.30
CA THR J 142 37.49 -10.55 -21.02
C THR J 142 36.36 -10.25 -20.04
N SER J 143 35.28 -9.69 -20.57
CA SER J 143 34.09 -9.37 -19.79
C SER J 143 32.87 -9.97 -20.46
N GLY J 144 31.99 -10.52 -19.65
CA GLY J 144 30.74 -11.08 -20.14
C GLY J 144 29.59 -10.59 -19.30
N ALA J 145 28.45 -10.43 -19.96
CA ALA J 145 27.23 -9.98 -19.30
C ALA J 145 26.06 -10.75 -19.89
N ARG J 146 25.03 -10.96 -19.08
CA ARG J 146 23.85 -11.68 -19.53
C ARG J 146 22.66 -11.26 -18.69
N ALA J 147 21.59 -10.84 -19.35
CA ALA J 147 20.27 -10.72 -18.74
C ALA J 147 19.46 -11.91 -19.24
N GLY J 148 19.28 -12.91 -18.37
CA GLY J 148 18.72 -14.18 -18.78
C GLY J 148 17.23 -14.13 -19.00
N TRP J 149 16.66 -15.32 -19.16
CA TRP J 149 15.23 -15.44 -19.33
C TRP J 149 14.52 -15.19 -18.00
N SER J 150 13.22 -14.95 -18.07
CA SER J 150 12.44 -14.66 -16.87
C SER J 150 12.43 -15.86 -15.92
N ARG J 151 12.34 -17.07 -16.48
CA ARG J 151 12.28 -18.30 -15.69
C ARG J 151 13.65 -18.94 -15.52
N GLU J 152 14.72 -18.14 -15.53
CA GLU J 152 16.09 -18.61 -15.39
C GLU J 152 16.63 -18.19 -14.04
N SER J 153 17.53 -19.01 -13.48
CA SER J 153 18.12 -18.74 -12.19
C SER J 153 19.39 -17.91 -12.32
N LEU J 154 19.75 -17.23 -11.23
CA LEU J 154 21.00 -16.49 -11.21
C LEU J 154 22.20 -17.40 -11.43
N ALA J 155 22.19 -18.56 -10.78
CA ALA J 155 23.29 -19.51 -10.91
C ALA J 155 23.44 -19.99 -12.34
N GLY J 156 22.32 -20.27 -13.01
CA GLY J 156 22.39 -20.72 -14.40
C GLY J 156 22.93 -19.65 -15.34
N ALA J 157 22.47 -18.41 -15.17
CA ALA J 157 23.00 -17.32 -15.99
C ALA J 157 24.49 -17.11 -15.75
N ALA J 158 24.92 -17.19 -14.49
CA ALA J 158 26.34 -17.07 -14.19
C ALA J 158 27.13 -18.20 -14.83
N GLN J 159 26.59 -19.42 -14.78
CA GLN J 159 27.24 -20.56 -15.41
C GLN J 159 27.37 -20.35 -16.91
N LYS J 160 26.33 -19.84 -17.55
CA LYS J 160 26.39 -19.59 -19.00
C LYS J 160 27.45 -18.55 -19.33
N VAL J 161 27.49 -17.46 -18.56
CA VAL J 161 28.46 -16.40 -18.81
C VAL J 161 29.88 -16.93 -18.65
N LEU J 162 30.11 -17.68 -17.57
CA LEU J 162 31.45 -18.22 -17.32
C LEU J 162 31.84 -19.27 -18.35
N ARG J 163 30.88 -20.07 -18.82
CA ARG J 163 31.19 -21.03 -19.89
C ARG J 163 31.59 -20.30 -21.16
N GLU J 164 30.87 -19.23 -21.51
CA GLU J 164 31.22 -18.49 -22.72
C GLU J 164 32.60 -17.84 -22.57
N LEU J 165 32.89 -17.25 -21.42
CA LEU J 165 34.19 -16.61 -21.22
C LEU J 165 35.31 -17.63 -21.20
N VAL J 166 35.14 -18.71 -20.44
CA VAL J 166 36.16 -19.75 -20.38
C VAL J 166 36.26 -20.48 -21.72
N GLY J 167 35.14 -20.62 -22.42
CA GLY J 167 35.18 -21.22 -23.75
C GLY J 167 35.98 -20.38 -24.72
N ASP J 168 35.78 -19.07 -24.71
CA ASP J 168 36.54 -18.18 -25.58
C ASP J 168 38.00 -18.08 -25.17
N LEU J 169 38.37 -18.52 -23.97
CA LEU J 169 39.76 -18.52 -23.55
C LEU J 169 40.52 -19.52 -24.42
N ARG J 170 41.27 -19.01 -25.39
CA ARG J 170 41.92 -19.86 -26.38
C ARG J 170 43.03 -20.64 -25.72
N LEU J 171 42.86 -21.96 -25.61
CA LEU J 171 43.81 -22.86 -24.96
C LEU J 171 44.35 -23.84 -25.99
N GLU J 172 45.66 -24.04 -25.96
CA GLU J 172 46.31 -24.97 -26.88
C GLU J 172 47.01 -26.09 -26.13
N CYS K 19 13.94 -24.88 -16.82
CA CYS K 19 15.14 -24.08 -17.18
C CYS K 19 16.30 -24.38 -16.23
N SER K 20 17.15 -25.33 -16.64
CA SER K 20 18.25 -25.80 -15.81
C SER K 20 19.54 -25.79 -16.63
N SER K 21 20.67 -25.85 -15.91
CA SER K 21 21.98 -25.76 -16.54
C SER K 21 22.97 -26.56 -15.70
N PHE K 22 23.72 -27.44 -16.36
CA PHE K 22 24.68 -28.32 -15.69
C PHE K 22 25.99 -28.35 -16.46
N THR K 23 27.10 -28.33 -15.73
CA THR K 23 28.41 -28.48 -16.33
C THR K 23 28.74 -29.96 -16.51
N SER K 24 29.62 -30.25 -17.46
CA SER K 24 30.01 -31.62 -17.81
C SER K 24 31.48 -31.79 -17.44
N GLU K 25 31.74 -32.43 -16.30
CA GLU K 25 33.11 -32.65 -15.86
C GLU K 25 33.78 -33.71 -16.73
N SER K 26 35.04 -33.46 -17.08
CA SER K 26 35.78 -34.30 -18.01
C SER K 26 36.80 -35.19 -17.32
N ALA K 27 36.82 -35.21 -15.99
CA ALA K 27 37.74 -36.05 -15.24
C ALA K 27 37.40 -37.52 -15.43
N THR K 28 38.32 -38.38 -14.99
CA THR K 28 38.19 -39.81 -15.18
C THR K 28 37.19 -40.42 -14.21
N PRO K 29 36.70 -41.63 -14.49
CA PRO K 29 35.75 -42.27 -13.56
C PRO K 29 36.37 -42.53 -12.19
N LEU K 30 35.52 -42.52 -11.17
CA LEU K 30 35.92 -42.80 -9.80
C LEU K 30 35.26 -44.09 -9.31
N ALA K 31 36.03 -44.89 -8.60
CA ALA K 31 35.56 -46.20 -8.14
C ALA K 31 34.46 -46.04 -7.10
N ARG K 32 33.38 -46.80 -7.27
CA ARG K 32 32.27 -46.73 -6.33
C ARG K 32 32.60 -47.45 -5.03
N GLY K 33 33.26 -48.59 -5.11
CA GLY K 33 33.57 -49.37 -3.92
C GLY K 33 34.81 -48.87 -3.20
N ALA K 34 34.68 -47.74 -2.50
CA ALA K 34 35.78 -47.14 -1.77
C ALA K 34 35.24 -46.53 -0.49
N GLN K 35 36.13 -46.00 0.33
CA GLN K 35 35.77 -45.38 1.61
C GLN K 35 35.45 -43.92 1.34
N TRP K 36 34.18 -43.64 1.08
CA TRP K 36 33.74 -42.27 0.82
C TRP K 36 33.49 -41.55 2.14
N GLY K 37 33.49 -40.22 2.06
CA GLY K 37 33.16 -39.39 3.20
C GLY K 37 32.37 -38.17 2.75
N LEU K 38 31.61 -37.61 3.69
CA LEU K 38 30.79 -36.43 3.44
C LEU K 38 31.14 -35.37 4.46
N VAL K 39 31.54 -34.21 3.98
CA VAL K 39 31.89 -33.07 4.83
C VAL K 39 30.88 -31.96 4.54
N PRO K 40 30.66 -31.01 5.45
CA PRO K 40 29.57 -30.05 5.26
C PRO K 40 29.78 -29.18 4.02
N LEU K 41 28.65 -28.77 3.44
CA LEU K 41 28.65 -27.93 2.25
C LEU K 41 28.75 -26.46 2.64
N LEU K 42 29.35 -25.67 1.76
CA LEU K 42 29.51 -24.24 1.97
C LEU K 42 28.25 -23.52 1.50
N ASN K 43 27.67 -22.69 2.37
CA ASN K 43 26.44 -21.97 2.05
C ASN K 43 26.81 -20.54 1.68
N TYR K 44 26.92 -20.29 0.38
CA TYR K 44 27.11 -18.95 -0.15
C TYR K 44 25.80 -18.30 -0.58
N SER K 45 24.73 -19.08 -0.70
CA SER K 45 23.41 -18.50 -0.82
C SER K 45 23.01 -17.88 0.51
N GLN K 46 22.14 -16.87 0.44
CA GLN K 46 21.78 -16.12 1.64
C GLN K 46 20.68 -16.79 2.46
N ALA K 47 20.19 -17.95 2.04
CA ALA K 47 19.20 -18.66 2.83
C ALA K 47 19.89 -19.37 4.00
N PRO K 48 19.46 -19.12 5.24
CA PRO K 48 20.11 -19.81 6.37
C PRO K 48 19.87 -21.31 6.32
N GLN K 49 20.88 -22.06 6.76
CA GLN K 49 20.81 -23.53 6.87
C GLN K 49 20.56 -24.19 5.52
N ALA K 50 20.83 -23.50 4.42
CA ALA K 50 20.68 -24.13 3.11
C ALA K 50 21.70 -25.25 2.91
N GLY K 51 22.90 -25.09 3.46
CA GLY K 51 23.91 -26.13 3.34
C GLY K 51 23.49 -27.42 4.01
N GLU K 52 22.87 -27.33 5.19
CA GLU K 52 22.42 -28.53 5.88
C GLU K 52 21.33 -29.26 5.10
N ARG K 53 20.36 -28.51 4.56
CA ARG K 53 19.30 -29.13 3.77
C ARG K 53 19.88 -29.80 2.53
N ALA K 54 20.79 -29.10 1.84
CA ALA K 54 21.44 -29.69 0.68
C ALA K 54 22.22 -30.94 1.06
N GLU K 55 22.86 -30.93 2.23
CA GLU K 55 23.62 -32.10 2.66
C GLU K 55 22.70 -33.29 2.92
N GLN K 56 21.55 -33.05 3.56
CA GLN K 56 20.61 -34.16 3.79
C GLN K 56 20.11 -34.73 2.47
N ILE K 57 19.73 -33.85 1.53
CA ILE K 57 19.22 -34.34 0.25
C ILE K 57 20.32 -35.05 -0.53
N LEU K 58 21.55 -34.56 -0.43
CA LEU K 58 22.67 -35.20 -1.12
C LEU K 58 22.99 -36.55 -0.50
N LEU K 59 22.84 -36.68 0.82
CA LEU K 59 23.01 -37.97 1.45
C LEU K 59 21.97 -38.96 0.95
N SER K 60 20.73 -38.51 0.82
CA SER K 60 19.69 -39.37 0.28
C SER K 60 19.99 -39.75 -1.17
N VAL K 61 20.45 -38.79 -1.97
CA VAL K 61 20.68 -39.04 -3.40
C VAL K 61 21.87 -39.97 -3.60
N LEU K 62 22.96 -39.77 -2.84
CA LEU K 62 24.11 -40.65 -2.94
C LEU K 62 23.74 -42.08 -2.59
N ALA K 63 22.98 -42.27 -1.52
CA ALA K 63 22.56 -43.61 -1.11
C ALA K 63 21.70 -44.27 -2.18
N GLU K 64 20.96 -43.48 -2.96
CA GLU K 64 20.19 -44.05 -4.06
C GLU K 64 21.09 -44.62 -5.14
N GLU K 65 22.29 -44.06 -5.30
CA GLU K 65 23.25 -44.52 -6.30
C GLU K 65 24.22 -45.56 -5.75
N GLY K 66 24.10 -45.95 -4.48
CA GLY K 66 24.94 -46.97 -3.92
C GLY K 66 26.15 -46.47 -3.15
N VAL K 67 26.25 -45.17 -2.89
CA VAL K 67 27.36 -44.59 -2.16
C VAL K 67 26.87 -44.25 -0.76
N ARG K 68 27.62 -44.70 0.26
CA ARG K 68 27.25 -44.56 1.66
C ARG K 68 28.39 -43.88 2.39
N PRO K 69 28.53 -42.56 2.26
CA PRO K 69 29.67 -41.88 2.89
C PRO K 69 29.55 -41.87 4.40
N ARG K 70 30.71 -41.88 5.05
CA ARG K 70 30.75 -41.69 6.49
C ARG K 70 30.52 -40.22 6.82
N LEU K 71 29.54 -39.95 7.66
CA LEU K 71 29.24 -38.56 8.01
C LEU K 71 30.30 -38.01 8.95
N TYR K 72 30.65 -36.74 8.75
CA TYR K 72 31.60 -36.09 9.64
C TYR K 72 31.00 -36.01 11.05
N PRO K 73 31.83 -35.99 12.09
CA PRO K 73 31.28 -35.89 13.44
C PRO K 73 30.70 -34.52 13.70
N ALA K 74 29.75 -34.48 14.64
CA ALA K 74 29.18 -33.20 15.06
C ALA K 74 30.20 -32.42 15.88
N GLN K 75 30.71 -31.34 15.31
CA GLN K 75 31.75 -30.57 15.98
C GLN K 75 31.13 -29.74 17.10
N PRO K 76 31.62 -29.84 18.35
CA PRO K 76 31.06 -28.99 19.41
C PRO K 76 31.56 -27.55 19.31
N GLN K 77 30.91 -26.75 18.48
CA GLN K 77 31.34 -25.38 18.19
C GLN K 77 30.79 -24.46 19.28
N GLY K 78 31.69 -23.93 20.12
CA GLY K 78 31.27 -22.96 21.11
C GLY K 78 30.77 -21.68 20.50
N ASP K 79 31.43 -21.20 19.46
CA ASP K 79 31.08 -19.97 18.76
C ASP K 79 30.73 -20.32 17.31
N LEU K 80 29.43 -20.38 17.02
CA LEU K 80 29.00 -20.69 15.65
C LEU K 80 29.43 -19.59 14.69
N GLN K 81 29.34 -18.33 15.12
CA GLN K 81 29.75 -17.23 14.24
C GLN K 81 31.24 -17.28 13.93
N LEU K 82 32.04 -17.75 14.88
CA LEU K 82 33.48 -17.83 14.65
C LEU K 82 33.81 -18.85 13.56
N VAL K 83 33.12 -19.98 13.55
CA VAL K 83 33.45 -21.06 12.64
C VAL K 83 32.88 -20.75 11.26
N ASP K 84 33.74 -20.24 10.38
CA ASP K 84 33.35 -20.03 9.00
C ASP K 84 33.17 -21.36 8.30
N ASP K 85 32.19 -21.42 7.40
CA ASP K 85 31.88 -22.65 6.69
C ASP K 85 33.11 -23.22 6.00
N ARG K 86 34.00 -22.35 5.52
CA ARG K 86 35.24 -22.81 4.92
C ARG K 86 36.15 -23.46 5.95
N GLU K 87 36.20 -22.89 7.16
CA GLU K 87 37.01 -23.49 8.21
C GLU K 87 36.39 -24.78 8.71
N ARG K 88 35.06 -24.85 8.81
CA ARG K 88 34.42 -26.13 9.12
C ARG K 88 34.76 -27.18 8.08
N GLN K 89 34.73 -26.80 6.81
CA GLN K 89 35.08 -27.74 5.75
C GLN K 89 36.53 -28.20 5.89
N GLN K 90 37.44 -27.27 6.23
CA GLN K 90 38.84 -27.65 6.40
C GLN K 90 39.02 -28.60 7.58
N ARG K 91 38.32 -28.34 8.68
CA ARG K 91 38.42 -29.23 9.85
C ARG K 91 37.86 -30.60 9.50
N ALA K 92 36.77 -30.64 8.73
CA ALA K 92 36.22 -31.92 8.30
C ALA K 92 37.18 -32.65 7.36
N LEU K 93 37.89 -31.89 6.51
CA LEU K 93 38.92 -32.51 5.67
C LEU K 93 40.03 -33.11 6.52
N ASP K 94 40.41 -32.41 7.59
CA ASP K 94 41.39 -32.96 8.52
C ASP K 94 40.88 -34.27 9.14
N TRP K 95 39.60 -34.29 9.53
CA TRP K 95 39.01 -35.52 10.07
C TRP K 95 39.06 -36.63 9.03
N ALA K 96 38.72 -36.32 7.78
CA ALA K 96 38.74 -37.33 6.73
C ALA K 96 40.13 -37.86 6.49
N ARG K 97 41.14 -36.99 6.54
CA ARG K 97 42.52 -37.45 6.44
C ARG K 97 42.87 -38.37 7.61
N GLN K 98 42.40 -38.02 8.81
CA GLN K 98 42.66 -38.87 9.97
C GLN K 98 42.01 -40.25 9.79
N GLN K 99 40.90 -40.32 9.07
CA GLN K 99 40.18 -41.57 8.87
C GLN K 99 40.68 -42.38 7.68
N LYS K 100 41.60 -41.83 6.88
CA LYS K 100 42.14 -42.53 5.71
C LYS K 100 41.04 -42.89 4.72
N LEU K 101 40.22 -41.91 4.39
CA LEU K 101 39.15 -42.10 3.42
C LEU K 101 39.68 -41.91 2.01
N ALA K 102 39.17 -42.70 1.08
CA ALA K 102 39.63 -42.61 -0.31
C ALA K 102 39.10 -41.35 -0.98
N TYR K 103 37.82 -41.06 -0.79
CA TYR K 103 37.17 -39.92 -1.41
C TYR K 103 36.35 -39.17 -0.37
N VAL K 104 36.18 -37.87 -0.60
CA VAL K 104 35.35 -37.02 0.24
C VAL K 104 34.46 -36.19 -0.68
N VAL K 105 33.15 -36.27 -0.47
CA VAL K 105 32.19 -35.49 -1.24
C VAL K 105 31.86 -34.24 -0.45
N THR K 106 31.91 -33.09 -1.11
CA THR K 106 31.49 -31.82 -0.52
C THR K 106 30.73 -31.06 -1.60
N GLY K 107 30.51 -29.78 -1.36
CA GLY K 107 29.87 -28.95 -2.36
C GLY K 107 29.63 -27.56 -1.79
N SER K 108 28.79 -26.83 -2.51
CA SER K 108 28.39 -25.50 -2.07
C SER K 108 26.99 -25.22 -2.59
N VAL K 109 26.32 -24.28 -1.92
CA VAL K 109 25.00 -23.81 -2.33
C VAL K 109 25.16 -22.37 -2.78
N GLU K 110 24.91 -22.12 -4.07
CA GLU K 110 24.94 -20.78 -4.62
C GLU K 110 23.58 -20.10 -4.64
N GLU K 111 22.50 -20.88 -4.71
CA GLU K 111 21.16 -20.33 -4.71
C GLU K 111 20.23 -21.32 -4.02
N TRP K 112 19.43 -20.81 -3.08
CA TRP K 112 18.40 -21.61 -2.42
C TRP K 112 17.28 -20.64 -2.02
N GLN K 113 16.30 -20.47 -2.90
CA GLN K 113 15.28 -19.47 -2.66
C GLN K 113 14.12 -19.67 -3.62
N TYR K 114 12.99 -19.08 -3.26
CA TYR K 114 11.86 -18.90 -4.17
C TYR K 114 11.96 -17.52 -4.80
N LYS K 115 11.87 -17.47 -6.13
CA LYS K 115 11.94 -16.18 -6.81
C LYS K 115 10.70 -15.33 -6.56
N ASN K 116 9.60 -15.94 -6.13
CA ASN K 116 8.39 -15.25 -5.67
C ASN K 116 7.83 -14.42 -6.83
N GLY K 117 7.29 -13.23 -6.57
CA GLY K 117 6.49 -12.54 -7.56
C GLY K 117 5.07 -13.06 -7.53
N LEU K 118 4.71 -13.89 -8.51
CA LEU K 118 3.43 -14.60 -8.52
C LEU K 118 3.62 -16.10 -8.69
N ASP K 119 4.56 -16.52 -9.53
CA ASP K 119 4.78 -17.94 -9.75
C ASP K 119 5.34 -18.61 -8.50
N GLY K 120 6.30 -17.97 -7.85
CA GLY K 120 6.96 -18.59 -6.72
C GLY K 120 7.75 -19.82 -7.09
N GLU K 121 8.42 -19.79 -8.23
CA GLU K 121 9.18 -20.96 -8.65
C GLU K 121 10.47 -21.09 -7.83
N PRO K 122 10.92 -22.31 -7.54
CA PRO K 122 12.16 -22.46 -6.77
C PRO K 122 13.39 -22.37 -7.66
N ALA K 123 14.40 -21.66 -7.17
CA ALA K 123 15.68 -21.51 -7.87
C ALA K 123 16.76 -22.11 -6.98
N VAL K 124 17.38 -23.18 -7.45
CA VAL K 124 18.39 -23.91 -6.70
C VAL K 124 19.66 -23.99 -7.54
N GLY K 125 20.80 -23.65 -6.94
CA GLY K 125 22.08 -23.82 -7.58
C GLY K 125 23.11 -24.38 -6.63
N VAL K 126 23.69 -25.54 -6.96
CA VAL K 126 24.64 -26.22 -6.10
C VAL K 126 25.82 -26.70 -6.94
N SER K 127 26.99 -26.71 -6.32
CA SER K 127 28.21 -27.23 -6.91
C SER K 127 28.66 -28.46 -6.13
N LEU K 128 29.03 -29.51 -6.86
CA LEU K 128 29.44 -30.78 -6.26
C LEU K 128 30.93 -30.98 -6.52
N GLN K 129 31.67 -31.28 -5.46
CA GLN K 129 33.11 -31.52 -5.54
C GLN K 129 33.45 -32.82 -4.83
N VAL K 130 34.30 -33.62 -5.46
CA VAL K 130 34.88 -34.82 -4.85
C VAL K 130 36.38 -34.62 -4.80
N LEU K 131 36.96 -34.75 -3.61
CA LEU K 131 38.37 -34.47 -3.37
C LEU K 131 39.11 -35.71 -2.91
N GLU K 132 40.42 -35.70 -3.12
CA GLU K 132 41.30 -36.69 -2.50
C GLU K 132 41.76 -36.14 -1.16
N PRO K 133 41.34 -36.71 -0.02
CA PRO K 133 41.64 -36.05 1.26
C PRO K 133 43.12 -35.92 1.55
N ALA K 134 43.92 -36.90 1.15
CA ALA K 134 45.35 -36.87 1.47
C ALA K 134 46.03 -35.66 0.84
N SER K 135 45.84 -35.46 -0.46
CA SER K 135 46.45 -34.35 -1.16
C SER K 135 45.57 -33.09 -1.16
N GLY K 136 44.27 -33.24 -0.93
CA GLY K 136 43.37 -32.11 -1.03
C GLY K 136 43.01 -31.72 -2.44
N ARG K 137 43.42 -32.49 -3.44
CA ARG K 137 43.12 -32.18 -4.83
C ARG K 137 41.64 -32.39 -5.12
N VAL K 138 41.17 -31.73 -6.17
CA VAL K 138 39.78 -31.81 -6.61
C VAL K 138 39.72 -32.83 -7.74
N LEU K 139 39.25 -34.04 -7.44
CA LEU K 139 39.12 -35.06 -8.46
C LEU K 139 37.91 -34.83 -9.35
N TRP K 140 36.86 -34.21 -8.81
CA TRP K 140 35.61 -33.98 -9.53
C TRP K 140 35.08 -32.62 -9.15
N SER K 141 34.52 -31.90 -10.12
CA SER K 141 33.92 -30.59 -9.88
C SER K 141 32.82 -30.38 -10.90
N THR K 142 31.60 -30.15 -10.42
CA THR K 142 30.46 -29.96 -11.30
C THR K 142 29.49 -29.00 -10.62
N SER K 143 28.82 -28.17 -11.42
CA SER K 143 27.83 -27.21 -10.94
C SER K 143 26.53 -27.40 -11.67
N GLY K 144 25.43 -27.34 -10.93
CA GLY K 144 24.11 -27.45 -11.50
C GLY K 144 23.21 -26.36 -10.97
N ALA K 145 22.31 -25.91 -11.84
CA ALA K 145 21.34 -24.88 -11.49
C ALA K 145 19.99 -25.24 -12.07
N ARG K 146 18.94 -24.86 -11.35
CA ARG K 146 17.58 -25.15 -11.79
C ARG K 146 16.67 -24.03 -11.30
N ALA K 147 15.86 -23.51 -12.20
CA ALA K 147 14.71 -22.65 -11.87
C ALA K 147 13.49 -23.45 -12.26
N GLY K 148 12.91 -24.16 -11.29
CA GLY K 148 11.91 -25.16 -11.56
C GLY K 148 10.57 -24.57 -11.94
N TRP K 149 9.57 -25.45 -11.99
CA TRP K 149 8.22 -25.05 -12.34
C TRP K 149 7.61 -24.24 -11.19
N SER K 150 6.54 -23.51 -11.52
CA SER K 150 5.90 -22.66 -10.51
C SER K 150 5.33 -23.49 -9.36
N ARG K 151 4.81 -24.67 -9.66
CA ARG K 151 4.19 -25.53 -8.65
C ARG K 151 5.18 -26.52 -8.05
N GLU K 152 6.47 -26.19 -8.04
CA GLU K 152 7.51 -27.04 -7.52
C GLU K 152 7.99 -26.51 -6.17
N SER K 153 8.42 -27.43 -5.31
CA SER K 153 8.99 -27.09 -4.02
C SER K 153 10.49 -26.86 -4.15
N LEU K 154 11.03 -26.10 -3.19
CA LEU K 154 12.48 -25.91 -3.15
C LEU K 154 13.20 -27.24 -2.91
N ALA K 155 12.66 -28.06 -2.00
CA ALA K 155 13.28 -29.35 -1.72
C ALA K 155 13.27 -30.24 -2.95
N GLY K 156 12.18 -30.25 -3.70
CA GLY K 156 12.13 -31.05 -4.91
C GLY K 156 13.12 -30.60 -5.96
N ALA K 157 13.24 -29.28 -6.17
CA ALA K 157 14.20 -28.76 -7.12
C ALA K 157 15.62 -29.10 -6.73
N ALA K 158 15.95 -28.95 -5.44
CA ALA K 158 17.27 -29.32 -4.97
C ALA K 158 17.53 -30.81 -5.15
N GLN K 159 16.51 -31.64 -4.90
CA GLN K 159 16.65 -33.07 -5.12
C GLN K 159 16.95 -33.38 -6.57
N LYS K 160 16.24 -32.74 -7.50
CA LYS K 160 16.48 -32.97 -8.92
C LYS K 160 17.89 -32.54 -9.30
N VAL K 161 18.34 -31.38 -8.82
CA VAL K 161 19.67 -30.88 -9.16
C VAL K 161 20.74 -31.84 -8.64
N LEU K 162 20.61 -32.27 -7.38
CA LEU K 162 21.61 -33.16 -6.80
C LEU K 162 21.58 -34.53 -7.46
N ARG K 163 20.40 -35.01 -7.86
CA ARG K 163 20.32 -36.27 -8.58
C ARG K 163 21.02 -36.17 -9.93
N GLU K 164 20.86 -35.05 -10.64
CA GLU K 164 21.57 -34.87 -11.89
C GLU K 164 23.07 -34.81 -11.66
N LEU K 165 23.52 -34.08 -10.64
CA LEU K 165 24.94 -33.97 -10.38
C LEU K 165 25.54 -35.31 -9.97
N VAL K 166 24.91 -35.99 -9.02
CA VAL K 166 25.44 -37.29 -8.59
C VAL K 166 25.30 -38.32 -9.69
N GLY K 167 24.25 -38.22 -10.51
CA GLY K 167 24.12 -39.10 -11.65
C GLY K 167 25.22 -38.92 -12.69
N ASP K 168 25.71 -37.69 -12.86
CA ASP K 168 26.79 -37.42 -13.81
C ASP K 168 28.12 -37.99 -13.37
N LEU K 169 28.30 -38.30 -12.09
CA LEU K 169 29.52 -38.95 -11.64
C LEU K 169 29.68 -40.28 -12.35
N ARG K 170 30.87 -40.51 -12.91
CA ARG K 170 31.17 -41.76 -13.62
C ARG K 170 31.64 -42.80 -12.61
N LEU K 171 30.66 -43.40 -11.94
CA LEU K 171 30.94 -44.38 -10.90
C LEU K 171 31.06 -45.78 -11.51
N GLU K 172 32.14 -46.47 -11.19
CA GLU K 172 32.35 -47.83 -11.68
C GLU K 172 31.31 -48.78 -11.08
N CYS L 19 2.87 -32.06 -7.29
CA CYS L 19 4.32 -32.03 -7.64
C CYS L 19 5.16 -32.55 -6.48
N SER L 20 5.68 -33.77 -6.63
CA SER L 20 6.47 -34.40 -5.60
C SER L 20 7.64 -35.16 -6.25
N SER L 21 8.69 -35.36 -5.45
CA SER L 21 9.87 -36.09 -5.89
C SER L 21 10.43 -36.87 -4.71
N PHE L 22 10.79 -38.13 -4.95
CA PHE L 22 11.25 -39.02 -3.90
C PHE L 22 12.47 -39.79 -4.38
N THR L 23 13.43 -39.98 -3.47
CA THR L 23 14.59 -40.82 -3.75
C THR L 23 14.26 -42.27 -3.40
N SER L 24 14.91 -43.20 -4.11
CA SER L 24 14.72 -44.63 -3.93
C SER L 24 16.01 -45.23 -3.39
N GLU L 25 16.02 -45.55 -2.10
CA GLU L 25 17.19 -46.16 -1.48
C GLU L 25 17.44 -47.53 -2.10
N SER L 26 18.70 -47.77 -2.50
CA SER L 26 19.14 -49.06 -3.01
C SER L 26 19.88 -49.78 -1.88
N ALA L 27 19.10 -50.32 -0.94
CA ALA L 27 19.65 -50.98 0.23
C ALA L 27 18.77 -52.17 0.59
N THR L 28 19.37 -53.12 1.31
CA THR L 28 18.65 -54.33 1.69
C THR L 28 17.53 -53.97 2.68
N PRO L 29 16.38 -54.64 2.62
CA PRO L 29 15.30 -54.30 3.53
C PRO L 29 15.62 -54.68 4.98
N LEU L 30 15.00 -53.93 5.90
CA LEU L 30 15.15 -54.18 7.32
C LEU L 30 14.09 -55.19 7.78
N ALA L 31 13.94 -55.35 9.09
CA ALA L 31 13.01 -56.30 9.69
C ALA L 31 11.99 -55.56 10.53
N ARG L 32 10.70 -55.78 10.25
CA ARG L 32 9.65 -55.14 11.03
C ARG L 32 9.66 -55.64 12.47
N GLY L 33 9.85 -56.93 12.67
CA GLY L 33 9.80 -57.51 14.00
C GLY L 33 11.08 -57.30 14.78
N ALA L 34 11.38 -56.05 15.10
CA ALA L 34 12.57 -55.70 15.86
C ALA L 34 12.22 -54.59 16.85
N GLN L 35 13.16 -54.30 17.75
CA GLN L 35 12.99 -53.22 18.70
C GLN L 35 13.38 -51.92 18.03
N TRP L 36 12.39 -51.07 17.78
CA TRP L 36 12.59 -49.79 17.10
C TRP L 36 12.70 -48.66 18.10
N GLY L 37 13.13 -47.50 17.60
CA GLY L 37 13.20 -46.29 18.39
C GLY L 37 12.88 -45.10 17.53
N LEU L 38 12.79 -43.94 18.18
CA LEU L 38 12.54 -42.67 17.49
C LEU L 38 13.28 -41.58 18.25
N VAL L 39 14.05 -40.78 17.52
CA VAL L 39 14.82 -39.67 18.10
C VAL L 39 14.31 -38.40 17.44
N PRO L 40 14.47 -37.22 18.06
CA PRO L 40 13.84 -36.02 17.49
C PRO L 40 14.37 -35.69 16.11
N LEU L 41 13.49 -35.13 15.29
CA LEU L 41 13.83 -34.76 13.92
C LEU L 41 14.51 -33.41 13.89
N LEU L 42 15.52 -33.29 13.04
CA LEU L 42 16.18 -32.00 12.83
C LEU L 42 15.25 -31.08 12.06
N ASN L 43 15.28 -29.80 12.41
CA ASN L 43 14.43 -28.78 11.79
C ASN L 43 15.33 -27.76 11.11
N TYR L 44 15.69 -28.04 9.85
CA TYR L 44 16.44 -27.08 9.04
C TYR L 44 15.53 -26.16 8.24
N SER L 45 14.23 -26.42 8.22
CA SER L 45 13.28 -25.42 7.77
C SER L 45 13.17 -24.31 8.82
N GLN L 46 12.80 -23.12 8.36
CA GLN L 46 12.70 -21.99 9.26
C GLN L 46 11.38 -21.94 10.01
N ALA L 47 10.47 -22.87 9.76
CA ALA L 47 9.22 -22.93 10.51
C ALA L 47 9.49 -23.44 11.91
N PRO L 48 9.15 -22.70 12.97
CA PRO L 48 9.43 -23.20 14.32
C PRO L 48 8.59 -24.42 14.65
N GLN L 49 9.18 -25.33 15.42
CA GLN L 49 8.51 -26.54 15.92
C GLN L 49 8.03 -27.46 14.80
N ALA L 50 8.54 -27.29 13.58
CA ALA L 50 8.15 -28.18 12.50
C ALA L 50 8.69 -29.59 12.72
N GLY L 51 9.81 -29.72 13.42
CA GLY L 51 10.34 -31.03 13.73
C GLY L 51 9.40 -31.83 14.60
N GLU L 52 8.75 -31.18 15.58
CA GLU L 52 7.80 -31.89 16.43
C GLU L 52 6.56 -32.32 15.65
N ARG L 53 6.06 -31.45 14.78
CA ARG L 53 4.92 -31.83 13.95
C ARG L 53 5.25 -33.03 13.07
N ALA L 54 6.43 -33.00 12.45
CA ALA L 54 6.87 -34.12 11.63
C ALA L 54 7.02 -35.38 12.48
N GLU L 55 7.53 -35.24 13.71
CA GLU L 55 7.63 -36.38 14.61
C GLU L 55 6.27 -37.01 14.88
N GLN L 56 5.28 -36.19 15.20
CA GLN L 56 3.96 -36.73 15.53
C GLN L 56 3.33 -37.40 14.32
N ILE L 57 3.40 -36.76 13.16
CA ILE L 57 2.81 -37.37 11.96
C ILE L 57 3.57 -38.64 11.60
N LEU L 58 4.89 -38.67 11.82
CA LEU L 58 5.67 -39.86 11.52
C LEU L 58 5.34 -41.00 12.48
N LEU L 59 5.12 -40.68 13.75
CA LEU L 59 4.70 -41.70 14.71
C LEU L 59 3.35 -42.28 14.29
N SER L 60 2.46 -41.44 13.78
CA SER L 60 1.18 -41.95 13.29
C SER L 60 1.38 -42.81 12.04
N VAL L 61 2.26 -42.40 11.13
CA VAL L 61 2.43 -43.11 9.87
C VAL L 61 3.11 -44.45 10.09
N LEU L 62 4.08 -44.52 11.00
CA LEU L 62 4.73 -45.79 11.31
C LEU L 62 3.75 -46.77 11.92
N ALA L 63 2.89 -46.29 12.83
CA ALA L 63 1.89 -47.15 13.43
C ALA L 63 0.96 -47.76 12.38
N GLU L 64 0.72 -47.03 11.29
CA GLU L 64 -0.07 -47.57 10.19
C GLU L 64 0.63 -48.73 9.51
N GLU L 65 1.97 -48.78 9.59
CA GLU L 65 2.75 -49.84 8.97
C GLU L 65 3.10 -50.97 9.93
N GLY L 66 2.61 -50.93 11.17
CA GLY L 66 2.89 -51.95 12.15
C GLY L 66 4.10 -51.68 13.01
N VAL L 67 4.91 -50.68 12.69
CA VAL L 67 6.05 -50.32 13.51
C VAL L 67 5.56 -49.45 14.66
N ARG L 68 6.01 -49.77 15.88
CA ARG L 68 5.60 -49.08 17.09
C ARG L 68 6.86 -48.58 17.79
N PRO L 69 7.49 -47.52 17.29
CA PRO L 69 8.78 -47.11 17.84
C PRO L 69 8.65 -46.61 19.27
N ARG L 70 9.60 -47.00 20.11
CA ARG L 70 9.66 -46.48 21.47
C ARG L 70 10.25 -45.08 21.43
N LEU L 71 9.55 -44.13 22.05
CA LEU L 71 9.94 -42.73 21.96
C LEU L 71 11.01 -42.39 22.99
N TYR L 72 11.88 -41.46 22.63
CA TYR L 72 12.91 -41.01 23.57
C TYR L 72 12.24 -40.33 24.76
N PRO L 73 12.89 -40.28 25.92
CA PRO L 73 12.32 -39.56 27.05
C PRO L 73 12.59 -38.07 26.96
N ALA L 74 11.65 -37.27 27.44
CA ALA L 74 11.84 -35.84 27.48
C ALA L 74 12.98 -35.48 28.43
N GLN L 75 13.70 -34.42 28.09
CA GLN L 75 14.87 -33.98 28.83
C GLN L 75 14.60 -32.61 29.45
N PRO L 76 15.07 -32.35 30.67
CA PRO L 76 14.96 -30.98 31.20
C PRO L 76 15.82 -30.03 30.39
N GLN L 77 15.35 -28.78 30.30
CA GLN L 77 16.03 -27.79 29.47
C GLN L 77 15.83 -26.40 30.06
N GLY L 78 16.85 -25.56 29.93
CA GLY L 78 16.77 -24.17 30.31
C GLY L 78 16.62 -23.27 29.11
N ASP L 79 17.72 -22.66 28.66
CA ASP L 79 17.70 -21.83 27.47
C ASP L 79 17.59 -22.72 26.25
N LEU L 80 16.40 -22.76 25.65
CA LEU L 80 16.16 -23.61 24.49
C LEU L 80 16.79 -23.03 23.22
N GLN L 81 16.94 -21.72 23.14
CA GLN L 81 17.48 -21.11 21.92
C GLN L 81 18.94 -21.46 21.70
N LEU L 82 19.70 -21.65 22.78
CA LEU L 82 21.12 -21.94 22.69
C LEU L 82 21.44 -23.41 22.55
N VAL L 83 20.43 -24.28 22.49
CA VAL L 83 20.61 -25.73 22.36
C VAL L 83 20.25 -26.12 20.93
N ASP L 84 21.20 -26.73 20.24
CA ASP L 84 21.00 -27.14 18.86
C ASP L 84 20.13 -28.40 18.80
N ASP L 85 19.52 -28.61 17.63
CA ASP L 85 18.80 -29.86 17.40
C ASP L 85 19.75 -31.04 17.32
N ARG L 86 20.95 -30.83 16.78
CA ARG L 86 21.91 -31.93 16.60
C ARG L 86 22.32 -32.53 17.94
N GLU L 87 22.58 -31.70 18.94
CA GLU L 87 23.06 -32.24 20.22
C GLU L 87 21.98 -33.03 20.92
N ARG L 88 20.74 -32.53 20.93
CA ARG L 88 19.65 -33.29 21.55
C ARG L 88 19.36 -34.57 20.77
N GLN L 89 19.49 -34.52 19.44
CA GLN L 89 19.35 -35.74 18.66
C GLN L 89 20.41 -36.76 19.02
N GLN L 90 21.66 -36.32 19.16
CA GLN L 90 22.73 -37.25 19.52
C GLN L 90 22.52 -37.79 20.93
N ARG L 91 21.97 -36.97 21.82
CA ARG L 91 21.65 -37.45 23.16
C ARG L 91 20.56 -38.52 23.11
N ALA L 92 19.58 -38.33 22.23
CA ALA L 92 18.56 -39.36 22.04
C ALA L 92 19.15 -40.64 21.45
N LEU L 93 20.09 -40.52 20.51
CA LEU L 93 20.80 -41.70 20.04
C LEU L 93 21.58 -42.38 21.16
N ASP L 94 22.14 -41.60 22.08
CA ASP L 94 22.81 -42.20 23.24
C ASP L 94 21.80 -42.99 24.07
N TRP L 95 20.61 -42.42 24.28
CA TRP L 95 19.57 -43.14 25.01
C TRP L 95 19.21 -44.44 24.30
N ALA L 96 19.06 -44.39 22.98
CA ALA L 96 18.71 -45.60 22.22
C ALA L 96 19.82 -46.64 22.31
N ARG L 97 21.07 -46.20 22.27
CA ARG L 97 22.19 -47.13 22.39
C ARG L 97 22.21 -47.79 23.76
N GLN L 98 21.93 -47.01 24.81
CA GLN L 98 21.87 -47.58 26.15
C GLN L 98 20.74 -48.60 26.27
N GLN L 99 19.61 -48.34 25.62
CA GLN L 99 18.48 -49.25 25.68
C GLN L 99 18.60 -50.43 24.72
N LYS L 100 19.69 -50.53 23.96
CA LYS L 100 19.94 -51.68 23.09
C LYS L 100 18.82 -51.86 22.07
N LEU L 101 18.39 -50.76 21.46
CA LEU L 101 17.38 -50.83 20.42
C LEU L 101 18.01 -51.24 19.10
N ALA L 102 17.31 -52.11 18.36
CA ALA L 102 17.84 -52.60 17.09
C ALA L 102 17.96 -51.47 16.07
N TYR L 103 16.92 -50.65 15.96
CA TYR L 103 16.86 -49.58 14.97
C TYR L 103 16.40 -48.29 15.63
N VAL L 104 16.76 -47.18 14.99
CA VAL L 104 16.29 -45.85 15.40
C VAL L 104 15.85 -45.11 14.14
N VAL L 105 14.64 -44.56 14.18
CA VAL L 105 14.11 -43.76 13.09
C VAL L 105 14.37 -42.30 13.40
N THR L 106 15.04 -41.61 12.47
CA THR L 106 15.33 -40.19 12.58
C THR L 106 15.06 -39.55 11.23
N GLY L 107 15.38 -38.27 11.12
CA GLY L 107 15.17 -37.56 9.88
C GLY L 107 15.40 -36.07 10.07
N SER L 108 14.96 -35.31 9.07
CA SER L 108 15.08 -33.87 9.12
C SER L 108 13.95 -33.26 8.31
N VAL L 109 13.64 -32.00 8.63
CA VAL L 109 12.63 -31.22 7.92
C VAL L 109 13.37 -30.12 7.18
N GLU L 110 13.32 -30.16 5.85
CA GLU L 110 13.98 -29.17 5.02
C GLU L 110 13.05 -28.04 4.61
N GLU L 111 11.75 -28.29 4.54
CA GLU L 111 10.79 -27.29 4.13
C GLU L 111 9.47 -27.54 4.83
N TRP L 112 8.91 -26.48 5.42
CA TRP L 112 7.58 -26.56 6.04
C TRP L 112 6.96 -25.16 5.94
N GLN L 113 6.22 -24.92 4.87
CA GLN L 113 5.66 -23.59 4.66
C GLN L 113 4.60 -23.66 3.55
N TYR L 114 3.72 -22.68 3.57
CA TYR L 114 2.85 -22.40 2.45
C TYR L 114 3.57 -21.45 1.51
N LYS L 115 3.66 -21.83 0.24
CA LYS L 115 4.40 -21.02 -0.72
C LYS L 115 3.71 -19.68 -0.94
N ASN L 116 4.50 -18.67 -1.29
CA ASN L 116 3.96 -17.39 -1.69
C ASN L 116 3.50 -17.43 -3.15
N GLY L 117 2.84 -16.36 -3.57
CA GLY L 117 2.32 -16.28 -4.92
C GLY L 117 0.83 -16.54 -4.97
N LEU L 118 0.33 -16.92 -6.15
CA LEU L 118 -1.11 -17.02 -6.34
C LEU L 118 -1.70 -18.24 -5.68
N ASP L 119 -1.10 -19.41 -5.90
CA ASP L 119 -1.73 -20.67 -5.48
C ASP L 119 -1.67 -20.88 -3.98
N GLY L 120 -0.53 -20.56 -3.36
CA GLY L 120 -0.39 -20.76 -1.93
C GLY L 120 -0.40 -22.21 -1.50
N GLU L 121 0.24 -23.08 -2.27
CA GLU L 121 0.23 -24.51 -1.97
C GLU L 121 1.17 -24.82 -0.81
N PRO L 122 0.94 -25.91 -0.08
CA PRO L 122 1.89 -26.31 0.96
C PRO L 122 3.11 -26.97 0.36
N ALA L 123 4.29 -26.60 0.87
CA ALA L 123 5.56 -27.15 0.43
C ALA L 123 6.22 -27.82 1.62
N VAL L 124 6.34 -29.15 1.57
CA VAL L 124 6.93 -29.96 2.63
C VAL L 124 8.07 -30.75 2.05
N GLY L 125 9.23 -30.71 2.72
CA GLY L 125 10.37 -31.52 2.37
C GLY L 125 10.95 -32.21 3.57
N VAL L 126 10.98 -33.54 3.56
CA VAL L 126 11.38 -34.34 4.71
C VAL L 126 12.41 -35.38 4.25
N SER L 127 13.48 -35.52 5.01
CA SER L 127 14.45 -36.59 4.82
C SER L 127 14.36 -37.54 6.00
N LEU L 128 14.24 -38.84 5.71
CA LEU L 128 14.06 -39.87 6.72
C LEU L 128 15.28 -40.79 6.71
N GLN L 129 15.88 -40.99 7.89
CA GLN L 129 17.02 -41.87 8.06
C GLN L 129 16.71 -42.93 9.09
N VAL L 130 17.34 -44.10 8.93
CA VAL L 130 17.30 -45.17 9.91
C VAL L 130 18.73 -45.49 10.30
N LEU L 131 19.01 -45.51 11.60
CA LEU L 131 20.36 -45.63 12.12
C LEU L 131 20.47 -46.83 13.05
N GLU L 132 21.64 -47.45 13.04
CA GLU L 132 21.95 -48.53 13.97
C GLU L 132 22.59 -47.92 15.21
N PRO L 133 21.94 -47.97 16.39
CA PRO L 133 22.53 -47.30 17.56
C PRO L 133 23.87 -47.86 17.98
N ALA L 134 24.19 -49.10 17.62
CA ALA L 134 25.46 -49.70 18.04
C ALA L 134 26.65 -48.93 17.47
N SER L 135 26.57 -48.54 16.20
CA SER L 135 27.66 -47.85 15.51
C SER L 135 27.27 -46.51 14.92
N GLY L 136 25.98 -46.17 14.88
CA GLY L 136 25.55 -44.95 14.24
C GLY L 136 25.49 -45.03 12.73
N ARG L 137 25.73 -46.20 12.15
CA ARG L 137 25.70 -46.36 10.71
C ARG L 137 24.30 -46.08 10.16
N VAL L 138 24.24 -45.44 9.01
CA VAL L 138 22.98 -45.12 8.36
C VAL L 138 22.57 -46.32 7.50
N LEU L 139 21.55 -47.06 7.94
CA LEU L 139 21.08 -48.20 7.18
C LEU L 139 20.10 -47.80 6.09
N TRP L 140 19.40 -46.68 6.27
CA TRP L 140 18.41 -46.20 5.32
C TRP L 140 18.47 -44.68 5.29
N SER L 141 18.29 -44.11 4.11
CA SER L 141 18.31 -42.65 3.96
C SER L 141 17.57 -42.29 2.69
N THR L 142 16.42 -41.65 2.84
CA THR L 142 15.61 -41.21 1.71
C THR L 142 15.13 -39.79 1.95
N SER L 143 14.79 -39.11 0.86
CA SER L 143 14.26 -37.75 0.92
C SER L 143 13.00 -37.68 0.08
N GLY L 144 12.06 -36.87 0.56
CA GLY L 144 10.81 -36.66 -0.15
C GLY L 144 10.42 -35.21 -0.08
N ALA L 145 9.81 -34.73 -1.15
CA ALA L 145 9.37 -33.34 -1.24
C ALA L 145 8.02 -33.32 -1.93
N ARG L 146 7.20 -32.33 -1.56
CA ARG L 146 5.87 -32.21 -2.14
C ARG L 146 5.45 -30.75 -2.11
N ALA L 147 5.08 -30.23 -3.27
CA ALA L 147 4.32 -28.99 -3.38
C ALA L 147 2.88 -29.40 -3.68
N GLY L 148 2.03 -29.37 -2.65
CA GLY L 148 0.72 -29.98 -2.72
C GLY L 148 -0.27 -29.17 -3.54
N TRP L 149 -1.53 -29.58 -3.44
CA TRP L 149 -2.61 -28.86 -4.08
C TRP L 149 -2.87 -27.54 -3.36
N SER L 150 -3.53 -26.62 -4.08
CA SER L 150 -3.82 -25.31 -3.49
C SER L 150 -4.74 -25.41 -2.29
N ARG L 151 -5.61 -26.42 -2.26
CA ARG L 151 -6.58 -26.61 -1.18
C ARG L 151 -6.07 -27.56 -0.11
N GLU L 152 -4.77 -27.79 -0.05
CA GLU L 152 -4.16 -28.78 0.82
C GLU L 152 -3.49 -28.10 2.02
N SER L 153 -3.45 -28.82 3.14
CA SER L 153 -2.81 -28.35 4.35
C SER L 153 -1.35 -28.77 4.39
N LEU L 154 -0.58 -28.07 5.24
CA LEU L 154 0.79 -28.49 5.49
C LEU L 154 0.82 -29.84 6.18
N ALA L 155 -0.08 -30.07 7.14
CA ALA L 155 -0.13 -31.35 7.83
C ALA L 155 -0.47 -32.48 6.87
N GLY L 156 -1.42 -32.26 5.96
CA GLY L 156 -1.77 -33.30 5.01
C GLY L 156 -0.63 -33.62 4.06
N ALA L 157 0.06 -32.59 3.55
CA ALA L 157 1.19 -32.83 2.66
C ALA L 157 2.32 -33.55 3.39
N ALA L 158 2.59 -33.16 4.64
CA ALA L 158 3.61 -33.86 5.41
C ALA L 158 3.23 -35.31 5.65
N GLN L 159 1.95 -35.57 5.93
CA GLN L 159 1.49 -36.94 6.09
C GLN L 159 1.69 -37.74 4.80
N LYS L 160 1.37 -37.13 3.66
CA LYS L 160 1.57 -37.83 2.38
C LYS L 160 3.04 -38.15 2.15
N VAL L 161 3.92 -37.17 2.41
CA VAL L 161 5.35 -37.38 2.20
C VAL L 161 5.87 -38.48 3.11
N LEU L 162 5.48 -38.44 4.39
CA LEU L 162 5.95 -39.45 5.33
C LEU L 162 5.40 -40.83 5.00
N ARG L 163 4.16 -40.90 4.52
CA ARG L 163 3.61 -42.19 4.11
C ARG L 163 4.38 -42.75 2.91
N GLU L 164 4.71 -41.90 1.93
CA GLU L 164 5.45 -42.38 0.78
C GLU L 164 6.85 -42.83 1.20
N LEU L 165 7.52 -42.08 2.07
CA LEU L 165 8.86 -42.47 2.51
C LEU L 165 8.82 -43.74 3.34
N VAL L 166 7.89 -43.82 4.30
CA VAL L 166 7.81 -44.99 5.16
C VAL L 166 7.36 -46.21 4.35
N GLY L 167 6.56 -45.99 3.30
CA GLY L 167 6.19 -47.09 2.42
C GLY L 167 7.37 -47.68 1.67
N ASP L 168 8.34 -46.86 1.31
CA ASP L 168 9.52 -47.32 0.58
C ASP L 168 10.46 -48.16 1.45
N LEU L 169 10.27 -48.19 2.77
CA LEU L 169 11.13 -48.99 3.63
C LEU L 169 11.03 -50.47 3.26
N ARG L 170 9.82 -50.94 2.96
CA ARG L 170 9.58 -52.34 2.58
C ARG L 170 10.14 -53.28 3.66
N LEU L 171 9.55 -53.17 4.84
CA LEU L 171 10.01 -53.92 6.00
C LEU L 171 9.74 -55.41 5.80
N GLU L 172 10.75 -56.23 6.07
CA GLU L 172 10.60 -57.68 5.93
C GLU L 172 11.12 -58.40 7.18
N CYS M 19 -9.54 -31.35 0.71
CA CYS M 19 -8.31 -32.17 0.86
C CYS M 19 -8.10 -32.58 2.30
N SER M 20 -8.38 -33.85 2.59
CA SER M 20 -8.19 -34.42 3.92
C SER M 20 -7.42 -35.73 3.81
N SER M 21 -6.65 -36.03 4.85
CA SER M 21 -5.88 -37.27 4.90
C SER M 21 -5.81 -37.75 6.34
N PHE M 22 -6.07 -39.03 6.55
CA PHE M 22 -6.07 -39.63 7.87
C PHE M 22 -5.29 -40.94 7.84
N THR M 23 -4.46 -41.14 8.85
CA THR M 23 -3.75 -42.40 9.01
C THR M 23 -4.68 -43.47 9.55
N SER M 24 -4.41 -44.71 9.19
CA SER M 24 -5.19 -45.87 9.62
C SER M 24 -4.27 -46.80 10.39
N GLU M 25 -4.45 -46.84 11.72
CA GLU M 25 -3.62 -47.69 12.54
C GLU M 25 -4.02 -49.16 12.37
N SER M 26 -3.05 -50.04 12.60
CA SER M 26 -3.23 -51.48 12.50
C SER M 26 -3.24 -52.16 13.87
N ALA M 27 -3.63 -51.44 14.92
CA ALA M 27 -3.55 -51.95 16.27
C ALA M 27 -4.88 -52.59 16.68
N THR M 28 -4.81 -53.43 17.71
CA THR M 28 -6.00 -54.07 18.24
C THR M 28 -6.88 -53.04 18.94
N PRO M 29 -8.18 -53.30 19.03
CA PRO M 29 -9.09 -52.26 19.52
C PRO M 29 -9.04 -52.11 21.02
N LEU M 30 -9.44 -50.94 21.50
CA LEU M 30 -9.50 -50.63 22.92
C LEU M 30 -10.91 -50.91 23.44
N ALA M 31 -11.07 -50.83 24.76
CA ALA M 31 -12.32 -51.16 25.43
C ALA M 31 -13.05 -49.90 25.83
N ARG M 32 -14.29 -49.75 25.36
CA ARG M 32 -15.12 -48.63 25.77
C ARG M 32 -15.41 -48.69 27.26
N GLY M 33 -15.69 -49.88 27.78
CA GLY M 33 -16.01 -50.05 29.19
C GLY M 33 -14.79 -50.05 30.06
N ALA M 34 -14.11 -48.92 30.15
CA ALA M 34 -12.91 -48.77 30.96
C ALA M 34 -12.85 -47.34 31.49
N GLN M 35 -11.99 -47.13 32.49
CA GLN M 35 -11.84 -45.82 33.10
C GLN M 35 -10.84 -45.02 32.27
N TRP M 36 -11.33 -44.02 31.54
CA TRP M 36 -10.50 -43.18 30.70
C TRP M 36 -10.07 -41.93 31.44
N GLY M 37 -9.01 -41.29 30.92
CA GLY M 37 -8.60 -39.98 31.35
C GLY M 37 -8.41 -39.07 30.15
N LEU M 38 -8.18 -37.79 30.43
CA LEU M 38 -7.92 -36.80 29.39
C LEU M 38 -6.77 -35.92 29.87
N VAL M 39 -5.71 -35.88 29.06
CA VAL M 39 -4.47 -35.19 29.39
C VAL M 39 -4.32 -34.09 28.35
N PRO M 40 -3.68 -32.95 28.66
CA PRO M 40 -3.66 -31.85 27.69
C PRO M 40 -2.95 -32.23 26.40
N LEU M 41 -3.43 -31.63 25.31
CA LEU M 41 -2.82 -31.80 24.00
C LEU M 41 -1.64 -30.85 23.85
N LEU M 42 -0.61 -31.32 23.14
CA LEU M 42 0.59 -30.52 22.92
C LEU M 42 0.39 -29.65 21.69
N ASN M 43 0.51 -28.35 21.87
CA ASN M 43 0.28 -27.38 20.80
C ASN M 43 1.62 -27.09 20.13
N TYR M 44 1.91 -27.81 19.04
CA TYR M 44 3.05 -27.53 18.19
C TYR M 44 2.72 -26.59 17.04
N SER M 45 1.45 -26.32 16.81
CA SER M 45 1.07 -25.22 15.93
C SER M 45 1.35 -23.90 16.64
N GLN M 46 1.50 -22.84 15.84
CA GLN M 46 1.84 -21.54 16.39
C GLN M 46 0.63 -20.74 16.84
N ALA M 47 -0.58 -21.31 16.76
CA ALA M 47 -1.76 -20.64 17.26
C ALA M 47 -1.82 -20.77 18.79
N PRO M 48 -1.83 -19.68 19.55
CA PRO M 48 -1.88 -19.83 21.01
C PRO M 48 -3.21 -20.42 21.47
N GLN M 49 -3.14 -21.19 22.56
CA GLN M 49 -4.29 -21.80 23.19
C GLN M 49 -5.02 -22.78 22.29
N ALA M 50 -4.38 -23.25 21.22
CA ALA M 50 -5.01 -24.24 20.36
C ALA M 50 -5.12 -25.59 21.04
N GLY M 51 -4.20 -25.90 21.95
CA GLY M 51 -4.29 -27.15 22.68
C GLY M 51 -5.54 -27.24 23.54
N GLU M 52 -5.87 -26.15 24.24
CA GLU M 52 -7.07 -26.17 25.08
C GLU M 52 -8.33 -26.20 24.24
N ARG M 53 -8.35 -25.49 23.11
CA ARG M 53 -9.50 -25.55 22.22
C ARG M 53 -9.71 -26.96 21.71
N ALA M 54 -8.63 -27.60 21.26
CA ALA M 54 -8.71 -28.98 20.81
C ALA M 54 -9.15 -29.90 21.94
N GLU M 55 -8.71 -29.63 23.17
CA GLU M 55 -9.11 -30.46 24.30
C GLU M 55 -10.61 -30.34 24.57
N GLN M 56 -11.16 -29.13 24.49
CA GLN M 56 -12.60 -28.96 24.69
C GLN M 56 -13.40 -29.66 23.59
N ILE M 57 -13.00 -29.46 22.33
CA ILE M 57 -13.74 -30.10 21.25
C ILE M 57 -13.56 -31.61 21.32
N LEU M 58 -12.42 -32.09 21.81
CA LEU M 58 -12.20 -33.52 21.94
C LEU M 58 -13.02 -34.12 23.07
N LEU M 59 -13.18 -33.38 24.17
CA LEU M 59 -14.07 -33.84 25.23
C LEU M 59 -15.50 -33.92 24.73
N SER M 60 -15.93 -32.95 23.93
CA SER M 60 -17.27 -33.02 23.34
C SER M 60 -17.40 -34.18 22.36
N VAL M 61 -16.38 -34.43 21.55
CA VAL M 61 -16.44 -35.50 20.56
C VAL M 61 -16.41 -36.87 21.22
N LEU M 62 -15.64 -37.03 22.30
CA LEU M 62 -15.61 -38.30 23.01
C LEU M 62 -16.95 -38.61 23.66
N ALA M 63 -17.62 -37.58 24.19
CA ALA M 63 -18.93 -37.79 24.79
C ALA M 63 -19.94 -38.28 23.76
N GLU M 64 -19.80 -37.86 22.50
CA GLU M 64 -20.66 -38.37 21.45
C GLU M 64 -20.46 -39.88 21.26
N GLU M 65 -19.25 -40.37 21.50
CA GLU M 65 -18.95 -41.79 21.35
C GLU M 65 -19.25 -42.61 22.59
N GLY M 66 -19.66 -41.99 23.68
CA GLY M 66 -19.94 -42.70 24.92
C GLY M 66 -18.78 -42.78 25.88
N VAL M 67 -17.70 -42.04 25.65
CA VAL M 67 -16.53 -42.04 26.52
C VAL M 67 -16.61 -40.81 27.42
N ARG M 68 -16.38 -41.01 28.72
CA ARG M 68 -16.50 -39.97 29.73
C ARG M 68 -15.19 -39.89 30.50
N PRO M 69 -14.13 -39.34 29.89
CA PRO M 69 -12.84 -39.35 30.55
C PRO M 69 -12.83 -38.46 31.79
N ARG M 70 -12.02 -38.86 32.76
CA ARG M 70 -11.77 -38.04 33.94
C ARG M 70 -10.76 -36.96 33.59
N LEU M 71 -11.13 -35.70 33.79
CA LEU M 71 -10.26 -34.60 33.42
C LEU M 71 -9.15 -34.44 34.45
N TYR M 72 -7.93 -34.19 33.95
CA TYR M 72 -6.82 -33.82 34.81
C TYR M 72 -7.22 -32.67 35.73
N PRO M 73 -6.66 -32.60 36.94
CA PRO M 73 -6.86 -31.38 37.76
C PRO M 73 -5.90 -30.29 37.31
N ALA M 74 -6.44 -29.09 37.11
CA ALA M 74 -5.66 -27.96 36.59
C ALA M 74 -5.04 -27.22 37.76
N GLN M 75 -3.79 -27.57 38.07
CA GLN M 75 -3.05 -26.86 39.11
C GLN M 75 -2.38 -25.62 38.53
N PRO M 76 -2.17 -24.58 39.33
CA PRO M 76 -1.53 -23.36 38.80
C PRO M 76 -0.05 -23.59 38.51
N GLN M 77 0.46 -22.79 37.59
CA GLN M 77 1.85 -22.83 37.16
C GLN M 77 2.50 -21.47 37.47
N GLY M 78 3.77 -21.34 37.10
CA GLY M 78 4.51 -20.11 37.31
C GLY M 78 4.30 -19.11 36.20
N ASP M 79 5.38 -18.60 35.62
CA ASP M 79 5.28 -17.66 34.53
C ASP M 79 4.71 -18.36 33.29
N LEU M 80 3.54 -17.89 32.84
CA LEU M 80 2.85 -18.55 31.74
C LEU M 80 3.60 -18.46 30.42
N GLN M 81 4.52 -17.50 30.27
CA GLN M 81 5.20 -17.32 28.99
C GLN M 81 6.08 -18.52 28.66
N LEU M 82 6.84 -19.03 29.63
CA LEU M 82 7.79 -20.12 29.44
C LEU M 82 7.32 -21.31 30.27
N VAL M 83 6.46 -22.13 29.67
CA VAL M 83 5.98 -23.36 30.29
C VAL M 83 5.90 -24.41 29.18
N ASP M 84 6.59 -25.53 29.37
CA ASP M 84 6.66 -26.55 28.34
C ASP M 84 5.39 -27.40 28.41
N ASP M 85 4.90 -27.81 27.24
CA ASP M 85 3.70 -28.64 27.17
C ASP M 85 3.99 -30.08 27.57
N ARG M 86 5.13 -30.62 27.17
CA ARG M 86 5.48 -31.99 27.52
C ARG M 86 5.54 -32.17 29.03
N GLU M 87 6.03 -31.16 29.75
CA GLU M 87 6.13 -31.29 31.20
C GLU M 87 4.75 -31.36 31.85
N ARG M 88 3.82 -30.50 31.43
CA ARG M 88 2.46 -30.56 31.97
C ARG M 88 1.82 -31.89 31.63
N GLN M 89 2.03 -32.36 30.40
CA GLN M 89 1.50 -33.66 30.00
C GLN M 89 2.05 -34.76 30.89
N GLN M 90 3.35 -34.69 31.23
CA GLN M 90 3.94 -35.71 32.08
C GLN M 90 3.36 -35.65 33.48
N ARG M 91 3.14 -34.45 34.02
CA ARG M 91 2.51 -34.34 35.34
C ARG M 91 1.12 -34.96 35.33
N ALA M 92 0.36 -34.71 34.26
CA ALA M 92 -0.97 -35.29 34.18
C ALA M 92 -0.91 -36.81 33.99
N LEU M 93 0.11 -37.31 33.29
CA LEU M 93 0.30 -38.76 33.22
C LEU M 93 0.57 -39.36 34.59
N ASP M 94 1.38 -38.70 35.41
CA ASP M 94 1.60 -39.24 36.76
C ASP M 94 0.32 -39.18 37.57
N TRP M 95 -0.47 -38.11 37.39
CA TRP M 95 -1.78 -38.06 38.05
C TRP M 95 -2.64 -39.26 37.63
N ALA M 96 -2.72 -39.53 36.34
CA ALA M 96 -3.55 -40.63 35.85
C ALA M 96 -3.03 -41.98 36.34
N ARG M 97 -1.70 -42.13 36.39
CA ARG M 97 -1.12 -43.36 36.91
C ARG M 97 -1.51 -43.56 38.37
N GLN M 98 -1.52 -42.48 39.15
CA GLN M 98 -1.93 -42.58 40.55
C GLN M 98 -3.39 -43.04 40.65
N GLN M 99 -4.24 -42.58 39.74
CA GLN M 99 -5.68 -42.78 39.84
C GLN M 99 -6.16 -44.11 39.27
N LYS M 100 -5.27 -44.98 38.78
CA LYS M 100 -5.66 -46.25 38.17
C LYS M 100 -6.64 -46.00 37.02
N LEU M 101 -6.14 -45.32 35.99
CA LEU M 101 -6.88 -45.14 34.75
C LEU M 101 -6.38 -46.14 33.71
N ALA M 102 -7.32 -46.88 33.12
CA ALA M 102 -6.94 -47.88 32.13
C ALA M 102 -6.33 -47.22 30.90
N TYR M 103 -6.96 -46.15 30.42
CA TYR M 103 -6.52 -45.44 29.22
C TYR M 103 -6.48 -43.95 29.50
N VAL M 104 -5.64 -43.25 28.75
CA VAL M 104 -5.54 -41.79 28.81
C VAL M 104 -5.52 -41.27 27.38
N VAL M 105 -6.49 -40.41 27.05
CA VAL M 105 -6.54 -39.78 25.74
C VAL M 105 -5.74 -38.49 25.79
N THR M 106 -4.89 -38.31 24.79
CA THR M 106 -4.10 -37.10 24.65
C THR M 106 -3.84 -36.90 23.16
N GLY M 107 -2.91 -36.02 22.83
CA GLY M 107 -2.64 -35.77 21.43
C GLY M 107 -1.84 -34.48 21.27
N SER M 108 -1.94 -33.92 20.06
CA SER M 108 -1.23 -32.70 19.75
C SER M 108 -1.91 -32.02 18.57
N VAL M 109 -1.63 -30.74 18.42
CA VAL M 109 -2.14 -29.92 17.31
C VAL M 109 -0.94 -29.52 16.47
N GLU M 110 -0.95 -29.91 15.19
CA GLU M 110 0.09 -29.56 14.25
C GLU M 110 -0.24 -28.34 13.42
N GLU M 111 -1.53 -28.11 13.15
CA GLU M 111 -1.98 -26.96 12.38
C GLU M 111 -3.30 -26.49 12.96
N TRP M 112 -3.41 -25.19 13.21
CA TRP M 112 -4.66 -24.59 13.66
C TRP M 112 -4.65 -23.13 13.18
N GLN M 113 -5.21 -22.90 11.99
CA GLN M 113 -5.13 -21.57 11.41
C GLN M 113 -6.00 -21.49 10.16
N TYR M 114 -6.29 -20.25 9.76
CA TYR M 114 -6.87 -19.98 8.46
C TYR M 114 -5.75 -19.72 7.46
N LYS M 115 -5.86 -20.32 6.28
CA LYS M 115 -4.85 -20.12 5.25
C LYS M 115 -4.96 -18.72 4.67
N ASN M 116 -3.80 -18.15 4.34
CA ASN M 116 -3.76 -16.80 3.79
C ASN M 116 -4.41 -16.76 2.42
N GLY M 117 -5.14 -15.67 2.16
CA GLY M 117 -5.81 -15.43 0.90
C GLY M 117 -7.22 -14.96 1.13
N LEU M 118 -7.95 -14.81 0.03
CA LEU M 118 -9.34 -14.38 0.07
C LEU M 118 -10.31 -15.52 0.38
N ASP M 119 -9.83 -16.76 0.42
CA ASP M 119 -10.72 -17.89 0.68
C ASP M 119 -11.12 -17.98 2.13
N GLY M 120 -10.27 -17.56 3.06
CA GLY M 120 -10.54 -17.73 4.46
C GLY M 120 -10.61 -19.21 4.81
N GLU M 121 -9.65 -19.97 4.32
CA GLU M 121 -9.72 -21.43 4.36
C GLU M 121 -9.16 -21.94 5.68
N PRO M 122 -9.94 -22.62 6.52
CA PRO M 122 -9.36 -23.20 7.74
C PRO M 122 -8.51 -24.43 7.40
N ALA M 123 -7.42 -24.58 8.14
CA ALA M 123 -6.53 -25.73 8.02
C ALA M 123 -6.23 -26.23 9.42
N VAL M 124 -6.63 -27.47 9.71
CA VAL M 124 -6.46 -28.08 11.02
C VAL M 124 -5.68 -29.37 10.87
N GLY M 125 -4.71 -29.58 11.75
CA GLY M 125 -3.99 -30.84 11.83
C GLY M 125 -3.84 -31.29 13.27
N VAL M 126 -4.40 -32.46 13.59
CA VAL M 126 -4.47 -32.95 14.97
C VAL M 126 -4.02 -34.40 14.99
N SER M 127 -3.21 -34.75 15.99
CA SER M 127 -2.80 -36.12 16.26
C SER M 127 -3.44 -36.59 17.56
N LEU M 128 -3.99 -37.80 17.54
CA LEU M 128 -4.66 -38.39 18.69
C LEU M 128 -3.88 -39.61 19.14
N GLN M 129 -3.54 -39.65 20.43
CA GLN M 129 -2.79 -40.75 21.03
C GLN M 129 -3.50 -41.27 22.27
N VAL M 130 -3.47 -42.58 22.46
CA VAL M 130 -3.97 -43.24 23.66
C VAL M 130 -2.79 -43.96 24.31
N LEU M 131 -2.57 -43.69 25.59
CA LEU M 131 -1.42 -44.18 26.33
C LEU M 131 -1.87 -44.99 27.54
N GLU M 132 -1.18 -46.10 27.78
CA GLU M 132 -1.39 -46.84 29.03
C GLU M 132 -0.63 -46.10 30.13
N PRO M 133 -1.30 -45.56 31.16
CA PRO M 133 -0.57 -44.74 32.14
C PRO M 133 0.52 -45.48 32.90
N ALA M 134 0.34 -46.77 33.17
CA ALA M 134 1.32 -47.52 33.94
C ALA M 134 2.66 -47.55 33.22
N SER M 135 2.69 -48.16 32.04
CA SER M 135 3.93 -48.21 31.26
C SER M 135 4.21 -46.89 30.56
N GLY M 136 3.18 -46.11 30.25
CA GLY M 136 3.32 -44.98 29.37
C GLY M 136 3.38 -45.34 27.90
N ARG M 137 3.18 -46.61 27.56
CA ARG M 137 3.27 -47.07 26.19
C ARG M 137 2.13 -46.52 25.35
N VAL M 138 2.42 -46.23 24.09
CA VAL M 138 1.40 -45.77 23.17
C VAL M 138 0.59 -46.96 22.67
N LEU M 139 -0.71 -46.97 22.97
CA LEU M 139 -1.61 -47.99 22.48
C LEU M 139 -2.28 -47.62 21.16
N TRP M 140 -2.35 -46.34 20.84
CA TRP M 140 -3.01 -45.88 19.63
C TRP M 140 -2.38 -44.56 19.23
N SER M 141 -2.31 -44.32 17.92
CA SER M 141 -1.71 -43.09 17.40
C SER M 141 -2.20 -42.89 15.98
N THR M 142 -3.02 -41.86 15.77
CA THR M 142 -3.49 -41.47 14.45
C THR M 142 -3.44 -39.95 14.33
N SER M 143 -3.32 -39.48 13.10
CA SER M 143 -3.30 -38.05 12.81
C SER M 143 -4.17 -37.76 11.60
N GLY M 144 -4.76 -36.58 11.58
CA GLY M 144 -5.64 -36.18 10.51
C GLY M 144 -5.42 -34.72 10.15
N ALA M 145 -5.84 -34.38 8.93
CA ALA M 145 -5.69 -33.03 8.42
C ALA M 145 -6.88 -32.71 7.52
N ARG M 146 -7.15 -31.41 7.38
CA ARG M 146 -8.30 -30.95 6.60
C ARG M 146 -8.09 -29.49 6.27
N ALA M 147 -8.06 -29.14 4.98
CA ALA M 147 -7.90 -27.75 4.58
C ALA M 147 -8.94 -27.25 3.58
N GLY M 148 -9.31 -28.05 2.60
CA GLY M 148 -9.95 -27.50 1.40
C GLY M 148 -11.43 -27.22 1.50
N TRP M 149 -11.87 -26.50 2.53
CA TRP M 149 -13.29 -26.16 2.71
C TRP M 149 -13.37 -24.72 3.22
N SER M 150 -13.51 -23.79 2.28
CA SER M 150 -13.39 -22.37 2.59
C SER M 150 -14.64 -21.79 3.28
N ARG M 151 -15.78 -22.47 3.21
CA ARG M 151 -17.02 -21.93 3.77
C ARG M 151 -17.22 -22.28 5.24
N GLU M 152 -16.38 -23.13 5.82
CA GLU M 152 -16.52 -23.56 7.20
C GLU M 152 -15.53 -22.81 8.08
N SER M 153 -15.74 -22.95 9.39
CA SER M 153 -14.93 -22.26 10.39
C SER M 153 -13.80 -23.17 10.88
N LEU M 154 -12.85 -22.55 11.57
CA LEU M 154 -11.73 -23.31 12.13
C LEU M 154 -12.20 -24.29 13.19
N ALA M 155 -13.10 -23.86 14.07
CA ALA M 155 -13.63 -24.76 15.08
C ALA M 155 -14.39 -25.91 14.44
N GLY M 156 -15.16 -25.63 13.39
CA GLY M 156 -15.87 -26.69 12.69
C GLY M 156 -14.92 -27.70 12.07
N ALA M 157 -13.85 -27.22 11.44
CA ALA M 157 -12.88 -28.12 10.84
C ALA M 157 -12.21 -28.98 11.89
N ALA M 158 -11.83 -28.38 13.02
CA ALA M 158 -11.22 -29.15 14.10
C ALA M 158 -12.19 -30.20 14.63
N GLN M 159 -13.47 -29.85 14.75
CA GLN M 159 -14.46 -30.81 15.21
C GLN M 159 -14.61 -31.97 14.23
N LYS M 160 -14.62 -31.68 12.92
CA LYS M 160 -14.72 -32.75 11.94
C LYS M 160 -13.50 -33.67 12.01
N VAL M 161 -12.30 -33.09 12.10
CA VAL M 161 -11.09 -33.91 12.16
C VAL M 161 -11.09 -34.78 13.41
N LEU M 162 -11.46 -34.19 14.55
CA LEU M 162 -11.48 -34.95 15.79
C LEU M 162 -12.53 -36.04 15.75
N ARG M 163 -13.69 -35.78 15.13
CA ARG M 163 -14.71 -36.81 14.99
C ARG M 163 -14.20 -37.97 14.14
N GLU M 164 -13.53 -37.65 13.03
CA GLU M 164 -13.00 -38.71 12.17
C GLU M 164 -11.95 -39.53 12.90
N LEU M 165 -11.08 -38.88 13.67
CA LEU M 165 -10.07 -39.62 14.42
C LEU M 165 -10.71 -40.49 15.49
N VAL M 166 -11.64 -39.92 16.27
CA VAL M 166 -12.29 -40.70 17.31
C VAL M 166 -13.19 -41.77 16.71
N GLY M 167 -13.85 -41.45 15.60
CA GLY M 167 -14.68 -42.43 14.92
C GLY M 167 -13.91 -43.64 14.42
N ASP M 168 -12.65 -43.44 14.01
CA ASP M 168 -11.80 -44.53 13.57
C ASP M 168 -11.13 -45.26 14.72
N LEU M 169 -11.30 -44.79 15.96
CA LEU M 169 -10.74 -45.47 17.12
C LEU M 169 -11.29 -46.88 17.30
N ARG M 170 -12.46 -47.17 16.75
CA ARG M 170 -13.04 -48.51 16.71
C ARG M 170 -13.08 -49.12 18.11
N LEU M 171 -13.71 -48.38 19.03
CA LEU M 171 -13.84 -48.86 20.40
C LEU M 171 -14.75 -50.07 20.45
N GLU M 172 -14.38 -51.05 21.26
CA GLU M 172 -15.16 -52.27 21.40
C GLU M 172 -15.57 -52.50 22.85
#